data_4L9Z
#
_entry.id   4L9Z
#
_cell.length_a   221.509
_cell.length_b   221.509
_cell.length_c   96.262
_cell.angle_alpha   90.000
_cell.angle_beta   90.000
_cell.angle_gamma   120.000
#
_symmetry.space_group_name_H-M   'P 61'
#
loop_
_entity.id
_entity.type
_entity.pdbx_description
1 polymer 'Malyl-CoA lyase'
2 non-polymer 'COENZYME A'
3 non-polymer 'OXALATE ION'
4 non-polymer 'MAGNESIUM ION'
5 water water
#
_entity_poly.entity_id   1
_entity_poly.type   'polypeptide(L)'
_entity_poly.pdbx_seq_one_letter_code
;MGHHHHHHHHHHSSGHIEGRHMSFRLQPAPPARPNRCQLFGPGSRPALFEKMAASAADVINLDLEDSVAPDDKAQARANI
IEAINGLDWGRKYLSVRINGLDTPFWYRDVVDLLEQAGDRLDQIMIPKVGCAADVYAVDALVTAIERAKGRTKPLSFEVI
IESAAGIAHVEEIAASSPRLQAMSLGAADFAASMGMQTTGIGGTQENYYMLHDGQKHWSDPWHWAQAAIVAACRTHGILP
VDGPFGDFSDDEGFRAQARRSATLGMVGKWAIHPKQVALANEVFTPSETAVTEAREILAAMDAAKARGEGATVYKGRLVD
IASIKQAEVIVRQAEMISA
;
_entity_poly.pdbx_strand_id   A,B,C,D,E,F
#
loop_
_chem_comp.id
_chem_comp.type
_chem_comp.name
_chem_comp.formula
COA non-polymer 'COENZYME A' 'C21 H36 N7 O16 P3 S'
MG non-polymer 'MAGNESIUM ION' 'Mg 2'
OXL non-polymer 'OXALATE ION' 'C2 O4 -2'
#
# COMPACT_ATOMS: atom_id res chain seq x y z
N PHE A 24 3.24 10.38 -19.37
CA PHE A 24 4.43 11.22 -19.47
C PHE A 24 4.07 12.59 -20.01
N ARG A 25 2.93 13.09 -19.55
CA ARG A 25 2.52 14.46 -19.79
C ARG A 25 2.59 15.17 -18.45
N LEU A 26 2.38 16.48 -18.47
CA LEU A 26 2.34 17.25 -17.23
C LEU A 26 1.07 16.96 -16.43
N GLN A 27 0.94 17.63 -15.30
CA GLN A 27 -0.25 17.61 -14.47
C GLN A 27 -1.54 17.55 -15.27
N PRO A 28 -2.52 16.76 -14.81
CA PRO A 28 -3.87 16.82 -15.37
C PRO A 28 -4.41 18.23 -15.18
N ALA A 29 -4.98 18.81 -16.22
CA ALA A 29 -5.57 20.14 -16.11
C ALA A 29 -6.85 20.07 -15.28
N PRO A 30 -6.99 21.02 -14.34
CA PRO A 30 -8.24 21.10 -13.56
C PRO A 30 -9.35 21.67 -14.42
N PRO A 31 -10.61 21.59 -13.96
CA PRO A 31 -11.72 22.23 -14.68
C PRO A 31 -11.43 23.70 -14.94
N ALA A 32 -11.81 24.20 -16.11
CA ALA A 32 -11.48 25.56 -16.51
C ALA A 32 -12.43 26.61 -15.95
N ARG A 33 -13.58 26.17 -15.43
CA ARG A 33 -14.59 27.09 -14.95
C ARG A 33 -14.10 27.96 -13.79
N PRO A 34 -14.62 29.20 -13.70
CA PRO A 34 -14.27 30.09 -12.59
C PRO A 34 -14.73 29.53 -11.25
N ASN A 35 -13.90 29.71 -10.22
CA ASN A 35 -14.25 29.24 -8.88
C ASN A 35 -13.66 30.19 -7.84
N ARG A 36 -13.79 31.49 -8.09
CA ARG A 36 -13.18 32.50 -7.23
C ARG A 36 -13.92 32.61 -5.91
N CYS A 37 -15.23 32.39 -5.94
CA CYS A 37 -16.04 32.51 -4.75
C CYS A 37 -17.21 31.54 -4.78
N GLN A 38 -17.39 30.82 -3.67
CA GLN A 38 -18.56 29.97 -3.50
C GLN A 38 -19.43 30.57 -2.40
N LEU A 39 -20.58 31.12 -2.81
CA LEU A 39 -21.50 31.75 -1.87
C LEU A 39 -22.43 30.74 -1.23
N PHE A 40 -22.38 30.64 0.09
CA PHE A 40 -23.20 29.70 0.84
C PHE A 40 -24.47 30.33 1.40
N GLY A 41 -25.52 29.53 1.45
CA GLY A 41 -26.79 29.96 2.03
C GLY A 41 -27.55 28.76 2.55
N PRO A 42 -28.20 28.91 3.72
CA PRO A 42 -28.95 27.78 4.30
C PRO A 42 -30.20 27.46 3.50
N GLY A 43 -30.45 26.17 3.28
CA GLY A 43 -31.61 25.72 2.53
C GLY A 43 -32.91 26.05 3.25
N SER A 44 -32.82 26.35 4.54
CA SER A 44 -33.98 26.68 5.34
C SER A 44 -34.40 28.14 5.22
N ARG A 45 -33.69 28.91 4.40
CA ARG A 45 -34.08 30.30 4.11
C ARG A 45 -34.26 30.54 2.63
N PRO A 46 -35.32 29.96 2.03
CA PRO A 46 -35.50 30.08 0.57
C PRO A 46 -35.73 31.51 0.09
N ALA A 47 -36.18 32.40 0.98
CA ALA A 47 -36.40 33.79 0.61
C ALA A 47 -35.11 34.48 0.15
N LEU A 48 -33.96 33.95 0.54
CA LEU A 48 -32.68 34.56 0.17
C LEU A 48 -32.07 34.00 -1.11
N PHE A 49 -32.69 32.97 -1.68
CA PHE A 49 -32.14 32.30 -2.86
C PHE A 49 -32.00 33.23 -4.07
N GLU A 50 -33.00 34.08 -4.28
CA GLU A 50 -32.95 35.04 -5.39
C GLU A 50 -31.76 35.99 -5.30
N LYS A 51 -31.46 36.44 -4.08
CA LYS A 51 -30.32 37.34 -3.87
C LYS A 51 -29.01 36.63 -4.18
N MET A 52 -28.94 35.35 -3.84
CA MET A 52 -27.73 34.56 -4.09
C MET A 52 -27.51 34.40 -5.59
N ALA A 53 -28.57 34.09 -6.32
CA ALA A 53 -28.52 33.91 -7.77
C ALA A 53 -28.11 35.21 -8.46
N ALA A 54 -28.41 36.34 -7.84
CA ALA A 54 -28.11 37.65 -8.41
C ALA A 54 -26.75 38.18 -7.98
N SER A 55 -26.05 37.42 -7.14
CA SER A 55 -24.76 37.87 -6.62
C SER A 55 -23.67 37.77 -7.67
N ALA A 56 -22.47 38.19 -7.31
CA ALA A 56 -21.31 38.14 -8.20
C ALA A 56 -20.45 36.90 -7.96
N ALA A 57 -21.03 35.91 -7.27
CA ALA A 57 -20.31 34.68 -6.96
C ALA A 57 -20.31 33.71 -8.13
N ASP A 58 -19.19 33.02 -8.33
CA ASP A 58 -19.06 32.06 -9.42
C ASP A 58 -19.84 30.80 -9.13
N VAL A 59 -19.81 30.36 -7.87
CA VAL A 59 -20.46 29.13 -7.47
C VAL A 59 -21.48 29.38 -6.36
N ILE A 60 -22.64 28.74 -6.46
CA ILE A 60 -23.64 28.82 -5.42
C ILE A 60 -23.74 27.50 -4.66
N ASN A 61 -23.62 27.58 -3.34
CA ASN A 61 -23.79 26.40 -2.49
C ASN A 61 -25.01 26.52 -1.59
N LEU A 62 -26.06 25.79 -1.95
CA LEU A 62 -27.25 25.70 -1.12
C LEU A 62 -27.03 24.62 -0.07
N ASP A 63 -27.15 24.98 1.20
CA ASP A 63 -26.70 24.10 2.27
C ASP A 63 -27.82 23.29 2.92
N LEU A 64 -27.55 22.00 3.10
CA LEU A 64 -28.44 21.12 3.86
C LEU A 64 -27.77 20.70 5.16
N GLU A 65 -26.50 21.05 5.31
CA GLU A 65 -25.71 20.58 6.45
C GLU A 65 -25.61 21.59 7.59
N ASP A 66 -24.39 22.04 7.89
CA ASP A 66 -24.12 22.73 9.16
C ASP A 66 -24.66 24.14 9.35
N SER A 67 -25.44 24.65 8.40
CA SER A 67 -26.12 25.92 8.61
C SER A 67 -27.62 25.68 8.80
N VAL A 68 -28.03 24.42 8.81
CA VAL A 68 -29.42 24.05 8.97
C VAL A 68 -29.64 23.13 10.17
N ALA A 69 -30.50 23.53 11.09
CA ALA A 69 -30.80 22.74 12.27
C ALA A 69 -31.48 21.42 11.88
N PRO A 70 -31.21 20.34 12.63
CA PRO A 70 -31.71 18.98 12.33
C PRO A 70 -33.20 18.91 12.03
N ASP A 71 -34.03 19.57 12.84
CA ASP A 71 -35.48 19.54 12.66
C ASP A 71 -35.92 20.22 11.36
N ASP A 72 -35.04 21.00 10.76
CA ASP A 72 -35.38 21.78 9.57
C ASP A 72 -34.80 21.21 8.28
N LYS A 73 -34.07 20.11 8.37
CA LYS A 73 -33.37 19.56 7.21
C LYS A 73 -34.32 19.02 6.14
N ALA A 74 -35.45 18.45 6.56
CA ALA A 74 -36.44 17.96 5.61
C ALA A 74 -37.04 19.10 4.80
N GLN A 75 -37.38 20.19 5.48
CA GLN A 75 -37.95 21.35 4.80
C GLN A 75 -36.92 22.00 3.88
N ALA A 76 -35.69 22.12 4.38
CA ALA A 76 -34.60 22.69 3.59
C ALA A 76 -34.38 21.87 2.31
N ARG A 77 -34.51 20.56 2.43
CA ARG A 77 -34.38 19.66 1.28
C ARG A 77 -35.46 19.97 0.25
N ALA A 78 -36.70 20.09 0.72
CA ALA A 78 -37.82 20.45 -0.15
C ALA A 78 -37.62 21.81 -0.80
N ASN A 79 -37.17 22.78 0.01
CA ASN A 79 -36.93 24.14 -0.50
C ASN A 79 -35.92 24.15 -1.62
N ILE A 80 -34.82 23.44 -1.42
CA ILE A 80 -33.71 23.43 -2.38
C ILE A 80 -34.11 22.77 -3.71
N ILE A 81 -34.82 21.66 -3.63
CA ILE A 81 -35.33 20.98 -4.81
C ILE A 81 -36.24 21.92 -5.61
N GLU A 82 -37.14 22.62 -4.92
CA GLU A 82 -38.04 23.57 -5.57
C GLU A 82 -37.26 24.70 -6.25
N ALA A 83 -36.19 25.16 -5.59
CA ALA A 83 -35.39 26.26 -6.12
C ALA A 83 -34.57 25.87 -7.34
N ILE A 84 -34.08 24.63 -7.34
CA ILE A 84 -33.36 24.10 -8.50
C ILE A 84 -34.28 24.04 -9.72
N ASN A 85 -35.52 23.67 -9.49
CA ASN A 85 -36.50 23.53 -10.57
C ASN A 85 -37.15 24.85 -10.99
N GLY A 86 -37.19 25.82 -10.08
CA GLY A 86 -38.00 27.01 -10.30
C GLY A 86 -37.30 28.34 -10.51
N LEU A 87 -36.08 28.48 -9.99
CA LEU A 87 -35.40 29.78 -10.06
C LEU A 87 -34.48 29.91 -11.26
N ASP A 88 -34.27 31.15 -11.69
CA ASP A 88 -33.30 31.45 -12.74
C ASP A 88 -31.94 31.60 -12.10
N TRP A 89 -31.07 30.62 -12.33
CA TRP A 89 -29.76 30.60 -11.72
C TRP A 89 -28.68 31.21 -12.61
N GLY A 90 -29.11 31.76 -13.75
CA GLY A 90 -28.20 32.40 -14.67
C GLY A 90 -27.07 31.50 -15.12
N ARG A 91 -25.83 31.98 -14.96
CA ARG A 91 -24.65 31.20 -15.33
C ARG A 91 -23.92 30.65 -14.10
N LYS A 92 -24.56 30.72 -12.94
CA LYS A 92 -23.95 30.21 -11.72
C LYS A 92 -23.70 28.71 -11.81
N TYR A 93 -22.60 28.25 -11.22
CA TYR A 93 -22.41 26.83 -11.04
C TYR A 93 -23.16 26.45 -9.77
N LEU A 94 -24.18 25.62 -9.91
CA LEU A 94 -25.11 25.35 -8.82
C LEU A 94 -24.79 24.07 -8.05
N SER A 95 -24.42 24.25 -6.77
CA SER A 95 -24.04 23.12 -5.93
C SER A 95 -24.89 23.03 -4.66
N VAL A 96 -25.08 21.81 -4.16
CA VAL A 96 -25.78 21.60 -2.90
C VAL A 96 -24.88 20.81 -1.93
N ARG A 97 -24.70 21.34 -0.72
CA ARG A 97 -23.98 20.57 0.30
C ARG A 97 -24.95 19.66 1.03
N ILE A 98 -24.77 18.35 0.85
CA ILE A 98 -25.59 17.37 1.54
C ILE A 98 -25.04 17.15 2.93
N ASN A 99 -25.74 16.34 3.72
CA ASN A 99 -25.26 15.96 5.03
C ASN A 99 -24.20 14.86 4.96
N GLY A 100 -23.45 14.68 6.04
CA GLY A 100 -22.34 13.75 6.05
C GLY A 100 -22.75 12.29 6.10
N LEU A 101 -21.82 11.41 5.75
CA LEU A 101 -22.08 9.98 5.72
C LEU A 101 -22.22 9.37 7.11
N ASP A 102 -21.94 10.15 8.15
CA ASP A 102 -22.12 9.69 9.52
C ASP A 102 -23.48 10.11 10.08
N THR A 103 -24.34 10.61 9.21
CA THR A 103 -25.68 11.05 9.61
C THR A 103 -26.74 10.20 8.92
N PRO A 104 -27.97 10.17 9.48
CA PRO A 104 -29.08 9.47 8.82
C PRO A 104 -29.67 10.27 7.65
N PHE A 105 -29.25 11.52 7.49
CA PHE A 105 -29.85 12.41 6.49
C PHE A 105 -29.29 12.24 5.08
N TRP A 106 -28.03 11.85 4.98
CA TRP A 106 -27.31 11.92 3.71
C TRP A 106 -27.98 11.15 2.57
N TYR A 107 -28.51 9.97 2.85
CA TYR A 107 -29.08 9.15 1.80
C TYR A 107 -30.37 9.76 1.25
N ARG A 108 -31.16 10.38 2.13
CA ARG A 108 -32.40 11.01 1.69
C ARG A 108 -32.10 12.29 0.90
N ASP A 109 -31.05 13.00 1.29
CA ASP A 109 -30.58 14.17 0.54
C ASP A 109 -30.30 13.78 -0.90
N VAL A 110 -29.45 12.77 -1.08
CA VAL A 110 -29.01 12.33 -2.40
C VAL A 110 -30.16 11.77 -3.24
N VAL A 111 -30.95 10.88 -2.65
CA VAL A 111 -32.06 10.26 -3.36
C VAL A 111 -33.08 11.29 -3.83
N ASP A 112 -33.51 12.18 -2.94
CA ASP A 112 -34.48 13.21 -3.30
C ASP A 112 -33.95 14.17 -4.35
N LEU A 113 -32.72 14.63 -4.16
CA LEU A 113 -32.10 15.55 -5.12
C LEU A 113 -32.04 14.95 -6.52
N LEU A 114 -31.60 13.71 -6.61
CA LEU A 114 -31.39 13.08 -7.90
C LEU A 114 -32.69 12.56 -8.52
N GLU A 115 -33.69 12.29 -7.68
CA GLU A 115 -34.98 11.82 -8.19
C GLU A 115 -35.95 12.96 -8.50
N GLN A 116 -35.75 14.12 -7.88
CA GLN A 116 -36.73 15.21 -7.99
C GLN A 116 -36.20 16.50 -8.63
N ALA A 117 -34.92 16.80 -8.44
CA ALA A 117 -34.38 18.05 -9.00
C ALA A 117 -34.17 17.95 -10.50
N GLY A 118 -34.39 19.05 -11.20
CA GLY A 118 -34.18 19.11 -12.63
C GLY A 118 -32.71 19.08 -12.98
N ASP A 119 -32.38 19.26 -14.25
CA ASP A 119 -30.98 19.17 -14.67
C ASP A 119 -30.18 20.45 -14.43
N ARG A 120 -30.79 21.45 -13.80
CA ARG A 120 -30.06 22.69 -13.51
C ARG A 120 -28.98 22.48 -12.45
N LEU A 121 -29.20 21.51 -11.57
CA LEU A 121 -28.21 21.16 -10.55
C LEU A 121 -26.92 20.69 -11.21
N ASP A 122 -25.79 21.25 -10.77
CA ASP A 122 -24.49 20.96 -11.38
C ASP A 122 -23.65 20.01 -10.53
N GLN A 123 -23.78 20.12 -9.22
CA GLN A 123 -22.77 19.57 -8.33
C GLN A 123 -23.32 19.33 -6.92
N ILE A 124 -22.78 18.33 -6.23
CA ILE A 124 -23.04 18.21 -4.80
C ILE A 124 -21.73 18.28 -4.03
N MET A 125 -21.80 18.85 -2.84
CA MET A 125 -20.63 18.96 -1.97
C MET A 125 -20.78 17.96 -0.82
N ILE A 126 -19.75 17.15 -0.62
CA ILE A 126 -19.76 16.17 0.45
C ILE A 126 -18.89 16.66 1.59
N PRO A 127 -19.49 16.82 2.79
CA PRO A 127 -18.78 17.34 3.95
C PRO A 127 -18.07 16.24 4.73
N LYS A 128 -17.12 16.64 5.57
CA LYS A 128 -16.49 15.73 6.54
C LYS A 128 -15.91 14.44 5.94
N VAL A 129 -15.40 14.54 4.73
CA VAL A 129 -14.82 13.39 4.04
C VAL A 129 -13.54 12.91 4.73
N GLY A 130 -13.49 11.63 5.08
CA GLY A 130 -12.36 11.08 5.81
C GLY A 130 -11.50 10.11 5.02
N CYS A 131 -12.00 9.65 3.87
CA CYS A 131 -11.27 8.71 3.04
C CYS A 131 -11.89 8.62 1.65
N ALA A 132 -11.17 8.01 0.72
CA ALA A 132 -11.64 7.86 -0.66
C ALA A 132 -12.97 7.12 -0.73
N ALA A 133 -13.14 6.12 0.14
CA ALA A 133 -14.33 5.27 0.12
C ALA A 133 -15.62 6.07 0.41
N ASP A 134 -15.49 7.15 1.19
CA ASP A 134 -16.62 8.05 1.42
C ASP A 134 -17.14 8.60 0.10
N VAL A 135 -16.22 9.09 -0.73
CA VAL A 135 -16.59 9.68 -2.01
C VAL A 135 -17.14 8.60 -2.93
N TYR A 136 -16.50 7.43 -2.89
CA TYR A 136 -16.92 6.28 -3.68
C TYR A 136 -18.35 5.88 -3.34
N ALA A 137 -18.68 5.92 -2.05
CA ALA A 137 -20.02 5.57 -1.58
C ALA A 137 -21.08 6.46 -2.20
N VAL A 138 -20.83 7.77 -2.20
CA VAL A 138 -21.77 8.73 -2.77
C VAL A 138 -21.84 8.55 -4.28
N ASP A 139 -20.68 8.33 -4.89
CA ASP A 139 -20.60 8.10 -6.33
C ASP A 139 -21.43 6.89 -6.74
N ALA A 140 -21.38 5.83 -5.93
CA ALA A 140 -22.14 4.61 -6.22
C ALA A 140 -23.65 4.87 -6.24
N LEU A 141 -24.12 5.63 -5.27
CA LEU A 141 -25.55 5.94 -5.17
C LEU A 141 -25.97 6.89 -6.27
N VAL A 142 -25.20 7.96 -6.45
CA VAL A 142 -25.52 8.97 -7.45
C VAL A 142 -25.55 8.39 -8.87
N THR A 143 -24.56 7.56 -9.18
CA THR A 143 -24.48 6.94 -10.50
C THR A 143 -25.72 6.08 -10.80
N ALA A 144 -26.15 5.31 -9.81
CA ALA A 144 -27.31 4.44 -9.95
C ALA A 144 -28.59 5.23 -10.21
N ILE A 145 -28.78 6.33 -9.49
CA ILE A 145 -29.99 7.13 -9.65
C ILE A 145 -29.98 7.87 -10.99
N GLU A 146 -28.82 8.39 -11.36
CA GLU A 146 -28.67 9.05 -12.65
C GLU A 146 -29.04 8.11 -13.80
N ARG A 147 -28.63 6.85 -13.68
CA ARG A 147 -28.94 5.84 -14.69
C ARG A 147 -30.41 5.46 -14.65
N ALA A 148 -30.95 5.29 -13.44
CA ALA A 148 -32.34 4.88 -13.28
C ALA A 148 -33.32 5.92 -13.82
N LYS A 149 -33.00 7.19 -13.59
CA LYS A 149 -33.89 8.29 -13.93
C LYS A 149 -33.55 8.93 -15.27
N GLY A 150 -32.49 8.43 -15.91
CA GLY A 150 -32.08 8.94 -17.20
C GLY A 150 -31.67 10.40 -17.16
N ARG A 151 -30.92 10.79 -16.13
CA ARG A 151 -30.47 12.17 -16.00
C ARG A 151 -29.41 12.47 -17.06
N THR A 152 -29.58 13.60 -17.74
CA THR A 152 -28.76 13.93 -18.90
C THR A 152 -27.47 14.66 -18.54
N LYS A 153 -27.45 15.33 -17.39
CA LYS A 153 -26.26 16.05 -16.95
C LYS A 153 -25.68 15.45 -15.67
N PRO A 154 -24.66 14.58 -15.82
CA PRO A 154 -23.99 13.96 -14.67
C PRO A 154 -23.44 15.01 -13.71
N LEU A 155 -23.65 14.80 -12.42
CA LEU A 155 -23.18 15.74 -11.42
C LEU A 155 -21.67 15.66 -11.25
N SER A 156 -21.04 16.79 -11.00
CA SER A 156 -19.68 16.81 -10.50
C SER A 156 -19.73 16.74 -8.98
N PHE A 157 -18.61 16.37 -8.36
CA PHE A 157 -18.52 16.34 -6.91
C PHE A 157 -17.51 17.38 -6.42
N GLU A 158 -17.75 17.92 -5.24
CA GLU A 158 -16.72 18.63 -4.50
C GLU A 158 -16.77 18.13 -3.06
N VAL A 159 -15.64 18.19 -2.36
CA VAL A 159 -15.60 17.69 -0.99
C VAL A 159 -15.00 18.71 -0.04
N ILE A 160 -15.22 18.51 1.25
CA ILE A 160 -14.56 19.31 2.26
C ILE A 160 -13.58 18.47 3.06
N ILE A 161 -12.32 18.90 3.09
CA ILE A 161 -11.36 18.35 4.02
C ILE A 161 -11.46 19.17 5.29
N GLU A 162 -12.01 18.57 6.34
CA GLU A 162 -12.29 19.29 7.57
C GLU A 162 -12.22 18.38 8.79
N SER A 163 -11.30 17.43 8.75
CA SER A 163 -11.06 16.55 9.89
C SER A 163 -9.62 16.05 9.84
N ALA A 164 -9.17 15.51 10.96
CA ALA A 164 -7.83 14.91 11.04
C ALA A 164 -7.69 13.80 10.01
N ALA A 165 -8.71 12.95 9.92
CA ALA A 165 -8.71 11.85 8.97
C ALA A 165 -8.64 12.38 7.54
N GLY A 166 -9.40 13.44 7.28
CA GLY A 166 -9.42 14.05 5.96
C GLY A 166 -8.06 14.53 5.49
N ILE A 167 -7.35 15.26 6.35
CA ILE A 167 -6.05 15.80 5.95
C ILE A 167 -5.00 14.69 5.90
N ALA A 168 -5.16 13.67 6.74
CA ALA A 168 -4.23 12.55 6.76
C ALA A 168 -4.35 11.72 5.49
N HIS A 169 -5.54 11.73 4.90
CA HIS A 169 -5.82 10.93 3.71
C HIS A 169 -6.12 11.82 2.51
N VAL A 170 -5.53 13.01 2.48
CA VAL A 170 -5.93 14.02 1.52
C VAL A 170 -5.66 13.64 0.06
N GLU A 171 -4.55 12.94 -0.21
CA GLU A 171 -4.26 12.59 -1.60
C GLU A 171 -5.17 11.49 -2.13
N GLU A 172 -5.46 10.49 -1.31
CA GLU A 172 -6.35 9.41 -1.75
C GLU A 172 -7.75 9.96 -2.02
N ILE A 173 -8.14 10.97 -1.25
CA ILE A 173 -9.44 11.60 -1.43
C ILE A 173 -9.48 12.38 -2.75
N ALA A 174 -8.39 13.10 -3.03
CA ALA A 174 -8.28 13.87 -4.26
C ALA A 174 -8.40 12.97 -5.50
N ALA A 175 -7.99 11.71 -5.36
CA ALA A 175 -7.99 10.77 -6.49
C ALA A 175 -9.22 9.84 -6.51
N SER A 176 -10.20 10.15 -5.68
CA SER A 176 -11.27 9.21 -5.38
C SER A 176 -12.43 9.10 -6.38
N SER A 177 -12.58 10.09 -7.26
CA SER A 177 -13.68 10.05 -8.23
C SER A 177 -13.44 10.93 -9.45
N PRO A 178 -13.81 10.41 -10.64
CA PRO A 178 -13.74 11.19 -11.89
C PRO A 178 -14.69 12.39 -11.85
N ARG A 179 -15.67 12.34 -10.95
CA ARG A 179 -16.62 13.45 -10.78
C ARG A 179 -16.00 14.60 -10.02
N LEU A 180 -14.95 14.32 -9.24
CA LEU A 180 -14.39 15.30 -8.32
C LEU A 180 -13.77 16.50 -9.05
N GLN A 181 -14.25 17.70 -8.72
CA GLN A 181 -13.76 18.92 -9.36
C GLN A 181 -13.11 19.90 -8.40
N ALA A 182 -13.49 19.83 -7.12
CA ALA A 182 -12.99 20.79 -6.14
C ALA A 182 -12.87 20.20 -4.74
N MET A 183 -11.92 20.72 -3.97
CA MET A 183 -11.73 20.32 -2.58
CA MET A 183 -11.73 20.32 -2.59
C MET A 183 -11.53 21.54 -1.71
N SER A 184 -12.38 21.70 -0.69
CA SER A 184 -12.30 22.83 0.22
C SER A 184 -11.71 22.45 1.57
N LEU A 185 -10.97 23.38 2.17
CA LEU A 185 -10.60 23.27 3.58
C LEU A 185 -11.72 23.86 4.41
N GLY A 186 -12.17 23.13 5.43
CA GLY A 186 -13.19 23.65 6.34
C GLY A 186 -12.59 23.89 7.71
N ALA A 187 -12.13 25.12 7.95
CA ALA A 187 -11.34 25.43 9.13
C ALA A 187 -12.08 25.28 10.46
N ALA A 188 -13.41 25.43 10.43
CA ALA A 188 -14.21 25.30 11.65
C ALA A 188 -14.21 23.85 12.13
N ASP A 189 -14.67 22.94 11.28
CA ASP A 189 -14.66 21.52 11.61
C ASP A 189 -13.25 20.98 11.78
N PHE A 190 -12.31 21.52 11.01
CA PHE A 190 -10.92 21.08 11.09
C PHE A 190 -10.35 21.38 12.47
N ALA A 191 -10.59 22.59 12.97
CA ALA A 191 -10.13 22.99 14.28
C ALA A 191 -10.74 22.11 15.37
N ALA A 192 -12.03 21.81 15.25
CA ALA A 192 -12.72 21.00 16.24
C ALA A 192 -12.19 19.56 16.23
N SER A 193 -12.03 19.01 15.02
CA SER A 193 -11.54 17.64 14.88
C SER A 193 -10.11 17.50 15.39
N MET A 194 -9.28 18.50 15.09
CA MET A 194 -7.88 18.48 15.51
C MET A 194 -7.73 18.77 17.00
N GLY A 195 -8.78 19.31 17.61
CA GLY A 195 -8.73 19.67 19.01
C GLY A 195 -8.02 20.99 19.24
N MET A 196 -8.04 21.83 18.21
CA MET A 196 -7.43 23.16 18.31
C MET A 196 -8.16 24.00 19.35
N GLN A 197 -7.40 24.64 20.23
CA GLN A 197 -8.01 25.49 21.25
C GLN A 197 -8.39 26.85 20.68
N THR A 198 -9.53 26.87 19.97
CA THR A 198 -10.04 28.09 19.37
C THR A 198 -11.52 27.90 19.02
N THR A 199 -12.26 29.00 18.99
CA THR A 199 -13.63 28.97 18.49
C THR A 199 -13.75 29.85 17.26
N GLY A 200 -12.62 30.31 16.75
CA GLY A 200 -12.59 31.11 15.53
C GLY A 200 -12.69 30.23 14.30
N ILE A 201 -13.05 30.83 13.18
CA ILE A 201 -13.12 30.11 11.91
C ILE A 201 -12.09 30.67 10.94
N GLY A 202 -10.95 30.01 10.84
CA GLY A 202 -9.85 30.48 10.02
C GLY A 202 -9.16 31.69 10.62
N GLY A 203 -8.19 32.24 9.90
CA GLY A 203 -7.55 33.49 10.30
C GLY A 203 -6.44 33.35 11.31
N THR A 204 -5.94 34.50 11.78
CA THR A 204 -4.87 34.56 12.77
C THR A 204 -5.31 33.95 14.09
N GLN A 205 -4.42 33.18 14.71
CA GLN A 205 -4.66 32.63 16.04
C GLN A 205 -3.76 33.34 17.04
N GLU A 206 -4.37 33.99 18.03
CA GLU A 206 -3.65 34.80 19.00
C GLU A 206 -2.52 34.05 19.71
N ASN A 207 -2.75 32.79 20.01
CA ASN A 207 -1.76 31.99 20.73
C ASN A 207 -0.79 31.23 19.83
N TYR A 208 -0.79 31.56 18.54
CA TYR A 208 0.18 30.96 17.62
C TYR A 208 1.17 32.00 17.09
N TYR A 209 2.27 32.14 17.79
CA TYR A 209 3.26 33.16 17.48
C TYR A 209 4.64 32.69 17.91
N MET A 210 5.69 33.32 17.39
CA MET A 210 7.05 33.07 17.84
C MET A 210 7.51 34.21 18.73
N LEU A 211 8.10 33.87 19.86
CA LEU A 211 8.69 34.88 20.74
C LEU A 211 10.16 35.04 20.40
N HIS A 212 10.55 36.26 20.05
CA HIS A 212 11.94 36.56 19.78
C HIS A 212 12.34 37.90 20.40
N ASP A 213 13.30 37.85 21.31
CA ASP A 213 13.80 39.04 21.98
C ASP A 213 12.69 39.90 22.56
N GLY A 214 11.73 39.25 23.23
CA GLY A 214 10.65 39.96 23.89
C GLY A 214 9.53 40.41 22.99
N GLN A 215 9.64 40.21 21.68
CA GLN A 215 8.60 40.58 20.76
C GLN A 215 7.92 39.32 20.13
N LYS A 216 6.65 39.46 19.81
CA LYS A 216 5.88 38.36 19.24
C LYS A 216 5.77 38.47 17.73
N HIS A 217 5.89 37.33 17.05
CA HIS A 217 5.76 37.28 15.60
C HIS A 217 4.79 36.16 15.23
N TRP A 218 3.62 36.55 14.72
CA TRP A 218 2.57 35.57 14.44
C TRP A 218 2.87 34.76 13.18
N SER A 219 2.53 33.47 13.24
CA SER A 219 2.83 32.54 12.15
C SER A 219 1.54 31.86 11.69
N ASP A 220 1.61 31.17 10.55
CA ASP A 220 0.43 30.53 9.98
C ASP A 220 0.17 29.15 10.58
N PRO A 221 -0.91 29.01 11.37
CA PRO A 221 -1.24 27.74 12.02
C PRO A 221 -1.96 26.81 11.06
N TRP A 222 -2.22 27.27 9.84
CA TRP A 222 -2.95 26.50 8.85
C TRP A 222 -2.08 26.04 7.69
N HIS A 223 -0.77 26.32 7.76
CA HIS A 223 0.11 26.15 6.59
C HIS A 223 0.06 24.76 5.95
N TRP A 224 0.37 23.73 6.73
CA TRP A 224 0.44 22.38 6.20
C TRP A 224 -0.90 21.93 5.62
N ALA A 225 -1.98 22.18 6.35
CA ALA A 225 -3.32 21.79 5.90
C ALA A 225 -3.62 22.35 4.53
N GLN A 226 -3.39 23.64 4.34
CA GLN A 226 -3.66 24.29 3.07
C GLN A 226 -2.72 23.86 1.94
N ALA A 227 -1.43 23.75 2.24
CA ALA A 227 -0.45 23.35 1.22
C ALA A 227 -0.66 21.90 0.77
N ALA A 228 -0.94 21.02 1.72
CA ALA A 228 -1.17 19.61 1.40
C ALA A 228 -2.41 19.44 0.52
N ILE A 229 -3.45 20.20 0.82
CA ILE A 229 -4.66 20.20 0.00
C ILE A 229 -4.36 20.66 -1.43
N VAL A 230 -3.57 21.73 -1.55
CA VAL A 230 -3.18 22.23 -2.86
C VAL A 230 -2.39 21.17 -3.64
N ALA A 231 -1.42 20.56 -2.97
CA ALA A 231 -0.59 19.53 -3.60
C ALA A 231 -1.41 18.35 -4.06
N ALA A 232 -2.31 17.89 -3.20
CA ALA A 232 -3.18 16.77 -3.53
C ALA A 232 -4.06 17.08 -4.74
N CYS A 233 -4.63 18.29 -4.75
CA CYS A 233 -5.53 18.71 -5.83
C CYS A 233 -4.82 18.85 -7.17
N ARG A 234 -3.66 19.50 -7.17
CA ARG A 234 -2.93 19.76 -8.40
C ARG A 234 -2.38 18.46 -8.99
N THR A 235 -2.04 17.52 -8.11
CA THR A 235 -1.56 16.21 -8.54
C THR A 235 -2.64 15.50 -9.37
N HIS A 236 -3.91 15.69 -8.99
CA HIS A 236 -4.99 14.89 -9.58
C HIS A 236 -6.00 15.69 -10.39
N GLY A 237 -5.65 16.93 -10.74
CA GLY A 237 -6.50 17.74 -11.58
C GLY A 237 -7.76 18.25 -10.89
N ILE A 238 -7.62 18.62 -9.62
CA ILE A 238 -8.73 19.14 -8.82
C ILE A 238 -8.46 20.60 -8.45
N LEU A 239 -9.51 21.39 -8.29
CA LEU A 239 -9.38 22.76 -7.81
C LEU A 239 -9.32 22.81 -6.29
N PRO A 240 -8.24 23.37 -5.73
CA PRO A 240 -8.18 23.56 -4.28
C PRO A 240 -8.82 24.89 -3.91
N VAL A 241 -9.72 24.86 -2.92
CA VAL A 241 -10.49 26.04 -2.54
C VAL A 241 -10.39 26.29 -1.04
N ASP A 242 -10.30 27.55 -0.63
CA ASP A 242 -10.28 27.90 0.78
C ASP A 242 -11.70 28.01 1.30
N GLY A 243 -11.92 27.58 2.54
CA GLY A 243 -13.26 27.56 3.12
C GLY A 243 -13.68 28.86 3.78
N PRO A 244 -14.56 28.76 4.79
CA PRO A 244 -15.13 29.95 5.42
C PRO A 244 -14.15 30.73 6.29
N PHE A 245 -14.32 32.05 6.29
CA PHE A 245 -13.65 32.94 7.23
C PHE A 245 -14.77 33.56 8.05
N GLY A 246 -14.84 33.20 9.33
CA GLY A 246 -15.97 33.52 10.17
C GLY A 246 -16.25 35.00 10.40
N ASP A 247 -15.20 35.77 10.60
CA ASP A 247 -15.34 37.18 10.97
C ASP A 247 -15.68 38.05 9.76
N PHE A 248 -16.95 38.10 9.39
CA PHE A 248 -17.39 38.92 8.26
C PHE A 248 -17.35 40.42 8.56
N SER A 249 -17.01 40.78 9.80
CA SER A 249 -16.85 42.18 10.17
C SER A 249 -15.41 42.65 9.97
N ASP A 250 -14.55 41.74 9.52
CA ASP A 250 -13.12 42.02 9.40
C ASP A 250 -12.63 41.84 7.97
N ASP A 251 -12.78 42.88 7.15
CA ASP A 251 -12.39 42.86 5.76
C ASP A 251 -10.89 42.62 5.57
N GLU A 252 -10.07 43.29 6.35
CA GLU A 252 -8.62 43.15 6.24
C GLU A 252 -8.17 41.75 6.66
N GLY A 253 -8.83 41.21 7.67
CA GLY A 253 -8.57 39.85 8.11
C GLY A 253 -8.89 38.85 7.00
N PHE A 254 -10.00 39.09 6.32
CA PHE A 254 -10.39 38.25 5.20
C PHE A 254 -9.36 38.34 4.09
N ARG A 255 -8.93 39.57 3.79
CA ARG A 255 -7.92 39.79 2.75
C ARG A 255 -6.64 39.01 3.04
N ALA A 256 -6.20 39.05 4.30
CA ALA A 256 -4.99 38.34 4.70
C ALA A 256 -5.15 36.83 4.52
N GLN A 257 -6.30 36.29 4.92
CA GLN A 257 -6.56 34.86 4.79
C GLN A 257 -6.65 34.45 3.32
N ALA A 258 -7.38 35.23 2.54
CA ALA A 258 -7.53 34.96 1.11
C ALA A 258 -6.19 35.08 0.39
N ARG A 259 -5.37 36.05 0.80
CA ARG A 259 -4.06 36.27 0.19
C ARG A 259 -3.11 35.10 0.43
N ARG A 260 -3.11 34.58 1.65
CA ARG A 260 -2.30 33.40 1.97
C ARG A 260 -2.72 32.23 1.10
N SER A 261 -4.04 32.00 1.03
CA SER A 261 -4.59 30.89 0.25
C SER A 261 -4.21 31.01 -1.23
N ALA A 262 -4.40 32.21 -1.78
CA ALA A 262 -4.06 32.47 -3.17
C ALA A 262 -2.57 32.26 -3.43
N THR A 263 -1.75 32.65 -2.47
CA THR A 263 -0.32 32.48 -2.57
C THR A 263 0.05 31.00 -2.60
N LEU A 264 -0.62 30.19 -1.79
CA LEU A 264 -0.32 28.77 -1.69
C LEU A 264 -0.82 27.98 -2.90
N GLY A 265 -1.79 28.52 -3.61
CA GLY A 265 -2.27 27.87 -4.82
C GLY A 265 -3.77 27.63 -4.86
N MET A 266 -4.48 27.96 -3.79
CA MET A 266 -5.93 27.85 -3.79
C MET A 266 -6.54 28.88 -4.73
N VAL A 267 -7.59 28.49 -5.45
CA VAL A 267 -8.10 29.29 -6.56
C VAL A 267 -9.30 30.16 -6.19
N GLY A 268 -9.82 29.98 -4.98
CA GLY A 268 -10.99 30.72 -4.54
C GLY A 268 -11.32 30.52 -3.08
N LYS A 269 -12.41 31.12 -2.63
CA LYS A 269 -12.77 31.07 -1.21
C LYS A 269 -14.29 31.19 -1.02
N TRP A 270 -14.80 30.55 0.04
CA TRP A 270 -16.21 30.65 0.37
C TRP A 270 -16.55 32.07 0.79
N ALA A 271 -17.77 32.49 0.48
CA ALA A 271 -18.36 33.65 1.12
C ALA A 271 -19.51 33.15 1.99
N ILE A 272 -19.47 33.48 3.28
CA ILE A 272 -20.56 33.12 4.18
C ILE A 272 -21.35 34.36 4.57
N HIS A 273 -21.01 35.47 3.93
CA HIS A 273 -21.73 36.72 4.08
C HIS A 273 -21.60 37.48 2.76
N PRO A 274 -22.67 38.16 2.33
CA PRO A 274 -22.69 38.88 1.05
C PRO A 274 -21.48 39.79 0.82
N LYS A 275 -20.96 40.39 1.90
CA LYS A 275 -19.83 41.30 1.78
C LYS A 275 -18.54 40.61 1.35
N GLN A 276 -18.43 39.31 1.61
CA GLN A 276 -17.20 38.58 1.32
C GLN A 276 -17.06 38.22 -0.17
N VAL A 277 -18.15 38.35 -0.93
CA VAL A 277 -18.11 38.02 -2.35
C VAL A 277 -17.16 38.93 -3.13
N ALA A 278 -17.29 40.24 -2.91
CA ALA A 278 -16.42 41.21 -3.57
C ALA A 278 -14.97 41.05 -3.12
N LEU A 279 -14.79 40.71 -1.84
CA LEU A 279 -13.45 40.51 -1.31
C LEU A 279 -12.78 39.30 -1.93
N ALA A 280 -13.54 38.22 -2.09
CA ALA A 280 -13.04 37.00 -2.72
C ALA A 280 -12.67 37.25 -4.18
N ASN A 281 -13.56 37.91 -4.92
CA ASN A 281 -13.30 38.24 -6.31
C ASN A 281 -12.11 39.18 -6.47
N GLU A 282 -11.93 40.07 -5.50
CA GLU A 282 -10.79 41.00 -5.50
C GLU A 282 -9.47 40.25 -5.39
N VAL A 283 -9.35 39.43 -4.35
CA VAL A 283 -8.11 38.71 -4.09
C VAL A 283 -7.81 37.64 -5.14
N PHE A 284 -8.83 36.91 -5.58
CA PHE A 284 -8.61 35.76 -6.46
C PHE A 284 -8.68 36.08 -7.95
N THR A 285 -8.76 37.37 -8.27
CA THR A 285 -8.52 37.85 -9.63
C THR A 285 -7.21 38.62 -9.60
N PRO A 286 -6.19 38.12 -10.33
CA PRO A 286 -4.86 38.74 -10.33
C PRO A 286 -4.93 40.23 -10.66
N SER A 287 -4.19 41.04 -9.90
CA SER A 287 -4.20 42.49 -10.10
C SER A 287 -3.65 42.86 -11.47
N GLU A 288 -3.92 44.09 -11.91
CA GLU A 288 -3.39 44.58 -13.17
C GLU A 288 -1.88 44.51 -13.19
N THR A 289 -1.25 44.91 -12.09
CA THR A 289 0.20 44.92 -11.98
C THR A 289 0.78 43.51 -12.09
N ALA A 290 0.14 42.55 -11.41
CA ALA A 290 0.58 41.16 -11.45
C ALA A 290 0.52 40.59 -12.87
N VAL A 291 -0.56 40.92 -13.58
CA VAL A 291 -0.73 40.47 -14.95
C VAL A 291 0.28 41.15 -15.87
N THR A 292 0.54 42.43 -15.62
CA THR A 292 1.50 43.19 -16.42
C THR A 292 2.92 42.62 -16.30
N GLU A 293 3.34 42.36 -15.06
CA GLU A 293 4.66 41.76 -14.83
C GLU A 293 4.74 40.40 -15.51
N ALA A 294 3.67 39.62 -15.38
CA ALA A 294 3.61 38.28 -15.97
C ALA A 294 3.82 38.33 -17.49
N ARG A 295 3.14 39.26 -18.14
CA ARG A 295 3.26 39.40 -19.59
C ARG A 295 4.64 39.91 -20.00
N GLU A 296 5.23 40.75 -19.15
CA GLU A 296 6.58 41.26 -19.40
C GLU A 296 7.60 40.13 -19.31
N ILE A 297 7.37 39.20 -18.39
CA ILE A 297 8.25 38.05 -18.23
C ILE A 297 8.13 37.13 -19.44
N LEU A 298 6.90 36.95 -19.93
CA LEU A 298 6.67 36.15 -21.12
C LEU A 298 7.36 36.77 -22.34
N ALA A 299 7.26 38.09 -22.45
CA ALA A 299 7.89 38.82 -23.55
C ALA A 299 9.41 38.69 -23.49
N ALA A 300 9.95 38.83 -22.29
CA ALA A 300 11.40 38.73 -22.08
C ALA A 300 11.92 37.35 -22.48
N MET A 301 11.21 36.30 -22.07
CA MET A 301 11.62 34.93 -22.37
C MET A 301 11.51 34.60 -23.85
N ASP A 302 10.50 35.16 -24.52
CA ASP A 302 10.36 35.01 -25.96
C ASP A 302 11.55 35.66 -26.67
N ALA A 303 11.92 36.85 -26.19
CA ALA A 303 13.05 37.57 -26.74
C ALA A 303 14.34 36.77 -26.54
N ALA A 304 14.53 36.25 -25.33
CA ALA A 304 15.71 35.44 -25.02
C ALA A 304 15.77 34.18 -25.87
N LYS A 305 14.60 33.59 -26.14
CA LYS A 305 14.50 32.43 -27.00
C LYS A 305 15.04 32.74 -28.40
N ALA A 306 14.70 33.92 -28.90
CA ALA A 306 15.15 34.36 -30.22
C ALA A 306 16.66 34.61 -30.24
N ARG A 307 17.24 34.90 -29.09
CA ARG A 307 18.67 35.12 -28.98
C ARG A 307 19.42 33.82 -28.71
N GLY A 308 18.69 32.72 -28.64
CA GLY A 308 19.29 31.43 -28.35
C GLY A 308 19.56 31.24 -26.87
N GLU A 309 18.73 31.84 -26.03
CA GLU A 309 18.90 31.78 -24.59
C GLU A 309 17.65 31.24 -23.90
N GLY A 310 17.85 30.41 -22.88
CA GLY A 310 16.74 29.85 -22.12
C GLY A 310 16.60 30.48 -20.76
N ALA A 311 17.52 31.39 -20.45
CA ALA A 311 17.49 32.14 -19.21
C ALA A 311 17.99 33.56 -19.46
N THR A 312 17.39 34.52 -18.76
CA THR A 312 17.84 35.91 -18.87
C THR A 312 17.57 36.67 -17.57
N VAL A 313 17.76 37.97 -17.60
CA VAL A 313 17.57 38.80 -16.41
C VAL A 313 16.35 39.69 -16.54
N TYR A 314 15.50 39.66 -15.51
CA TYR A 314 14.33 40.53 -15.45
C TYR A 314 14.32 41.27 -14.12
N LYS A 315 14.46 42.59 -14.18
CA LYS A 315 14.48 43.43 -12.97
C LYS A 315 15.48 42.95 -11.93
N GLY A 316 16.68 42.58 -12.37
CA GLY A 316 17.74 42.18 -11.47
C GLY A 316 17.60 40.77 -10.89
N ARG A 317 16.71 39.98 -11.47
CA ARG A 317 16.57 38.59 -11.03
C ARG A 317 16.54 37.61 -12.19
N LEU A 318 16.78 36.34 -11.89
CA LEU A 318 16.73 35.29 -12.90
C LEU A 318 15.31 34.98 -13.34
N VAL A 319 15.11 34.88 -14.65
CA VAL A 319 13.92 34.26 -15.19
C VAL A 319 14.34 33.21 -16.22
N ASP A 320 13.64 32.09 -16.26
CA ASP A 320 13.93 31.05 -17.24
C ASP A 320 12.66 30.35 -17.74
N ILE A 321 12.83 29.15 -18.27
CA ILE A 321 11.70 28.42 -18.87
C ILE A 321 10.59 28.16 -17.85
N ALA A 322 10.99 27.91 -16.60
CA ALA A 322 10.03 27.71 -15.52
C ALA A 322 9.19 28.97 -15.26
N SER A 323 9.81 30.13 -15.47
CA SER A 323 9.14 31.41 -15.25
C SER A 323 7.98 31.59 -16.22
N ILE A 324 8.10 30.98 -17.39
CA ILE A 324 7.02 31.01 -18.38
C ILE A 324 5.78 30.34 -17.81
N LYS A 325 5.97 29.19 -17.17
CA LYS A 325 4.87 28.46 -16.55
C LYS A 325 4.27 29.25 -15.39
N GLN A 326 5.12 29.93 -14.63
CA GLN A 326 4.66 30.77 -13.53
C GLN A 326 3.83 31.93 -14.03
N ALA A 327 4.34 32.61 -15.07
CA ALA A 327 3.64 33.73 -15.67
C ALA A 327 2.29 33.27 -16.22
N GLU A 328 2.25 32.05 -16.73
CA GLU A 328 1.02 31.50 -17.29
C GLU A 328 -0.03 31.19 -16.21
N VAL A 329 0.44 30.91 -14.99
CA VAL A 329 -0.48 30.70 -13.87
C VAL A 329 -1.24 32.00 -13.58
N ILE A 330 -0.51 33.10 -13.58
CA ILE A 330 -1.10 34.42 -13.35
C ILE A 330 -2.10 34.77 -14.43
N VAL A 331 -1.67 34.66 -15.69
CA VAL A 331 -2.50 35.03 -16.83
C VAL A 331 -3.76 34.16 -16.96
N ARG A 332 -3.62 32.87 -16.67
CA ARG A 332 -4.74 31.94 -16.75
C ARG A 332 -5.89 32.34 -15.81
N GLN A 333 -5.54 32.70 -14.57
CA GLN A 333 -6.54 33.09 -13.58
C GLN A 333 -7.20 34.43 -13.91
N ALA A 334 -6.47 35.27 -14.62
CA ALA A 334 -6.98 36.59 -14.99
C ALA A 334 -7.88 36.53 -16.23
N GLU A 335 -7.61 35.58 -17.11
CA GLU A 335 -8.31 35.50 -18.39
C GLU A 335 -9.58 34.66 -18.38
N MET A 336 -9.89 34.04 -17.24
CA MET A 336 -11.11 33.24 -17.15
C MET A 336 -12.28 34.07 -16.62
N SER B 23 18.50 -3.54 10.06
CA SER B 23 17.61 -2.70 10.84
C SER B 23 18.06 -2.64 12.30
N PHE B 24 17.30 -1.91 13.11
CA PHE B 24 17.64 -1.66 14.52
C PHE B 24 18.99 -0.97 14.63
N ARG B 25 19.27 -0.13 13.64
CA ARG B 25 20.42 0.77 13.64
C ARG B 25 19.87 2.17 13.43
N LEU B 26 20.74 3.16 13.53
CA LEU B 26 20.28 4.50 13.27
C LEU B 26 20.05 4.70 11.77
N GLN B 27 19.41 5.78 11.39
CA GLN B 27 19.10 6.05 10.00
C GLN B 27 20.36 5.98 9.14
N PRO B 28 20.21 5.57 7.87
CA PRO B 28 21.37 5.45 6.98
C PRO B 28 22.14 6.75 6.87
N ALA B 29 23.46 6.68 6.92
CA ALA B 29 24.28 7.87 6.73
C ALA B 29 24.19 8.31 5.27
N PRO B 30 24.04 9.62 5.05
CA PRO B 30 24.05 10.17 3.69
C PRO B 30 25.48 10.21 3.17
N PRO B 31 25.67 10.49 1.87
CA PRO B 31 27.03 10.65 1.34
C PRO B 31 27.80 11.69 2.14
N ALA B 32 29.08 11.43 2.38
CA ALA B 32 29.87 12.30 3.24
C ALA B 32 30.55 13.43 2.48
N ARG B 33 30.29 13.53 1.17
CA ARG B 33 30.91 14.58 0.36
C ARG B 33 30.28 15.96 0.60
N PRO B 34 31.07 17.03 0.38
CA PRO B 34 30.57 18.40 0.53
C PRO B 34 29.50 18.74 -0.50
N ASN B 35 28.46 19.45 -0.06
CA ASN B 35 27.36 19.83 -0.95
C ASN B 35 26.73 21.16 -0.51
N ARG B 36 27.58 22.12 -0.14
CA ARG B 36 27.15 23.42 0.33
C ARG B 36 26.50 24.25 -0.76
N CYS B 37 27.01 24.08 -1.97
CA CYS B 37 26.57 24.91 -3.07
C CYS B 37 26.70 24.16 -4.38
N GLN B 38 25.64 24.24 -5.17
CA GLN B 38 25.65 23.66 -6.51
C GLN B 38 25.51 24.81 -7.50
N LEU B 39 26.58 25.09 -8.23
CA LEU B 39 26.58 26.17 -9.20
C LEU B 39 26.07 25.70 -10.55
N PHE B 40 25.00 26.34 -11.02
CA PHE B 40 24.39 25.97 -12.29
C PHE B 40 24.86 26.87 -13.43
N GLY B 41 24.91 26.29 -14.63
CA GLY B 41 25.24 27.04 -15.83
C GLY B 41 24.64 26.37 -17.06
N PRO B 42 24.11 27.18 -17.98
CA PRO B 42 23.50 26.65 -19.22
C PRO B 42 24.54 26.00 -20.12
N GLY B 43 24.22 24.84 -20.68
CA GLY B 43 25.14 24.16 -21.58
C GLY B 43 25.38 24.92 -22.86
N SER B 44 24.51 25.89 -23.16
CA SER B 44 24.62 26.69 -24.38
C SER B 44 25.50 27.93 -24.19
N ARG B 45 26.14 28.05 -23.03
CA ARG B 45 27.12 29.12 -22.79
C ARG B 45 28.43 28.52 -22.33
N PRO B 46 29.18 27.89 -23.24
CA PRO B 46 30.42 27.18 -22.85
C PRO B 46 31.49 28.11 -22.30
N ALA B 47 31.37 29.42 -22.53
CA ALA B 47 32.31 30.38 -22.00
C ALA B 47 32.29 30.42 -20.47
N LEU B 48 31.18 29.98 -19.89
CA LEU B 48 31.03 29.98 -18.43
C LEU B 48 31.73 28.81 -17.77
N PHE B 49 32.01 27.77 -18.55
CA PHE B 49 32.48 26.50 -17.99
C PHE B 49 33.75 26.61 -17.15
N GLU B 50 34.75 27.32 -17.67
CA GLU B 50 36.01 27.47 -16.94
C GLU B 50 35.83 28.32 -15.69
N LYS B 51 34.93 29.29 -15.77
CA LYS B 51 34.62 30.15 -14.62
C LYS B 51 33.94 29.32 -13.53
N MET B 52 33.06 28.41 -13.94
CA MET B 52 32.40 27.51 -13.00
C MET B 52 33.41 26.57 -12.35
N ALA B 53 34.32 26.04 -13.17
CA ALA B 53 35.37 25.15 -12.67
C ALA B 53 36.28 25.86 -11.68
N ALA B 54 36.38 27.18 -11.78
CA ALA B 54 37.29 27.95 -10.93
C ALA B 54 36.62 28.46 -9.66
N SER B 55 35.31 28.31 -9.57
CA SER B 55 34.53 28.83 -8.44
C SER B 55 34.79 28.06 -7.15
N ALA B 56 34.16 28.50 -6.07
CA ALA B 56 34.30 27.85 -4.77
C ALA B 56 33.11 26.92 -4.49
N ALA B 57 32.39 26.56 -5.55
CA ALA B 57 31.23 25.68 -5.42
C ALA B 57 31.65 24.21 -5.26
N ASP B 58 30.98 23.50 -4.36
CA ASP B 58 31.26 22.09 -4.13
C ASP B 58 30.82 21.22 -5.29
N VAL B 59 29.67 21.57 -5.86
CA VAL B 59 29.06 20.78 -6.93
C VAL B 59 28.83 21.66 -8.14
N ILE B 60 29.08 21.10 -9.32
CA ILE B 60 28.82 21.81 -10.57
C ILE B 60 27.65 21.13 -11.29
N ASN B 61 26.69 21.94 -11.72
CA ASN B 61 25.57 21.43 -12.52
C ASN B 61 25.53 22.08 -13.90
N LEU B 62 25.99 21.36 -14.90
CA LEU B 62 25.87 21.80 -16.28
C LEU B 62 24.45 21.50 -16.75
N ASP B 63 23.76 22.51 -17.25
CA ASP B 63 22.33 22.39 -17.50
C ASP B 63 21.94 22.13 -18.96
N LEU B 64 21.07 21.16 -19.15
CA LEU B 64 20.50 20.87 -20.46
C LEU B 64 19.02 21.25 -20.47
N GLU B 65 18.47 21.49 -19.28
CA GLU B 65 17.03 21.70 -19.15
C GLU B 65 16.62 23.18 -19.24
N ASP B 66 16.04 23.70 -18.16
CA ASP B 66 15.28 24.95 -18.22
C ASP B 66 16.07 26.26 -18.37
N SER B 67 17.39 26.18 -18.50
CA SER B 67 18.16 27.38 -18.83
C SER B 67 18.55 27.36 -20.31
N VAL B 68 18.15 26.30 -21.00
CA VAL B 68 18.50 26.11 -22.41
C VAL B 68 17.26 26.05 -23.29
N ALA B 69 17.17 26.97 -24.23
CA ALA B 69 16.08 27.00 -25.19
C ALA B 69 16.06 25.70 -26.00
N PRO B 70 14.86 25.24 -26.40
CA PRO B 70 14.68 23.97 -27.10
C PRO B 70 15.60 23.80 -28.32
N ASP B 71 15.69 24.82 -29.17
CA ASP B 71 16.50 24.75 -30.38
C ASP B 71 18.01 24.67 -30.09
N ASP B 72 18.39 24.94 -28.85
CA ASP B 72 19.79 24.96 -28.47
C ASP B 72 20.19 23.75 -27.63
N LYS B 73 19.25 22.83 -27.43
CA LYS B 73 19.50 21.70 -26.56
C LYS B 73 20.51 20.69 -27.13
N ALA B 74 20.49 20.50 -28.45
CA ALA B 74 21.44 19.60 -29.08
C ALA B 74 22.87 20.13 -28.97
N GLN B 75 23.05 21.42 -29.27
CA GLN B 75 24.36 22.05 -29.17
C GLN B 75 24.85 22.04 -27.72
N ALA B 76 23.94 22.28 -26.79
CA ALA B 76 24.29 22.28 -25.37
C ALA B 76 24.79 20.91 -24.94
N ARG B 77 24.15 19.87 -25.45
CA ARG B 77 24.55 18.50 -25.17
C ARG B 77 25.97 18.23 -25.68
N ALA B 78 26.26 18.71 -26.88
CA ALA B 78 27.59 18.56 -27.46
C ALA B 78 28.63 19.35 -26.66
N ASN B 79 28.31 20.59 -26.31
CA ASN B 79 29.18 21.43 -25.49
C ASN B 79 29.56 20.76 -24.19
N ILE B 80 28.54 20.24 -23.50
CA ILE B 80 28.73 19.66 -22.18
C ILE B 80 29.61 18.41 -22.20
N ILE B 81 29.36 17.51 -23.16
CA ILE B 81 30.17 16.32 -23.31
C ILE B 81 31.65 16.67 -23.54
N GLU B 82 31.88 17.64 -24.41
CA GLU B 82 33.25 18.09 -24.69
C GLU B 82 33.92 18.66 -23.44
N ALA B 83 33.14 19.39 -22.65
CA ALA B 83 33.67 20.01 -21.44
C ALA B 83 33.95 18.99 -20.34
N ILE B 84 33.11 17.96 -20.26
CA ILE B 84 33.33 16.87 -19.31
C ILE B 84 34.64 16.19 -19.62
N ASN B 85 34.91 15.98 -20.91
CA ASN B 85 36.12 15.28 -21.35
C ASN B 85 37.35 16.18 -21.41
N GLY B 86 37.15 17.48 -21.54
CA GLY B 86 38.24 18.39 -21.87
C GLY B 86 38.76 19.32 -20.78
N LEU B 87 37.90 19.70 -19.84
CA LEU B 87 38.28 20.70 -18.84
C LEU B 87 38.78 20.12 -17.53
N ASP B 88 39.61 20.90 -16.84
CA ASP B 88 40.06 20.55 -15.50
C ASP B 88 38.97 20.94 -14.52
N TRP B 89 38.33 19.95 -13.91
CA TRP B 89 37.23 20.21 -12.99
C TRP B 89 37.66 20.13 -11.53
N GLY B 90 38.96 20.00 -11.31
CA GLY B 90 39.50 19.95 -9.96
C GLY B 90 38.93 18.80 -9.16
N ARG B 91 38.49 19.09 -7.94
CA ARG B 91 37.90 18.08 -7.08
C ARG B 91 36.39 18.29 -6.95
N LYS B 92 35.82 19.05 -7.87
CA LYS B 92 34.39 19.35 -7.82
C LYS B 92 33.56 18.15 -8.23
N TYR B 93 32.39 17.98 -7.60
CA TYR B 93 31.47 16.93 -7.98
C TYR B 93 30.71 17.40 -9.22
N LEU B 94 30.92 16.69 -10.33
CA LEU B 94 30.42 17.15 -11.62
C LEU B 94 29.09 16.51 -11.99
N SER B 95 28.06 17.34 -12.17
CA SER B 95 26.73 16.84 -12.47
C SER B 95 26.13 17.51 -13.70
N VAL B 96 25.21 16.81 -14.36
CA VAL B 96 24.50 17.36 -15.50
C VAL B 96 22.99 17.21 -15.29
N ARG B 97 22.26 18.32 -15.35
CA ARG B 97 20.81 18.25 -15.30
C ARG B 97 20.26 17.94 -16.69
N ILE B 98 19.68 16.76 -16.84
CA ILE B 98 19.10 16.35 -18.11
C ILE B 98 17.68 16.90 -18.22
N ASN B 99 17.08 16.75 -19.39
CA ASN B 99 15.70 17.13 -19.58
C ASN B 99 14.74 16.13 -18.93
N GLY B 100 13.50 16.54 -18.71
CA GLY B 100 12.52 15.73 -18.03
C GLY B 100 11.95 14.59 -18.85
N LEU B 101 11.36 13.62 -18.16
CA LEU B 101 10.82 12.43 -18.81
C LEU B 101 9.54 12.70 -19.61
N ASP B 102 9.04 13.94 -19.52
CA ASP B 102 7.86 14.33 -20.30
C ASP B 102 8.29 15.08 -21.57
N THR B 103 9.54 14.91 -21.94
CA THR B 103 10.10 15.59 -23.11
C THR B 103 10.72 14.57 -24.06
N PRO B 104 10.88 14.94 -25.34
CA PRO B 104 11.58 14.05 -26.27
C PRO B 104 13.09 14.09 -26.09
N PHE B 105 13.61 15.03 -25.30
CA PHE B 105 15.04 15.22 -25.19
C PHE B 105 15.75 14.26 -24.23
N TRP B 106 15.05 13.81 -23.19
CA TRP B 106 15.71 13.14 -22.06
C TRP B 106 16.52 11.90 -22.45
N TYR B 107 15.98 11.08 -23.35
CA TYR B 107 16.64 9.83 -23.69
C TYR B 107 17.95 10.07 -24.45
N ARG B 108 17.94 11.09 -25.30
CA ARG B 108 19.13 11.43 -26.08
C ARG B 108 20.17 12.08 -25.17
N ASP B 109 19.71 12.83 -24.17
CA ASP B 109 20.60 13.36 -23.14
C ASP B 109 21.35 12.21 -22.48
N VAL B 110 20.62 11.21 -22.02
CA VAL B 110 21.21 10.10 -21.28
C VAL B 110 22.08 9.19 -22.15
N VAL B 111 21.61 8.87 -23.35
CA VAL B 111 22.38 8.00 -24.24
C VAL B 111 23.72 8.63 -24.63
N ASP B 112 23.70 9.88 -25.08
CA ASP B 112 24.91 10.56 -25.49
C ASP B 112 25.90 10.74 -24.34
N LEU B 113 25.40 11.17 -23.20
CA LEU B 113 26.24 11.34 -22.01
C LEU B 113 26.93 10.04 -21.65
N LEU B 114 26.16 8.97 -21.51
CA LEU B 114 26.72 7.70 -21.06
C LEU B 114 27.56 7.01 -22.14
N GLU B 115 27.31 7.34 -23.40
CA GLU B 115 28.09 6.75 -24.49
C GLU B 115 29.35 7.56 -24.86
N GLN B 116 29.31 8.87 -24.60
CA GLN B 116 30.40 9.74 -25.07
C GLN B 116 31.20 10.42 -23.96
N ALA B 117 30.60 10.62 -22.79
CA ALA B 117 31.33 11.28 -21.71
C ALA B 117 32.31 10.33 -21.03
N GLY B 118 33.47 10.85 -20.68
CA GLY B 118 34.46 10.08 -19.96
C GLY B 118 34.06 9.86 -18.52
N ASP B 119 34.98 9.39 -17.70
CA ASP B 119 34.65 9.06 -16.31
C ASP B 119 34.68 10.25 -15.36
N ARG B 120 34.94 11.45 -15.87
CA ARG B 120 34.97 12.63 -15.02
C ARG B 120 33.57 13.00 -14.54
N LEU B 121 32.56 12.59 -15.32
CA LEU B 121 31.17 12.80 -14.94
C LEU B 121 30.85 11.98 -13.69
N ASP B 122 30.25 12.63 -12.70
CA ASP B 122 29.95 11.97 -11.42
C ASP B 122 28.47 11.64 -11.27
N GLN B 123 27.61 12.45 -11.88
CA GLN B 123 26.20 12.44 -11.50
C GLN B 123 25.31 13.08 -12.54
N ILE B 124 24.05 12.65 -12.60
CA ILE B 124 23.04 13.37 -13.37
C ILE B 124 21.88 13.81 -12.49
N MET B 125 21.28 14.94 -12.84
CA MET B 125 20.14 15.47 -12.10
C MET B 125 18.86 15.29 -12.93
N ILE B 126 17.90 14.58 -12.36
CA ILE B 126 16.62 14.38 -13.00
C ILE B 126 15.59 15.40 -12.51
N PRO B 127 15.06 16.22 -13.42
CA PRO B 127 14.11 17.26 -13.03
C PRO B 127 12.68 16.74 -13.03
N LYS B 128 11.79 17.49 -12.39
CA LYS B 128 10.34 17.27 -12.46
C LYS B 128 9.91 15.84 -12.11
N VAL B 129 10.62 15.23 -11.17
CA VAL B 129 10.33 13.86 -10.75
C VAL B 129 9.01 13.80 -9.98
N GLY B 130 8.09 12.95 -10.42
CA GLY B 130 6.76 12.88 -9.84
C GLY B 130 6.48 11.61 -9.06
N CYS B 131 7.31 10.58 -9.26
CA CYS B 131 7.15 9.31 -8.56
C CYS B 131 8.45 8.53 -8.61
N ALA B 132 8.52 7.47 -7.80
CA ALA B 132 9.69 6.61 -7.76
C ALA B 132 10.01 5.99 -9.13
N ALA B 133 8.96 5.68 -9.88
CA ALA B 133 9.12 5.00 -11.17
C ALA B 133 9.87 5.87 -12.18
N ASP B 134 9.77 7.19 -12.03
CA ASP B 134 10.53 8.11 -12.88
C ASP B 134 12.03 7.86 -12.72
N VAL B 135 12.47 7.77 -11.47
CA VAL B 135 13.88 7.54 -11.18
C VAL B 135 14.29 6.14 -11.64
N TYR B 136 13.42 5.17 -11.42
CA TYR B 136 13.66 3.78 -11.83
C TYR B 136 13.87 3.72 -13.34
N ALA B 137 13.09 4.49 -14.08
CA ALA B 137 13.18 4.54 -15.53
C ALA B 137 14.55 5.03 -16.00
N VAL B 138 15.04 6.10 -15.39
CA VAL B 138 16.36 6.62 -15.72
C VAL B 138 17.43 5.62 -15.28
N ASP B 139 17.22 5.00 -14.12
CA ASP B 139 18.15 4.02 -13.59
C ASP B 139 18.31 2.84 -14.55
N ALA B 140 17.19 2.36 -15.08
CA ALA B 140 17.19 1.23 -16.02
C ALA B 140 18.03 1.53 -17.26
N LEU B 141 17.85 2.73 -17.81
CA LEU B 141 18.57 3.14 -19.00
C LEU B 141 20.07 3.33 -18.71
N VAL B 142 20.37 4.09 -17.66
CA VAL B 142 21.75 4.36 -17.28
C VAL B 142 22.53 3.08 -16.99
N THR B 143 21.89 2.17 -16.26
CA THR B 143 22.52 0.90 -15.88
C THR B 143 22.90 0.07 -17.11
N ALA B 144 22.00 0.02 -18.09
CA ALA B 144 22.26 -0.74 -19.30
C ALA B 144 23.45 -0.20 -20.09
N ILE B 145 23.51 1.12 -20.24
CA ILE B 145 24.58 1.74 -21.02
C ILE B 145 25.93 1.62 -20.30
N GLU B 146 25.92 1.76 -18.97
CA GLU B 146 27.13 1.58 -18.18
C GLU B 146 27.69 0.18 -18.37
N ARG B 147 26.80 -0.81 -18.41
CA ARG B 147 27.20 -2.19 -18.61
C ARG B 147 27.68 -2.44 -20.04
N ALA B 148 26.97 -1.88 -21.01
CA ALA B 148 27.34 -2.03 -22.41
C ALA B 148 28.66 -1.35 -22.73
N LYS B 149 28.95 -0.24 -22.04
CA LYS B 149 30.16 0.53 -22.30
C LYS B 149 31.30 0.19 -21.35
N GLY B 150 31.00 -0.60 -20.33
CA GLY B 150 31.98 -0.94 -19.31
C GLY B 150 32.49 0.29 -18.59
N ARG B 151 31.58 1.18 -18.24
CA ARG B 151 31.94 2.38 -17.50
C ARG B 151 32.39 2.01 -16.09
N THR B 152 33.54 2.53 -15.68
CA THR B 152 34.15 2.14 -14.41
C THR B 152 33.60 2.88 -13.20
N LYS B 153 33.13 4.11 -13.40
CA LYS B 153 32.55 4.89 -12.31
C LYS B 153 31.05 5.06 -12.50
N PRO B 154 30.24 4.24 -11.79
CA PRO B 154 28.78 4.36 -11.84
C PRO B 154 28.33 5.74 -11.40
N LEU B 155 27.40 6.33 -12.15
CA LEU B 155 26.89 7.66 -11.81
C LEU B 155 26.01 7.59 -10.58
N SER B 156 26.04 8.65 -9.78
CA SER B 156 25.04 8.84 -8.75
C SER B 156 23.89 9.63 -9.36
N PHE B 157 22.75 9.65 -8.68
CA PHE B 157 21.61 10.44 -9.14
C PHE B 157 21.29 11.52 -8.14
N GLU B 158 20.76 12.64 -8.63
CA GLU B 158 20.06 13.59 -7.78
C GLU B 158 18.76 13.95 -8.49
N VAL B 159 17.74 14.33 -7.73
CA VAL B 159 16.46 14.68 -8.34
C VAL B 159 15.98 16.03 -7.85
N ILE B 160 15.00 16.59 -8.56
CA ILE B 160 14.36 17.80 -8.11
C ILE B 160 12.90 17.53 -7.79
N ILE B 161 12.50 17.88 -6.57
CA ILE B 161 11.09 17.90 -6.21
C ILE B 161 10.57 19.28 -6.55
N GLU B 162 9.77 19.38 -7.60
CA GLU B 162 9.32 20.66 -8.10
C GLU B 162 7.94 20.58 -8.74
N SER B 163 7.09 19.73 -8.17
CA SER B 163 5.72 19.58 -8.63
C SER B 163 4.85 19.09 -7.49
N ALA B 164 3.53 19.26 -7.64
CA ALA B 164 2.58 18.76 -6.66
C ALA B 164 2.76 17.26 -6.45
N ALA B 165 2.88 16.53 -7.56
CA ALA B 165 3.10 15.09 -7.51
C ALA B 165 4.40 14.77 -6.78
N GLY B 166 5.43 15.57 -7.05
CA GLY B 166 6.73 15.37 -6.44
C GLY B 166 6.68 15.40 -4.92
N ILE B 167 6.07 16.44 -4.37
CA ILE B 167 6.01 16.58 -2.93
C ILE B 167 5.04 15.58 -2.31
N ALA B 168 3.98 15.26 -3.04
CA ALA B 168 3.00 14.28 -2.57
C ALA B 168 3.63 12.89 -2.45
N HIS B 169 4.62 12.62 -3.30
CA HIS B 169 5.23 11.31 -3.36
C HIS B 169 6.69 11.37 -2.93
N VAL B 170 7.02 12.34 -2.09
CA VAL B 170 8.40 12.65 -1.76
C VAL B 170 9.18 11.49 -1.11
N GLU B 171 8.54 10.71 -0.24
CA GLU B 171 9.27 9.62 0.40
C GLU B 171 9.59 8.46 -0.54
N GLU B 172 8.62 8.07 -1.37
CA GLU B 172 8.86 6.99 -2.32
C GLU B 172 9.96 7.38 -3.30
N ILE B 173 10.03 8.67 -3.65
CA ILE B 173 11.09 9.17 -4.52
C ILE B 173 12.44 9.09 -3.83
N ALA B 174 12.47 9.44 -2.54
CA ALA B 174 13.69 9.38 -1.75
C ALA B 174 14.23 7.94 -1.63
N ALA B 175 13.34 6.96 -1.74
CA ALA B 175 13.72 5.56 -1.60
C ALA B 175 13.88 4.87 -2.95
N SER B 176 13.87 5.64 -4.03
CA SER B 176 13.68 5.09 -5.37
C SER B 176 14.91 4.47 -6.04
N SER B 177 16.11 4.75 -5.53
CA SER B 177 17.32 4.21 -6.17
C SER B 177 18.55 4.24 -5.28
N PRO B 178 19.34 3.16 -5.31
CA PRO B 178 20.64 3.12 -4.61
C PRO B 178 21.60 4.20 -5.12
N ARG B 179 21.37 4.68 -6.34
CA ARG B 179 22.21 5.74 -6.91
C ARG B 179 21.89 7.11 -6.30
N LEU B 180 20.70 7.25 -5.75
CA LEU B 180 20.22 8.57 -5.31
C LEU B 180 21.04 9.11 -4.15
N GLN B 181 21.62 10.29 -4.35
CA GLN B 181 22.46 10.92 -3.34
C GLN B 181 21.88 12.23 -2.81
N ALA B 182 21.08 12.91 -3.63
CA ALA B 182 20.56 14.22 -3.23
C ALA B 182 19.20 14.53 -3.83
N MET B 183 18.44 15.38 -3.14
CA MET B 183 17.13 15.81 -3.61
CA MET B 183 17.14 15.82 -3.61
C MET B 183 17.00 17.32 -3.38
N SER B 184 16.71 18.07 -4.45
CA SER B 184 16.56 19.51 -4.34
C SER B 184 15.10 19.93 -4.44
N LEU B 185 14.74 21.00 -3.74
CA LEU B 185 13.46 21.66 -3.95
C LEU B 185 13.62 22.67 -5.08
N GLY B 186 12.74 22.60 -6.07
CA GLY B 186 12.74 23.57 -7.16
C GLY B 186 11.56 24.52 -7.05
N ALA B 187 11.76 25.64 -6.36
CA ALA B 187 10.67 26.55 -6.02
C ALA B 187 9.94 27.15 -7.23
N ALA B 188 10.67 27.35 -8.34
CA ALA B 188 10.07 27.97 -9.52
C ALA B 188 9.01 27.06 -10.13
N ASP B 189 9.41 25.84 -10.49
CA ASP B 189 8.47 24.86 -11.03
C ASP B 189 7.45 24.42 -9.99
N PHE B 190 7.85 24.37 -8.72
CA PHE B 190 6.92 24.01 -7.66
C PHE B 190 5.78 25.02 -7.58
N ALA B 191 6.14 26.31 -7.61
CA ALA B 191 5.13 27.37 -7.59
C ALA B 191 4.18 27.28 -8.78
N ALA B 192 4.74 27.05 -9.97
CA ALA B 192 3.93 26.94 -11.16
C ALA B 192 3.01 25.72 -11.09
N SER B 193 3.57 24.60 -10.65
CA SER B 193 2.81 23.35 -10.52
C SER B 193 1.69 23.47 -9.52
N MET B 194 1.98 24.09 -8.37
CA MET B 194 1.01 24.23 -7.30
C MET B 194 -0.03 25.31 -7.59
N GLY B 195 0.23 26.12 -8.60
CA GLY B 195 -0.68 27.20 -8.95
C GLY B 195 -0.50 28.42 -8.06
N MET B 196 0.68 28.52 -7.43
CA MET B 196 0.98 29.64 -6.55
C MET B 196 0.97 30.96 -7.31
N GLN B 197 0.24 31.95 -6.79
CA GLN B 197 0.17 33.24 -7.45
C GLN B 197 1.43 34.05 -7.18
N THR B 198 2.47 33.74 -7.95
CA THR B 198 3.74 34.45 -7.86
C THR B 198 4.61 34.15 -9.08
N THR B 199 5.49 35.10 -9.41
CA THR B 199 6.44 34.89 -10.51
C THR B 199 7.85 34.91 -9.96
N GLY B 200 7.97 34.99 -8.63
CA GLY B 200 9.26 34.97 -7.98
C GLY B 200 9.80 33.56 -7.83
N ILE B 201 11.08 33.45 -7.49
CA ILE B 201 11.71 32.14 -7.31
C ILE B 201 12.23 31.99 -5.88
N GLY B 202 11.44 31.34 -5.05
CA GLY B 202 11.78 31.16 -3.65
C GLY B 202 11.61 32.46 -2.86
N GLY B 203 11.93 32.42 -1.58
CA GLY B 203 11.95 33.63 -0.76
C GLY B 203 10.61 34.08 -0.24
N THR B 204 10.63 35.23 0.44
CA THR B 204 9.44 35.83 1.02
C THR B 204 8.37 36.10 -0.03
N GLN B 205 7.12 35.83 0.33
CA GLN B 205 6.00 36.17 -0.55
C GLN B 205 5.19 37.29 0.09
N GLU B 206 5.07 38.41 -0.63
CA GLU B 206 4.42 39.62 -0.12
C GLU B 206 3.02 39.35 0.42
N ASN B 207 2.27 38.47 -0.24
CA ASN B 207 0.90 38.18 0.14
C ASN B 207 0.74 37.01 1.11
N TYR B 208 1.84 36.55 1.69
CA TYR B 208 1.78 35.48 2.68
C TYR B 208 2.20 35.98 4.06
N TYR B 209 1.23 36.49 4.81
CA TYR B 209 1.49 37.12 6.09
C TYR B 209 0.29 36.90 7.01
N MET B 210 0.53 37.06 8.31
CA MET B 210 -0.54 37.05 9.29
C MET B 210 -0.86 38.49 9.69
N LEU B 211 -2.14 38.83 9.70
CA LEU B 211 -2.56 40.14 10.18
C LEU B 211 -2.89 40.04 11.67
N HIS B 212 -2.25 40.88 12.47
CA HIS B 212 -2.54 40.93 13.90
C HIS B 212 -2.57 42.37 14.40
N ASP B 213 -3.74 42.82 14.83
CA ASP B 213 -3.92 44.17 15.36
C ASP B 213 -3.36 45.23 14.43
N GLY B 214 -3.73 45.16 13.15
CA GLY B 214 -3.31 46.14 12.17
C GLY B 214 -1.90 45.96 11.65
N GLN B 215 -1.14 45.05 12.22
CA GLN B 215 0.23 44.77 11.84
C GLN B 215 0.39 43.43 11.04
N LYS B 216 1.26 43.47 10.05
CA LYS B 216 1.51 42.27 9.24
C LYS B 216 2.74 41.51 9.70
N HIS B 217 2.63 40.19 9.72
CA HIS B 217 3.74 39.33 10.12
C HIS B 217 3.93 38.24 9.09
N TRP B 218 5.01 38.35 8.32
CA TRP B 218 5.25 37.43 7.22
C TRP B 218 5.68 36.04 7.71
N SER B 219 5.14 35.01 7.06
CA SER B 219 5.38 33.63 7.45
C SER B 219 5.99 32.86 6.28
N ASP B 220 6.39 31.61 6.54
CA ASP B 220 7.07 30.80 5.52
C ASP B 220 6.09 30.00 4.67
N PRO B 221 5.94 30.40 3.40
CA PRO B 221 5.02 29.70 2.50
C PRO B 221 5.62 28.40 1.94
N TRP B 222 6.87 28.11 2.31
CA TRP B 222 7.55 26.93 1.81
C TRP B 222 7.81 25.88 2.89
N HIS B 223 7.27 26.11 4.09
CA HIS B 223 7.65 25.30 5.26
C HIS B 223 7.49 23.79 5.09
N TRP B 224 6.27 23.35 4.77
CA TRP B 224 6.00 21.91 4.66
C TRP B 224 6.84 21.25 3.57
N ALA B 225 6.85 21.86 2.38
CA ALA B 225 7.62 21.32 1.25
C ALA B 225 9.07 21.06 1.63
N GLN B 226 9.69 22.04 2.29
CA GLN B 226 11.10 21.90 2.66
C GLN B 226 11.31 20.87 3.77
N ALA B 227 10.47 20.93 4.81
CA ALA B 227 10.58 20.01 5.93
C ALA B 227 10.30 18.56 5.49
N ALA B 228 9.33 18.39 4.60
CA ALA B 228 8.98 17.05 4.12
C ALA B 228 10.11 16.45 3.27
N ILE B 229 10.74 17.30 2.47
CA ILE B 229 11.91 16.86 1.69
C ILE B 229 13.04 16.41 2.62
N VAL B 230 13.31 17.20 3.65
CA VAL B 230 14.34 16.86 4.62
C VAL B 230 14.05 15.53 5.31
N ALA B 231 12.80 15.36 5.75
CA ALA B 231 12.39 14.13 6.43
C ALA B 231 12.55 12.89 5.55
N ALA B 232 12.11 13.00 4.29
CA ALA B 232 12.21 11.88 3.35
C ALA B 232 13.68 11.53 3.09
N CYS B 233 14.52 12.55 2.92
CA CYS B 233 15.94 12.36 2.66
C CYS B 233 16.69 11.72 3.81
N ARG B 234 16.47 12.24 5.02
CA ARG B 234 17.15 11.73 6.21
C ARG B 234 16.70 10.31 6.53
N THR B 235 15.45 10.00 6.21
CA THR B 235 14.93 8.64 6.41
C THR B 235 15.70 7.63 5.56
N HIS B 236 16.04 8.03 4.33
CA HIS B 236 16.61 7.09 3.37
C HIS B 236 18.06 7.36 2.98
N GLY B 237 18.75 8.19 3.76
CA GLY B 237 20.17 8.43 3.56
C GLY B 237 20.50 9.29 2.35
N ILE B 238 19.65 10.28 2.10
CA ILE B 238 19.80 11.18 0.96
C ILE B 238 20.13 12.58 1.48
N LEU B 239 20.87 13.37 0.70
CA LEU B 239 21.13 14.76 1.06
C LEU B 239 20.00 15.69 0.60
N PRO B 240 19.34 16.36 1.56
CA PRO B 240 18.33 17.34 1.17
C PRO B 240 18.98 18.69 0.84
N VAL B 241 18.61 19.27 -0.30
CA VAL B 241 19.23 20.51 -0.78
C VAL B 241 18.18 21.55 -1.17
N ASP B 242 18.45 22.82 -0.85
CA ASP B 242 17.57 23.90 -1.27
C ASP B 242 17.92 24.32 -2.70
N GLY B 243 16.91 24.74 -3.46
CA GLY B 243 17.12 25.05 -4.87
C GLY B 243 17.41 26.51 -5.14
N PRO B 244 17.03 26.99 -6.34
CA PRO B 244 17.41 28.33 -6.78
C PRO B 244 16.69 29.44 -6.02
N PHE B 245 17.42 30.53 -5.79
CA PHE B 245 16.84 31.77 -5.29
C PHE B 245 17.00 32.80 -6.41
N GLY B 246 15.89 33.23 -6.97
CA GLY B 246 15.90 34.02 -8.19
C GLY B 246 16.51 35.41 -8.13
N ASP B 247 16.29 36.11 -7.03
CA ASP B 247 16.73 37.50 -6.91
C ASP B 247 18.21 37.59 -6.52
N PHE B 248 19.10 37.54 -7.50
CA PHE B 248 20.54 37.59 -7.20
C PHE B 248 21.00 39.01 -6.83
N SER B 249 20.07 39.96 -6.84
CA SER B 249 20.35 41.31 -6.38
C SER B 249 20.05 41.46 -4.89
N ASP B 250 19.44 40.43 -4.31
CA ASP B 250 19.00 40.47 -2.91
C ASP B 250 19.80 39.48 -2.07
N ASP B 251 20.94 39.94 -1.57
CA ASP B 251 21.86 39.08 -0.82
C ASP B 251 21.32 38.66 0.54
N GLU B 252 20.69 39.59 1.25
CA GLU B 252 20.13 39.28 2.56
C GLU B 252 18.93 38.35 2.44
N GLY B 253 18.17 38.53 1.36
CA GLY B 253 17.07 37.62 1.06
C GLY B 253 17.58 36.22 0.83
N PHE B 254 18.73 36.10 0.17
CA PHE B 254 19.36 34.81 -0.06
C PHE B 254 19.78 34.20 1.27
N ARG B 255 20.39 35.03 2.12
CA ARG B 255 20.83 34.58 3.43
C ARG B 255 19.65 34.05 4.23
N ALA B 256 18.54 34.77 4.20
CA ALA B 256 17.35 34.39 4.94
C ALA B 256 16.82 33.03 4.46
N GLN B 257 16.69 32.88 3.14
CA GLN B 257 16.25 31.62 2.55
C GLN B 257 17.19 30.48 2.90
N ALA B 258 18.49 30.72 2.72
CA ALA B 258 19.51 29.71 3.03
C ALA B 258 19.51 29.35 4.52
N ARG B 259 19.29 30.36 5.37
CA ARG B 259 19.25 30.14 6.81
C ARG B 259 18.04 29.32 7.25
N ARG B 260 16.90 29.56 6.62
CA ARG B 260 15.70 28.77 6.89
C ARG B 260 15.95 27.32 6.51
N SER B 261 16.55 27.11 5.35
CA SER B 261 16.84 25.77 4.84
C SER B 261 17.83 25.04 5.74
N ALA B 262 18.89 25.73 6.15
CA ALA B 262 19.89 25.13 7.01
C ALA B 262 19.28 24.77 8.37
N THR B 263 18.37 25.61 8.83
CA THR B 263 17.69 25.37 10.10
C THR B 263 16.83 24.12 10.00
N LEU B 264 16.12 23.96 8.88
CA LEU B 264 15.23 22.82 8.69
C LEU B 264 15.98 21.50 8.46
N GLY B 265 17.22 21.59 8.00
CA GLY B 265 18.04 20.39 7.82
C GLY B 265 18.63 20.23 6.43
N MET B 266 18.34 21.15 5.53
CA MET B 266 18.98 21.14 4.22
C MET B 266 20.47 21.48 4.35
N VAL B 267 21.30 20.85 3.52
CA VAL B 267 22.75 20.91 3.71
C VAL B 267 23.47 21.84 2.75
N GLY B 268 22.72 22.45 1.84
CA GLY B 268 23.30 23.32 0.84
C GLY B 268 22.24 23.97 -0.03
N LYS B 269 22.68 24.75 -1.01
CA LYS B 269 21.75 25.50 -1.85
C LYS B 269 22.36 25.80 -3.22
N TRP B 270 21.51 25.87 -4.24
CA TRP B 270 21.96 26.20 -5.58
C TRP B 270 22.47 27.64 -5.63
N ALA B 271 23.45 27.88 -6.48
CA ALA B 271 23.79 29.23 -6.91
C ALA B 271 23.47 29.31 -8.39
N ILE B 272 22.67 30.29 -8.78
CA ILE B 272 22.35 30.50 -10.19
C ILE B 272 23.06 31.75 -10.70
N HIS B 273 23.98 32.25 -9.88
CA HIS B 273 24.81 33.39 -10.21
C HIS B 273 26.05 33.28 -9.33
N PRO B 274 27.23 33.66 -9.86
CA PRO B 274 28.48 33.56 -9.11
C PRO B 274 28.44 34.24 -7.74
N LYS B 275 27.65 35.32 -7.61
CA LYS B 275 27.52 36.03 -6.35
C LYS B 275 27.03 35.13 -5.22
N GLN B 276 26.21 34.15 -5.58
CA GLN B 276 25.52 33.33 -4.59
C GLN B 276 26.36 32.21 -3.99
N VAL B 277 27.49 31.89 -4.62
CA VAL B 277 28.36 30.83 -4.12
C VAL B 277 28.93 31.18 -2.74
N ALA B 278 29.44 32.40 -2.60
CA ALA B 278 30.00 32.86 -1.33
C ALA B 278 28.93 32.85 -0.24
N LEU B 279 27.73 33.29 -0.59
CA LEU B 279 26.61 33.33 0.35
C LEU B 279 26.23 31.92 0.82
N ALA B 280 26.14 30.99 -0.12
CA ALA B 280 25.83 29.60 0.20
C ALA B 280 26.88 29.00 1.11
N ASN B 281 28.15 29.20 0.77
CA ASN B 281 29.24 28.68 1.58
C ASN B 281 29.26 29.30 2.97
N GLU B 282 28.92 30.59 3.05
CA GLU B 282 28.85 31.29 4.32
C GLU B 282 27.80 30.66 5.25
N VAL B 283 26.58 30.50 4.73
CA VAL B 283 25.47 29.99 5.53
C VAL B 283 25.59 28.49 5.84
N PHE B 284 26.02 27.70 4.87
CA PHE B 284 26.04 26.24 5.04
C PHE B 284 27.35 25.69 5.61
N THR B 285 28.24 26.60 5.97
CA THR B 285 29.40 26.24 6.80
C THR B 285 29.12 26.80 8.19
N PRO B 286 29.01 25.92 9.20
CA PRO B 286 28.71 26.35 10.57
C PRO B 286 29.73 27.36 11.07
N SER B 287 29.26 28.42 11.72
CA SER B 287 30.13 29.47 12.22
C SER B 287 31.02 28.98 13.36
N GLU B 288 32.08 29.73 13.65
CA GLU B 288 32.97 29.40 14.76
C GLU B 288 32.20 29.36 16.09
N THR B 289 31.32 30.33 16.27
CA THR B 289 30.50 30.41 17.48
C THR B 289 29.65 29.16 17.66
N ALA B 290 29.00 28.73 16.59
CA ALA B 290 28.15 27.53 16.63
C ALA B 290 28.97 26.29 16.97
N VAL B 291 30.12 26.15 16.33
CA VAL B 291 31.00 25.00 16.56
C VAL B 291 31.55 25.02 17.98
N THR B 292 31.91 26.21 18.46
CA THR B 292 32.39 26.38 19.83
C THR B 292 31.36 25.89 20.85
N GLU B 293 30.10 26.32 20.67
CA GLU B 293 29.05 25.88 21.57
C GLU B 293 28.87 24.36 21.50
N ALA B 294 28.91 23.82 20.29
CA ALA B 294 28.76 22.38 20.09
C ALA B 294 29.80 21.59 20.88
N ARG B 295 31.06 22.04 20.78
CA ARG B 295 32.15 21.36 21.47
C ARG B 295 32.05 21.52 22.99
N GLU B 296 31.55 22.68 23.43
CA GLU B 296 31.34 22.91 24.86
C GLU B 296 30.26 21.98 25.40
N ILE B 297 29.22 21.75 24.59
CA ILE B 297 28.15 20.83 24.97
C ILE B 297 28.66 19.39 25.02
N LEU B 298 29.49 19.03 24.04
CA LEU B 298 30.09 17.70 24.01
C LEU B 298 30.97 17.46 25.24
N ALA B 299 31.71 18.50 25.63
CA ALA B 299 32.56 18.43 26.81
C ALA B 299 31.72 18.33 28.08
N ALA B 300 30.65 19.12 28.13
CA ALA B 300 29.75 19.15 29.28
C ALA B 300 29.13 17.78 29.53
N MET B 301 28.74 17.11 28.45
CA MET B 301 28.10 15.80 28.56
C MET B 301 29.09 14.70 28.96
N ASP B 302 30.30 14.76 28.42
CA ASP B 302 31.35 13.82 28.81
C ASP B 302 31.68 13.95 30.29
N ALA B 303 31.74 15.19 30.76
CA ALA B 303 31.98 15.47 32.17
C ALA B 303 30.83 14.94 33.02
N ALA B 304 29.61 15.13 32.52
CA ALA B 304 28.42 14.63 33.21
C ALA B 304 28.42 13.10 33.27
N LYS B 305 28.83 12.47 32.17
CA LYS B 305 28.90 11.03 32.07
C LYS B 305 29.81 10.43 33.14
N ALA B 306 30.92 11.13 33.41
CA ALA B 306 31.88 10.67 34.41
C ALA B 306 31.32 10.72 35.83
N ARG B 307 30.41 11.67 36.07
CA ARG B 307 29.78 11.82 37.38
C ARG B 307 28.57 10.90 37.51
N GLY B 308 28.36 10.04 36.51
CA GLY B 308 27.23 9.15 36.51
C GLY B 308 25.93 9.86 36.17
N GLU B 309 26.01 10.81 35.24
CA GLU B 309 24.84 11.58 34.83
C GLU B 309 24.66 11.55 33.32
N GLY B 310 23.41 11.41 32.87
CA GLY B 310 23.09 11.43 31.46
C GLY B 310 22.47 12.75 31.06
N ALA B 311 22.24 13.60 32.06
CA ALA B 311 21.69 14.93 31.82
C ALA B 311 22.38 15.95 32.72
N THR B 312 22.51 17.18 32.24
CA THR B 312 23.09 18.25 33.05
C THR B 312 22.61 19.62 32.56
N VAL B 313 23.19 20.67 33.13
CA VAL B 313 22.79 22.02 32.77
C VAL B 313 23.91 22.75 32.03
N TYR B 314 23.53 23.42 30.94
CA TYR B 314 24.47 24.22 30.16
C TYR B 314 23.82 25.56 29.85
N LYS B 315 24.40 26.63 30.39
CA LYS B 315 23.87 27.99 30.19
C LYS B 315 22.38 28.11 30.52
N GLY B 316 21.99 27.57 31.66
CA GLY B 316 20.63 27.71 32.14
C GLY B 316 19.60 26.87 31.41
N ARG B 317 20.07 25.93 30.59
CA ARG B 317 19.15 25.04 29.89
C ARG B 317 19.57 23.57 29.98
N LEU B 318 18.64 22.68 29.67
CA LEU B 318 18.92 21.25 29.73
C LEU B 318 19.72 20.78 28.53
N VAL B 319 20.74 19.96 28.80
CA VAL B 319 21.38 19.17 27.75
C VAL B 319 21.44 17.72 28.21
N ASP B 320 21.15 16.80 27.30
CA ASP B 320 21.25 15.39 27.63
C ASP B 320 21.90 14.61 26.49
N ILE B 321 21.68 13.30 26.47
CA ILE B 321 22.31 12.43 25.49
C ILE B 321 21.92 12.79 24.05
N ALA B 322 20.71 13.32 23.88
CA ALA B 322 20.27 13.81 22.57
C ALA B 322 21.09 15.01 22.12
N SER B 323 21.51 15.84 23.08
CA SER B 323 22.30 17.02 22.77
C SER B 323 23.64 16.66 22.13
N ILE B 324 24.16 15.48 22.48
CA ILE B 324 25.38 14.97 21.88
C ILE B 324 25.19 14.80 20.38
N LYS B 325 24.07 14.21 20.00
CA LYS B 325 23.76 13.99 18.59
C LYS B 325 23.57 15.31 17.85
N GLN B 326 22.93 16.28 18.50
CA GLN B 326 22.73 17.59 17.90
C GLN B 326 24.05 18.32 17.69
N ALA B 327 24.91 18.29 18.71
CA ALA B 327 26.21 18.93 18.63
C ALA B 327 27.06 18.30 17.53
N GLU B 328 26.89 17.00 17.34
CA GLU B 328 27.62 16.28 16.31
C GLU B 328 27.16 16.65 14.90
N VAL B 329 25.90 17.10 14.78
CA VAL B 329 25.40 17.61 13.51
C VAL B 329 26.15 18.88 13.12
N ILE B 330 26.36 19.76 14.08
CA ILE B 330 27.11 20.98 13.86
C ILE B 330 28.56 20.66 13.48
N VAL B 331 29.18 19.81 14.27
CA VAL B 331 30.59 19.45 14.09
C VAL B 331 30.84 18.79 12.72
N ARG B 332 29.99 17.85 12.35
CA ARG B 332 30.13 17.10 11.11
C ARG B 332 30.16 18.00 9.89
N GLN B 333 29.22 18.95 9.82
CA GLN B 333 29.16 19.87 8.70
C GLN B 333 30.33 20.85 8.66
N ALA B 334 31.03 20.99 9.77
CA ALA B 334 32.16 21.92 9.87
C ALA B 334 33.47 21.24 9.50
N GLU B 335 33.60 19.98 9.89
CA GLU B 335 34.82 19.24 9.62
C GLU B 335 34.86 18.58 8.24
N MET B 336 33.85 18.85 7.41
CA MET B 336 33.79 18.26 6.09
C MET B 336 34.70 19.02 5.12
N SER C 23 -17.05 2.46 11.06
CA SER C 23 -17.17 3.60 10.14
C SER C 23 -18.49 4.34 10.33
N PHE C 24 -18.62 5.48 9.66
CA PHE C 24 -19.84 6.29 9.69
C PHE C 24 -20.15 6.78 11.10
N ARG C 25 -19.08 6.92 11.88
CA ARG C 25 -19.13 7.55 13.19
C ARG C 25 -18.07 8.65 13.19
N LEU C 26 -18.14 9.53 14.18
CA LEU C 26 -17.09 10.52 14.35
C LEU C 26 -15.81 9.80 14.77
N GLN C 27 -14.68 10.49 14.65
CA GLN C 27 -13.38 9.92 15.01
C GLN C 27 -13.41 9.32 16.41
N PRO C 28 -12.64 8.25 16.65
CA PRO C 28 -12.62 7.61 17.96
C PRO C 28 -12.18 8.58 19.06
N ALA C 29 -12.81 8.50 20.22
CA ALA C 29 -12.46 9.35 21.35
C ALA C 29 -11.13 8.90 21.96
N PRO C 30 -10.27 9.86 22.27
CA PRO C 30 -8.99 9.57 22.93
C PRO C 30 -9.24 9.27 24.40
N PRO C 31 -8.23 8.74 25.12
CA PRO C 31 -8.37 8.51 26.56
C PRO C 31 -8.82 9.79 27.28
N ALA C 32 -9.70 9.63 28.26
CA ALA C 32 -10.30 10.77 28.94
C ALA C 32 -9.42 11.35 30.05
N ARG C 33 -8.33 10.66 30.38
CA ARG C 33 -7.47 11.06 31.48
C ARG C 33 -6.72 12.37 31.19
N PRO C 34 -6.42 13.16 32.24
CA PRO C 34 -5.67 14.41 32.08
C PRO C 34 -4.23 14.12 31.65
N ASN C 35 -3.71 14.94 30.75
CA ASN C 35 -2.34 14.79 30.28
C ASN C 35 -1.74 16.15 29.98
N ARG C 36 -1.99 17.10 30.87
CA ARG C 36 -1.53 18.47 30.69
C ARG C 36 -0.02 18.58 30.80
N CYS C 37 0.56 17.76 31.66
CA CYS C 37 2.00 17.81 31.87
C CYS C 37 2.58 16.45 32.23
N GLN C 38 3.69 16.11 31.59
CA GLN C 38 4.41 14.88 31.89
C GLN C 38 5.78 15.22 32.47
N LEU C 39 5.95 14.96 33.76
CA LEU C 39 7.19 15.30 34.45
C LEU C 39 8.21 14.17 34.34
N PHE C 40 9.38 14.50 33.80
CA PHE C 40 10.44 13.52 33.58
C PHE C 40 11.52 13.60 34.66
N GLY C 41 12.09 12.44 34.99
CA GLY C 41 13.20 12.36 35.91
C GLY C 41 14.03 11.11 35.65
N PRO C 42 15.36 11.24 35.68
CA PRO C 42 16.24 10.09 35.46
C PRO C 42 16.14 9.04 36.57
N GLY C 43 16.07 7.77 36.18
CA GLY C 43 15.97 6.69 37.15
C GLY C 43 17.22 6.54 38.00
N SER C 44 18.30 7.17 37.56
CA SER C 44 19.57 7.13 38.30
C SER C 44 19.61 8.15 39.43
N ARG C 45 18.53 8.93 39.57
CA ARG C 45 18.42 9.88 40.68
C ARG C 45 17.18 9.64 41.50
N PRO C 46 17.17 8.57 42.31
CA PRO C 46 15.99 8.20 43.10
C PRO C 46 15.58 9.26 44.11
N ALA C 47 16.46 10.21 44.41
CA ALA C 47 16.12 11.29 45.34
C ALA C 47 15.01 12.18 44.78
N LEU C 48 14.90 12.21 43.46
CA LEU C 48 13.91 13.04 42.78
C LEU C 48 12.51 12.45 42.87
N PHE C 49 12.43 11.13 43.06
CA PHE C 49 11.19 10.39 42.92
C PHE C 49 10.03 10.92 43.78
N GLU C 50 10.29 11.16 45.06
CA GLU C 50 9.25 11.64 45.96
C GLU C 50 8.79 13.05 45.62
N LYS C 51 9.72 13.88 45.15
CA LYS C 51 9.39 15.24 44.73
C LYS C 51 8.47 15.21 43.51
N MET C 52 8.76 14.29 42.58
CA MET C 52 7.93 14.12 41.39
C MET C 52 6.54 13.66 41.77
N ALA C 53 6.47 12.72 42.71
CA ALA C 53 5.19 12.21 43.18
C ALA C 53 4.36 13.30 43.86
N ALA C 54 5.04 14.30 44.42
CA ALA C 54 4.38 15.38 45.13
C ALA C 54 4.04 16.56 44.22
N SER C 55 4.50 16.50 42.97
CA SER C 55 4.30 17.59 42.02
C SER C 55 2.85 17.71 41.58
N ALA C 56 2.59 18.70 40.73
CA ALA C 56 1.24 18.91 40.19
C ALA C 56 1.09 18.35 38.77
N ALA C 57 1.99 17.46 38.38
CA ALA C 57 1.96 16.87 37.04
C ALA C 57 0.93 15.75 36.94
N ASP C 58 0.24 15.68 35.81
CA ASP C 58 -0.75 14.63 35.58
C ASP C 58 -0.09 13.28 35.36
N VAL C 59 1.06 13.31 34.69
CA VAL C 59 1.76 12.08 34.31
C VAL C 59 3.21 12.13 34.77
N ILE C 60 3.70 11.01 35.29
CA ILE C 60 5.09 10.91 35.71
C ILE C 60 5.85 9.99 34.76
N ASN C 61 6.98 10.48 34.26
CA ASN C 61 7.83 9.69 33.39
C ASN C 61 9.21 9.44 34.02
N LEU C 62 9.39 8.23 34.56
CA LEU C 62 10.69 7.82 35.08
C LEU C 62 11.53 7.32 33.91
N ASP C 63 12.73 7.88 33.77
CA ASP C 63 13.51 7.68 32.54
C ASP C 63 14.64 6.68 32.68
N LEU C 64 14.75 5.80 31.68
CA LEU C 64 15.87 4.86 31.58
C LEU C 64 16.73 5.19 30.38
N GLU C 65 16.28 6.17 29.58
CA GLU C 65 16.93 6.47 28.31
C GLU C 65 17.92 7.63 28.38
N ASP C 66 17.61 8.71 27.66
CA ASP C 66 18.60 9.74 27.36
C ASP C 66 18.94 10.71 28.50
N SER C 67 18.39 10.49 29.68
CA SER C 67 18.83 11.25 30.85
C SER C 67 19.70 10.37 31.75
N VAL C 68 19.93 9.14 31.32
CA VAL C 68 20.72 8.19 32.10
C VAL C 68 21.92 7.65 31.32
N ALA C 69 23.11 7.87 31.85
CA ALA C 69 24.35 7.36 31.25
C ALA C 69 24.31 5.83 31.15
N PRO C 70 24.90 5.28 30.08
CA PRO C 70 24.87 3.84 29.80
C PRO C 70 25.26 2.97 30.98
N ASP C 71 26.32 3.35 31.70
CA ASP C 71 26.80 2.54 32.83
C ASP C 71 25.86 2.59 34.03
N ASP C 72 24.94 3.56 34.03
CA ASP C 72 24.00 3.72 35.14
C ASP C 72 22.62 3.16 34.82
N LYS C 73 22.44 2.64 33.61
CA LYS C 73 21.13 2.19 33.16
C LYS C 73 20.63 0.96 33.92
N ALA C 74 21.54 0.06 34.27
CA ALA C 74 21.15 -1.14 35.01
C ALA C 74 20.67 -0.77 36.42
N GLN C 75 21.38 0.14 37.06
CA GLN C 75 21.02 0.59 38.40
C GLN C 75 19.75 1.43 38.36
N ALA C 76 19.59 2.22 37.30
CA ALA C 76 18.40 3.04 37.12
C ALA C 76 17.17 2.15 36.99
N ARG C 77 17.34 1.04 36.28
CA ARG C 77 16.26 0.07 36.10
C ARG C 77 15.82 -0.48 37.46
N ALA C 78 16.80 -0.83 38.30
CA ALA C 78 16.53 -1.34 39.63
C ALA C 78 15.86 -0.30 40.53
N ASN C 79 16.34 0.94 40.46
CA ASN C 79 15.77 2.04 41.22
C ASN C 79 14.30 2.25 40.90
N ILE C 80 14.00 2.27 39.60
CA ILE C 80 12.64 2.53 39.13
C ILE C 80 11.68 1.43 39.57
N ILE C 81 12.13 0.19 39.51
CA ILE C 81 11.31 -0.94 39.94
C ILE C 81 11.00 -0.84 41.45
N GLU C 82 11.99 -0.46 42.25
CA GLU C 82 11.78 -0.24 43.67
C GLU C 82 10.74 0.87 43.91
N ALA C 83 10.86 1.94 43.13
CA ALA C 83 9.97 3.10 43.27
C ALA C 83 8.53 2.77 42.92
N ILE C 84 8.34 1.97 41.87
CA ILE C 84 7.01 1.55 41.45
C ILE C 84 6.35 0.72 42.55
N ASN C 85 7.13 -0.17 43.17
CA ASN C 85 6.60 -1.06 44.20
C ASN C 85 6.51 -0.42 45.59
N GLY C 86 7.28 0.63 45.82
CA GLY C 86 7.43 1.18 47.16
C GLY C 86 6.83 2.54 47.44
N LEU C 87 6.77 3.41 46.43
CA LEU C 87 6.33 4.79 46.65
C LEU C 87 4.82 4.99 46.49
N ASP C 88 4.32 6.02 47.17
CA ASP C 88 2.93 6.45 47.03
C ASP C 88 2.88 7.41 45.85
N TRP C 89 2.32 6.94 44.74
CA TRP C 89 2.23 7.74 43.54
C TRP C 89 0.87 8.45 43.42
N GLY C 90 0.04 8.32 44.45
CA GLY C 90 -1.26 8.98 44.45
C GLY C 90 -2.10 8.64 43.24
N ARG C 91 -2.56 9.67 42.55
CA ARG C 91 -3.39 9.49 41.36
C ARG C 91 -2.62 9.78 40.08
N LYS C 92 -1.29 9.86 40.17
CA LYS C 92 -0.45 10.11 39.01
C LYS C 92 -0.52 8.95 38.02
N TYR C 93 -0.56 9.26 36.73
CA TYR C 93 -0.41 8.22 35.72
C TYR C 93 1.09 7.93 35.61
N LEU C 94 1.47 6.71 35.96
CA LEU C 94 2.89 6.37 36.10
C LEU C 94 3.46 5.67 34.87
N SER C 95 4.43 6.31 34.24
CA SER C 95 5.03 5.78 33.01
C SER C 95 6.55 5.69 33.12
N VAL C 96 7.12 4.73 32.41
CA VAL C 96 8.58 4.58 32.33
C VAL C 96 9.04 4.66 30.88
N ARG C 97 9.98 5.55 30.60
CA ARG C 97 10.58 5.59 29.28
C ARG C 97 11.71 4.58 29.19
N ILE C 98 11.51 3.54 28.39
CA ILE C 98 12.52 2.52 28.19
C ILE C 98 13.53 2.97 27.15
N ASN C 99 14.59 2.19 26.96
CA ASN C 99 15.56 2.46 25.91
C ASN C 99 15.04 2.04 24.54
N GLY C 100 15.62 2.60 23.48
CA GLY C 100 15.17 2.35 22.13
C GLY C 100 15.49 0.96 21.60
N LEU C 101 14.76 0.55 20.57
CA LEU C 101 14.92 -0.78 19.99
C LEU C 101 16.24 -0.96 19.24
N ASP C 102 16.99 0.12 19.09
CA ASP C 102 18.31 0.06 18.45
C ASP C 102 19.40 -0.08 19.51
N THR C 103 19.00 -0.40 20.73
CA THR C 103 19.95 -0.56 21.84
C THR C 103 19.87 -1.98 22.38
N PRO C 104 20.93 -2.42 23.10
CA PRO C 104 20.87 -3.72 23.76
C PRO C 104 20.09 -3.68 25.08
N PHE C 105 19.70 -2.48 25.52
CA PHE C 105 19.07 -2.32 26.82
C PHE C 105 17.57 -2.59 26.84
N TRP C 106 16.90 -2.31 25.72
CA TRP C 106 15.44 -2.28 25.71
C TRP C 106 14.76 -3.55 26.20
N TYR C 107 15.28 -4.71 25.82
CA TYR C 107 14.62 -5.96 26.17
C TYR C 107 14.72 -6.25 27.66
N ARG C 108 15.84 -5.84 28.27
CA ARG C 108 16.03 -6.03 29.70
C ARG C 108 15.17 -5.05 30.49
N ASP C 109 14.99 -3.85 29.94
CA ASP C 109 14.06 -2.89 30.54
C ASP C 109 12.67 -3.48 30.63
N VAL C 110 12.15 -3.96 29.49
CA VAL C 110 10.79 -4.48 29.42
C VAL C 110 10.60 -5.74 30.25
N VAL C 111 11.52 -6.70 30.10
CA VAL C 111 11.43 -7.96 30.85
C VAL C 111 11.43 -7.72 32.36
N ASP C 112 12.40 -6.95 32.84
CA ASP C 112 12.52 -6.67 34.27
C ASP C 112 11.32 -5.90 34.81
N LEU C 113 10.89 -4.87 34.09
CA LEU C 113 9.74 -4.09 34.51
C LEU C 113 8.50 -4.96 34.64
N LEU C 114 8.24 -5.76 33.61
CA LEU C 114 7.00 -6.54 33.57
C LEU C 114 7.06 -7.76 34.48
N GLU C 115 8.26 -8.25 34.76
CA GLU C 115 8.41 -9.39 35.67
C GLU C 115 8.54 -8.99 37.14
N GLN C 116 9.06 -7.80 37.41
CA GLN C 116 9.39 -7.41 38.79
C GLN C 116 8.52 -6.28 39.37
N ALA C 117 8.05 -5.37 38.52
CA ALA C 117 7.23 -4.27 39.01
C ALA C 117 5.80 -4.73 39.26
N GLY C 118 5.19 -4.18 40.32
CA GLY C 118 3.82 -4.51 40.66
C GLY C 118 2.83 -3.80 39.75
N ASP C 119 1.56 -3.80 40.14
CA ASP C 119 0.52 -3.27 39.25
C ASP C 119 0.34 -1.75 39.30
N ARG C 120 1.23 -1.05 39.98
CA ARG C 120 1.12 0.42 40.04
C ARG C 120 1.57 1.06 38.73
N LEU C 121 2.49 0.41 38.03
CA LEU C 121 2.93 0.88 36.72
C LEU C 121 1.77 0.94 35.74
N ASP C 122 1.60 2.10 35.10
CA ASP C 122 0.48 2.31 34.19
C ASP C 122 0.87 2.18 32.72
N GLN C 123 2.07 2.63 32.40
CA GLN C 123 2.42 2.90 31.01
C GLN C 123 3.90 2.76 30.75
N ILE C 124 4.24 2.47 29.50
CA ILE C 124 5.63 2.48 29.05
C ILE C 124 5.76 3.43 27.85
N MET C 125 6.81 4.24 27.84
CA MET C 125 7.09 5.13 26.73
C MET C 125 8.20 4.56 25.85
N ILE C 126 7.93 4.43 24.56
CA ILE C 126 8.93 3.92 23.62
C ILE C 126 9.52 5.07 22.83
N PRO C 127 10.85 5.25 22.92
CA PRO C 127 11.53 6.36 22.25
C PRO C 127 11.91 6.00 20.82
N LYS C 128 12.19 7.02 20.02
CA LYS C 128 12.79 6.86 18.70
C LYS C 128 12.05 5.88 17.78
N VAL C 129 10.72 5.89 17.87
CA VAL C 129 9.89 5.03 17.04
C VAL C 129 9.89 5.50 15.59
N GLY C 130 10.23 4.60 14.67
CA GLY C 130 10.36 4.94 13.27
C GLY C 130 9.33 4.29 12.37
N CYS C 131 8.61 3.30 12.90
CA CYS C 131 7.57 2.62 12.13
C CYS C 131 6.63 1.86 13.06
N ALA C 132 5.49 1.42 12.52
CA ALA C 132 4.50 0.70 13.31
C ALA C 132 5.06 -0.59 13.91
N ALA C 133 5.91 -1.26 13.14
CA ALA C 133 6.49 -2.54 13.56
C ALA C 133 7.32 -2.43 14.85
N ASP C 134 7.88 -1.26 15.10
CA ASP C 134 8.60 -1.01 16.36
C ASP C 134 7.67 -1.18 17.55
N VAL C 135 6.46 -0.62 17.44
CA VAL C 135 5.50 -0.68 18.53
C VAL C 135 4.97 -2.11 18.66
N TYR C 136 4.72 -2.74 17.52
CA TYR C 136 4.28 -4.13 17.47
C TYR C 136 5.27 -5.04 18.19
N ALA C 137 6.56 -4.78 17.97
CA ALA C 137 7.62 -5.57 18.59
C ALA C 137 7.58 -5.48 20.12
N VAL C 138 7.42 -4.26 20.64
CA VAL C 138 7.32 -4.07 22.07
C VAL C 138 6.00 -4.67 22.58
N ASP C 139 4.94 -4.50 21.81
CA ASP C 139 3.63 -5.04 22.14
C ASP C 139 3.71 -6.56 22.28
N ALA C 140 4.40 -7.20 21.34
CA ALA C 140 4.52 -8.66 21.33
C ALA C 140 5.20 -9.18 22.59
N LEU C 141 6.24 -8.48 23.04
CA LEU C 141 6.99 -8.89 24.23
C LEU C 141 6.19 -8.61 25.50
N VAL C 142 5.67 -7.40 25.61
CA VAL C 142 4.87 -7.00 26.77
C VAL C 142 3.66 -7.93 26.97
N THR C 143 2.97 -8.22 25.88
CA THR C 143 1.79 -9.09 25.92
C THR C 143 2.13 -10.48 26.47
N ALA C 144 3.25 -11.04 26.02
CA ALA C 144 3.68 -12.37 26.45
C ALA C 144 3.96 -12.40 27.96
N ILE C 145 4.66 -11.39 28.45
CA ILE C 145 5.03 -11.35 29.87
C ILE C 145 3.81 -11.12 30.75
N GLU C 146 2.88 -10.27 30.30
CA GLU C 146 1.65 -10.03 31.04
C GLU C 146 0.85 -11.31 31.18
N ARG C 147 0.81 -12.10 30.11
CA ARG C 147 0.10 -13.38 30.14
C ARG C 147 0.84 -14.40 31.01
N ALA C 148 2.17 -14.41 30.92
CA ALA C 148 2.98 -15.36 31.67
C ALA C 148 2.91 -15.11 33.18
N LYS C 149 2.87 -13.84 33.56
CA LYS C 149 2.90 -13.47 34.97
C LYS C 149 1.51 -13.13 35.51
N GLY C 150 0.51 -13.18 34.64
CA GLY C 150 -0.86 -12.92 35.03
C GLY C 150 -1.08 -11.52 35.58
N ARG C 151 -0.42 -10.54 34.96
CA ARG C 151 -0.56 -9.15 35.38
C ARG C 151 -2.00 -8.69 35.19
N THR C 152 -2.56 -8.09 36.23
CA THR C 152 -3.98 -7.75 36.24
C THR C 152 -4.28 -6.44 35.51
N LYS C 153 -3.29 -5.56 35.40
CA LYS C 153 -3.47 -4.28 34.73
C LYS C 153 -2.55 -4.14 33.53
N PRO C 154 -3.05 -4.47 32.33
CA PRO C 154 -2.26 -4.33 31.09
C PRO C 154 -1.81 -2.90 30.85
N LEU C 155 -0.57 -2.74 30.43
CA LEU C 155 0.02 -1.42 30.26
C LEU C 155 -0.53 -0.71 29.02
N SER C 156 -0.61 0.61 29.10
CA SER C 156 -0.83 1.42 27.92
C SER C 156 0.53 1.77 27.34
N PHE C 157 0.55 2.21 26.09
CA PHE C 157 1.79 2.63 25.45
C PHE C 157 1.73 4.10 25.11
N GLU C 158 2.89 4.76 25.15
CA GLU C 158 3.06 6.07 24.52
C GLU C 158 4.37 6.05 23.75
N VAL C 159 4.45 6.81 22.67
CA VAL C 159 5.66 6.81 21.86
C VAL C 159 6.17 8.22 21.64
N ILE C 160 7.42 8.33 21.21
CA ILE C 160 7.97 9.61 20.82
C ILE C 160 8.27 9.64 19.33
N ILE C 161 7.70 10.64 18.65
CA ILE C 161 8.09 10.93 17.28
C ILE C 161 9.27 11.88 17.36
N GLU C 162 10.46 11.38 17.08
CA GLU C 162 11.68 12.16 17.23
C GLU C 162 12.75 11.75 16.23
N SER C 163 12.32 11.42 15.01
CA SER C 163 13.25 11.12 13.93
C SER C 163 12.56 11.41 12.60
N ALA C 164 13.36 11.47 11.54
CA ALA C 164 12.82 11.69 10.20
C ALA C 164 11.87 10.56 9.83
N ALA C 165 12.24 9.34 10.17
CA ALA C 165 11.42 8.17 9.87
C ALA C 165 10.12 8.23 10.65
N GLY C 166 10.19 8.68 11.89
CA GLY C 166 9.03 8.81 12.74
C GLY C 166 7.96 9.71 12.15
N ILE C 167 8.37 10.90 11.71
CA ILE C 167 7.41 11.86 11.18
C ILE C 167 6.91 11.44 9.80
N ALA C 168 7.77 10.78 9.03
CA ALA C 168 7.40 10.30 7.70
C ALA C 168 6.38 9.18 7.81
N HIS C 169 6.42 8.44 8.92
CA HIS C 169 5.54 7.30 9.12
C HIS C 169 4.59 7.53 10.29
N VAL C 170 4.29 8.80 10.58
CA VAL C 170 3.55 9.14 11.78
C VAL C 170 2.15 8.51 11.88
N GLU C 171 1.42 8.42 10.76
CA GLU C 171 0.08 7.86 10.84
C GLU C 171 0.08 6.35 11.12
N GLU C 172 0.97 5.60 10.47
CA GLU C 172 1.01 4.16 10.70
C GLU C 172 1.40 3.86 12.15
N ILE C 173 2.26 4.71 12.71
CA ILE C 173 2.66 4.58 14.11
C ILE C 173 1.48 4.86 15.04
N ALA C 174 0.69 5.87 14.70
CA ALA C 174 -0.49 6.22 15.48
C ALA C 174 -1.51 5.09 15.52
N ALA C 175 -1.52 4.26 14.48
CA ALA C 175 -2.48 3.16 14.39
C ALA C 175 -1.86 1.80 14.76
N SER C 176 -0.68 1.83 15.38
CA SER C 176 0.14 0.64 15.52
C SER C 176 -0.23 -0.31 16.66
N SER C 177 -1.01 0.16 17.64
CA SER C 177 -1.36 -0.68 18.78
C SER C 177 -2.58 -0.17 19.55
N PRO C 178 -3.47 -1.09 19.96
CA PRO C 178 -4.62 -0.76 20.81
C PRO C 178 -4.18 -0.24 22.18
N ARG C 179 -2.93 -0.48 22.55
CA ARG C 179 -2.38 0.01 23.82
C ARG C 179 -2.03 1.50 23.75
N LEU C 180 -1.83 1.98 22.53
CA LEU C 180 -1.31 3.34 22.34
C LEU C 180 -2.29 4.41 22.80
N GLN C 181 -1.85 5.27 23.71
CA GLN C 181 -2.70 6.32 24.26
C GLN C 181 -2.16 7.72 23.99
N ALA C 182 -0.85 7.84 23.80
CA ALA C 182 -0.25 9.16 23.60
C ALA C 182 0.96 9.14 22.67
N MET C 183 1.18 10.25 22.00
CA MET C 183 2.34 10.43 21.13
CA MET C 183 2.32 10.43 21.12
C MET C 183 2.97 11.79 21.35
N SER C 184 4.26 11.80 21.64
CA SER C 184 4.99 13.05 21.89
C SER C 184 5.94 13.39 20.75
N LEU C 185 6.11 14.68 20.51
CA LEU C 185 7.19 15.17 19.65
C LEU C 185 8.44 15.38 20.50
N GLY C 186 9.55 14.78 20.09
CA GLY C 186 10.81 14.98 20.80
C GLY C 186 11.74 15.86 19.98
N ALA C 187 11.68 17.17 20.22
CA ALA C 187 12.38 18.13 19.36
C ALA C 187 13.91 18.02 19.34
N ALA C 188 14.51 17.52 20.41
CA ALA C 188 15.96 17.38 20.47
C ALA C 188 16.45 16.31 19.48
N ASP C 189 15.96 15.08 19.65
CA ASP C 189 16.32 14.00 18.73
C ASP C 189 15.78 14.26 17.32
N PHE C 190 14.63 14.91 17.23
CA PHE C 190 14.06 15.24 15.92
C PHE C 190 15.01 16.16 15.15
N ALA C 191 15.51 17.20 15.83
CA ALA C 191 16.45 18.13 15.21
C ALA C 191 17.73 17.44 14.77
N ALA C 192 18.26 16.56 15.63
CA ALA C 192 19.48 15.82 15.31
C ALA C 192 19.26 14.91 14.11
N SER C 193 18.14 14.17 14.13
CA SER C 193 17.80 13.25 13.07
C SER C 193 17.58 13.97 11.74
N MET C 194 16.92 15.12 11.80
CA MET C 194 16.64 15.91 10.61
C MET C 194 17.87 16.66 10.11
N GLY C 195 18.90 16.73 10.93
CA GLY C 195 20.11 17.47 10.58
C GLY C 195 19.90 18.96 10.72
N MET C 196 18.95 19.35 11.58
CA MET C 196 18.70 20.76 11.85
C MET C 196 19.91 21.42 12.49
N GLN C 197 20.31 22.58 11.98
CA GLN C 197 21.46 23.28 12.54
C GLN C 197 21.08 24.02 13.82
N THR C 198 21.02 23.28 14.92
CA THR C 198 20.72 23.85 16.22
C THR C 198 21.11 22.90 17.34
N THR C 199 21.41 23.45 18.51
CA THR C 199 21.70 22.64 19.69
C THR C 199 20.66 22.93 20.76
N GLY C 200 19.68 23.76 20.41
CA GLY C 200 18.59 24.08 21.31
C GLY C 200 17.53 23.00 21.28
N ILE C 201 16.61 23.07 22.24
CA ILE C 201 15.54 22.07 22.33
C ILE C 201 14.17 22.76 22.26
N GLY C 202 13.56 22.72 21.08
CA GLY C 202 12.29 23.38 20.85
C GLY C 202 12.43 24.88 20.72
N GLY C 203 11.31 25.57 20.59
CA GLY C 203 11.29 27.02 20.64
C GLY C 203 11.72 27.74 19.37
N THR C 204 11.84 29.06 19.48
CA THR C 204 12.24 29.91 18.36
C THR C 204 13.65 29.58 17.89
N GLN C 205 13.84 29.55 16.57
CA GLN C 205 15.16 29.38 15.99
C GLN C 205 15.60 30.70 15.37
N GLU C 206 16.74 31.20 15.83
CA GLU C 206 17.25 32.51 15.40
C GLU C 206 17.33 32.63 13.88
N ASN C 207 17.73 31.55 13.23
CA ASN C 207 17.92 31.57 11.78
C ASN C 207 16.70 31.12 10.97
N TYR C 208 15.53 31.06 11.61
CA TYR C 208 14.32 30.73 10.87
C TYR C 208 13.34 31.90 10.89
N TYR C 209 13.47 32.77 9.89
CA TYR C 209 12.69 34.01 9.82
C TYR C 209 12.44 34.37 8.37
N MET C 210 11.46 35.23 8.15
CA MET C 210 11.24 35.82 6.83
C MET C 210 11.80 37.23 6.81
N LEU C 211 12.51 37.57 5.75
CA LEU C 211 12.97 38.94 5.58
C LEU C 211 11.97 39.69 4.72
N HIS C 212 11.45 40.79 5.23
CA HIS C 212 10.55 41.64 4.45
C HIS C 212 10.93 43.11 4.58
N ASP C 213 11.31 43.72 3.46
CA ASP C 213 11.77 45.11 3.44
C ASP C 213 12.78 45.41 4.54
N GLY C 214 13.83 44.59 4.61
CA GLY C 214 14.92 44.84 5.52
C GLY C 214 14.70 44.45 6.97
N GLN C 215 13.50 43.99 7.31
CA GLN C 215 13.21 43.57 8.69
C GLN C 215 12.81 42.09 8.78
N LYS C 216 13.10 41.49 9.93
CA LYS C 216 12.91 40.06 10.10
C LYS C 216 11.60 39.70 10.81
N HIS C 217 11.01 38.58 10.40
CA HIS C 217 9.78 38.07 11.00
C HIS C 217 9.92 36.58 11.26
N TRP C 218 10.06 36.20 12.53
CA TRP C 218 10.31 34.81 12.88
C TRP C 218 9.08 33.93 12.69
N SER C 219 9.30 32.74 12.13
CA SER C 219 8.22 31.82 11.81
C SER C 219 8.44 30.49 12.53
N ASP C 220 7.43 29.62 12.49
CA ASP C 220 7.47 28.34 13.21
C ASP C 220 8.17 27.25 12.40
N PRO C 221 9.36 26.83 12.84
CA PRO C 221 10.14 25.81 12.14
C PRO C 221 9.67 24.40 12.51
N TRP C 222 8.67 24.31 13.39
CA TRP C 222 8.18 23.02 13.86
C TRP C 222 6.75 22.75 13.41
N HIS C 223 6.21 23.63 12.56
CA HIS C 223 4.79 23.59 12.23
C HIS C 223 4.26 22.26 11.73
N TRP C 224 4.85 21.76 10.64
CA TRP C 224 4.37 20.52 10.03
C TRP C 224 4.48 19.33 10.97
N ALA C 225 5.63 19.17 11.60
CA ALA C 225 5.87 18.06 12.51
C ALA C 225 4.81 18.01 13.61
N GLN C 226 4.50 19.17 14.17
CA GLN C 226 3.48 19.26 15.22
C GLN C 226 2.08 18.99 14.69
N ALA C 227 1.73 19.62 13.58
CA ALA C 227 0.40 19.47 13.00
C ALA C 227 0.14 18.04 12.51
N ALA C 228 1.14 17.43 11.89
CA ALA C 228 1.01 16.07 11.39
C ALA C 228 0.83 15.08 12.53
N ILE C 229 1.52 15.31 13.64
CA ILE C 229 1.38 14.48 14.83
C ILE C 229 -0.04 14.59 15.39
N VAL C 230 -0.57 15.79 15.45
CA VAL C 230 -1.93 16.02 15.94
C VAL C 230 -2.95 15.32 15.05
N ALA C 231 -2.79 15.46 13.74
CA ALA C 231 -3.72 14.85 12.78
C ALA C 231 -3.67 13.33 12.87
N ALA C 232 -2.46 12.77 12.98
CA ALA C 232 -2.28 11.34 13.12
C ALA C 232 -2.98 10.84 14.38
N CYS C 233 -2.79 11.55 15.48
CA CYS C 233 -3.37 11.16 16.77
C CYS C 233 -4.88 11.27 16.80
N ARG C 234 -5.41 12.39 16.33
CA ARG C 234 -6.85 12.60 16.36
C ARG C 234 -7.57 11.64 15.42
N THR C 235 -6.91 11.24 14.34
CA THR C 235 -7.47 10.28 13.41
C THR C 235 -7.68 8.92 14.09
N HIS C 236 -6.76 8.56 15.00
CA HIS C 236 -6.76 7.21 15.56
C HIS C 236 -7.03 7.15 17.07
N GLY C 237 -7.51 8.25 17.64
CA GLY C 237 -7.92 8.27 19.04
C GLY C 237 -6.77 8.30 20.02
N ILE C 238 -5.69 8.99 19.65
CA ILE C 238 -4.51 9.08 20.48
C ILE C 238 -4.36 10.52 20.98
N LEU C 239 -3.70 10.69 22.13
CA LEU C 239 -3.41 12.02 22.65
C LEU C 239 -2.11 12.57 22.07
N PRO C 240 -2.19 13.68 21.32
CA PRO C 240 -0.96 14.33 20.86
C PRO C 240 -0.36 15.22 21.95
N VAL C 241 0.93 15.06 22.20
CA VAL C 241 1.60 15.77 23.29
C VAL C 241 2.87 16.46 22.80
N ASP C 242 3.16 17.64 23.33
CA ASP C 242 4.40 18.35 23.02
C ASP C 242 5.51 17.89 23.95
N GLY C 243 6.72 17.76 23.43
CA GLY C 243 7.84 17.25 24.21
C GLY C 243 8.60 18.32 24.97
N PRO C 244 9.90 18.08 25.20
CA PRO C 244 10.71 18.93 26.09
C PRO C 244 11.01 20.30 25.49
N PHE C 245 11.00 21.31 26.34
CA PHE C 245 11.48 22.64 26.00
C PHE C 245 12.75 22.86 26.82
N GLY C 246 13.88 22.99 26.13
CA GLY C 246 15.19 22.95 26.79
C GLY C 246 15.50 24.05 27.78
N ASP C 247 15.10 25.29 27.44
CA ASP C 247 15.46 26.44 28.26
C ASP C 247 14.52 26.62 29.45
N PHE C 248 14.83 25.95 30.55
CA PHE C 248 13.98 26.06 31.74
C PHE C 248 14.17 27.39 32.48
N SER C 249 15.05 28.24 31.96
CA SER C 249 15.25 29.57 32.50
C SER C 249 14.41 30.61 31.77
N ASP C 250 13.65 30.16 30.77
CA ASP C 250 12.88 31.07 29.93
C ASP C 250 11.38 30.77 29.99
N ASP C 251 10.71 31.33 30.99
CA ASP C 251 9.28 31.11 31.20
C ASP C 251 8.43 31.55 30.02
N GLU C 252 8.73 32.72 29.45
CA GLU C 252 7.94 33.26 28.37
C GLU C 252 8.14 32.46 27.08
N GLY C 253 9.36 31.98 26.88
CA GLY C 253 9.65 31.11 25.76
C GLY C 253 8.86 29.81 25.87
N PHE C 254 8.80 29.27 27.08
CA PHE C 254 8.02 28.06 27.33
C PHE C 254 6.54 28.32 27.02
N ARG C 255 6.02 29.45 27.50
CA ARG C 255 4.63 29.81 27.26
C ARG C 255 4.34 29.89 25.77
N ALA C 256 5.25 30.49 25.02
CA ALA C 256 5.09 30.63 23.57
C ALA C 256 4.99 29.26 22.89
N GLN C 257 5.95 28.40 23.21
CA GLN C 257 5.99 27.04 22.66
C GLN C 257 4.73 26.26 23.03
N ALA C 258 4.38 26.29 24.31
CA ALA C 258 3.20 25.57 24.79
C ALA C 258 1.92 26.10 24.17
N ARG C 259 1.85 27.41 23.95
CA ARG C 259 0.67 28.02 23.34
C ARG C 259 0.51 27.61 21.89
N ARG C 260 1.61 27.54 21.14
CA ARG C 260 1.57 27.06 19.77
C ARG C 260 1.04 25.63 19.73
N SER C 261 1.57 24.80 20.62
CA SER C 261 1.13 23.41 20.72
C SER C 261 -0.35 23.30 21.06
N ALA C 262 -0.79 24.06 22.05
CA ALA C 262 -2.19 24.04 22.47
C ALA C 262 -3.10 24.50 21.34
N THR C 263 -2.65 25.49 20.58
CA THR C 263 -3.42 25.99 19.46
C THR C 263 -3.57 24.93 18.36
N LEU C 264 -2.51 24.18 18.11
CA LEU C 264 -2.52 23.18 17.04
C LEU C 264 -3.32 21.94 17.42
N GLY C 265 -3.49 21.70 18.71
CA GLY C 265 -4.32 20.59 19.16
C GLY C 265 -3.65 19.62 20.12
N MET C 266 -2.39 19.89 20.46
CA MET C 266 -1.71 19.07 21.46
C MET C 266 -2.32 19.37 22.83
N VAL C 267 -2.40 18.35 23.67
CA VAL C 267 -3.17 18.45 24.91
C VAL C 267 -2.32 18.64 26.16
N GLY C 268 -1.01 18.57 25.99
CA GLY C 268 -0.09 18.75 27.10
C GLY C 268 1.35 18.92 26.66
N LYS C 269 2.24 19.09 27.63
CA LYS C 269 3.66 19.28 27.35
C LYS C 269 4.53 18.68 28.44
N TRP C 270 5.70 18.18 28.07
CA TRP C 270 6.65 17.65 29.04
C TRP C 270 7.13 18.75 29.97
N ALA C 271 7.47 18.37 31.19
CA ALA C 271 8.27 19.21 32.07
C ALA C 271 9.58 18.49 32.34
N ILE C 272 10.68 19.14 32.03
CA ILE C 272 12.00 18.58 32.32
C ILE C 272 12.64 19.30 33.49
N HIS C 273 11.87 20.20 34.10
CA HIS C 273 12.28 20.94 35.28
C HIS C 273 11.01 21.29 36.05
N PRO C 274 11.07 21.23 37.40
CA PRO C 274 9.93 21.51 38.28
C PRO C 274 9.19 22.80 37.94
N LYS C 275 9.92 23.83 37.52
CA LYS C 275 9.31 25.12 37.19
C LYS C 275 8.35 25.04 36.02
N GLN C 276 8.56 24.06 35.14
CA GLN C 276 7.75 23.96 33.92
C GLN C 276 6.37 23.34 34.16
N VAL C 277 6.21 22.65 35.27
CA VAL C 277 4.93 22.00 35.59
C VAL C 277 3.80 23.01 35.71
N ALA C 278 4.05 24.10 36.43
CA ALA C 278 3.04 25.14 36.61
C ALA C 278 2.74 25.84 35.28
N LEU C 279 3.78 26.01 34.47
CA LEU C 279 3.64 26.66 33.17
C LEU C 279 2.77 25.82 32.24
N ALA C 280 3.02 24.50 32.23
CA ALA C 280 2.25 23.59 31.40
C ALA C 280 0.77 23.56 31.81
N ASN C 281 0.52 23.38 33.10
CA ASN C 281 -0.84 23.38 33.62
C ASN C 281 -1.58 24.67 33.28
N GLU C 282 -0.86 25.79 33.33
CA GLU C 282 -1.43 27.09 33.01
C GLU C 282 -1.90 27.16 31.56
N VAL C 283 -0.97 26.87 30.64
CA VAL C 283 -1.25 26.99 29.21
C VAL C 283 -2.27 25.96 28.73
N PHE C 284 -2.20 24.74 29.26
CA PHE C 284 -3.05 23.66 28.78
C PHE C 284 -4.38 23.52 29.54
N THR C 285 -4.65 24.50 30.40
CA THR C 285 -5.98 24.65 30.97
C THR C 285 -6.56 25.91 30.37
N PRO C 286 -7.65 25.77 29.60
CA PRO C 286 -8.27 26.90 28.91
C PRO C 286 -8.57 28.05 29.86
N SER C 287 -8.28 29.27 29.45
CA SER C 287 -8.51 30.45 30.28
C SER C 287 -10.01 30.63 30.51
N GLU C 288 -10.36 31.31 31.59
CA GLU C 288 -11.76 31.56 31.91
C GLU C 288 -12.41 32.38 30.80
N THR C 289 -11.65 33.30 30.22
CA THR C 289 -12.10 34.09 29.07
C THR C 289 -12.48 33.18 27.90
N ALA C 290 -11.63 32.19 27.64
CA ALA C 290 -11.86 31.25 26.54
C ALA C 290 -13.07 30.38 26.81
N VAL C 291 -13.19 29.90 28.05
CA VAL C 291 -14.32 29.05 28.43
C VAL C 291 -15.62 29.85 28.41
N THR C 292 -15.55 31.10 28.86
CA THR C 292 -16.71 31.99 28.84
C THR C 292 -17.26 32.17 27.44
N GLU C 293 -16.38 32.44 26.48
CA GLU C 293 -16.80 32.63 25.09
C GLU C 293 -17.44 31.37 24.53
N ALA C 294 -16.85 30.22 24.85
CA ALA C 294 -17.37 28.94 24.39
C ALA C 294 -18.81 28.73 24.83
N ARG C 295 -19.07 28.98 26.11
CA ARG C 295 -20.41 28.82 26.66
C ARG C 295 -21.40 29.81 26.06
N GLU C 296 -20.92 31.02 25.76
CA GLU C 296 -21.76 32.02 25.11
C GLU C 296 -22.15 31.57 23.70
N ILE C 297 -21.19 30.98 23.00
CA ILE C 297 -21.43 30.46 21.65
C ILE C 297 -22.44 29.32 21.70
N LEU C 298 -22.26 28.42 22.67
CA LEU C 298 -23.19 27.32 22.85
C LEU C 298 -24.60 27.83 23.13
N ALA C 299 -24.68 28.87 23.95
CA ALA C 299 -25.96 29.48 24.28
C ALA C 299 -26.58 30.11 23.03
N ALA C 300 -25.77 30.79 22.25
CA ALA C 300 -26.24 31.45 21.04
C ALA C 300 -26.77 30.43 20.03
N MET C 301 -26.05 29.32 19.87
CA MET C 301 -26.41 28.30 18.89
C MET C 301 -27.68 27.56 19.26
N ASP C 302 -27.92 27.36 20.56
CA ASP C 302 -29.16 26.75 21.02
C ASP C 302 -30.34 27.67 20.76
N ALA C 303 -30.14 28.97 20.99
CA ALA C 303 -31.18 29.96 20.73
C ALA C 303 -31.52 29.99 19.25
N ALA C 304 -30.49 29.90 18.41
CA ALA C 304 -30.68 29.89 16.96
C ALA C 304 -31.47 28.65 16.53
N LYS C 305 -31.15 27.52 17.14
CA LYS C 305 -31.88 26.27 16.88
C LYS C 305 -33.39 26.46 17.11
N ALA C 306 -33.72 27.14 18.20
CA ALA C 306 -35.13 27.38 18.55
C ALA C 306 -35.82 28.28 17.53
N ARG C 307 -35.06 29.16 16.87
CA ARG C 307 -35.61 30.03 15.84
C ARG C 307 -35.68 29.33 14.49
N GLY C 308 -35.27 28.05 14.45
CA GLY C 308 -35.23 27.31 13.21
C GLY C 308 -34.02 27.69 12.37
N GLU C 309 -32.89 27.93 13.04
CA GLU C 309 -31.66 28.33 12.38
C GLU C 309 -30.47 27.49 12.82
N GLY C 310 -29.60 27.15 11.88
CA GLY C 310 -28.40 26.40 12.19
C GLY C 310 -27.15 27.25 12.09
N ALA C 311 -27.36 28.54 11.85
CA ALA C 311 -26.27 29.51 11.80
C ALA C 311 -26.77 30.85 12.32
N THR C 312 -25.92 31.58 13.02
CA THR C 312 -26.28 32.90 13.51
C THR C 312 -25.05 33.78 13.71
N VAL C 313 -25.25 34.95 14.29
CA VAL C 313 -24.15 35.90 14.48
C VAL C 313 -23.73 35.99 15.95
N TYR C 314 -22.44 35.89 16.19
CA TYR C 314 -21.87 36.09 17.52
C TYR C 314 -20.75 37.12 17.46
N LYS C 315 -20.97 38.28 18.07
CA LYS C 315 -19.99 39.35 18.08
C LYS C 315 -19.43 39.69 16.70
N GLY C 316 -20.34 39.85 15.73
CA GLY C 316 -19.93 40.23 14.38
C GLY C 316 -19.31 39.10 13.59
N ARG C 317 -19.38 37.89 14.12
CA ARG C 317 -18.82 36.71 13.46
C ARG C 317 -19.90 35.68 13.16
N LEU C 318 -19.64 34.83 12.19
CA LEU C 318 -20.51 33.68 11.94
C LEU C 318 -20.24 32.59 12.97
N VAL C 319 -21.30 32.04 13.53
CA VAL C 319 -21.22 30.77 14.24
C VAL C 319 -22.25 29.81 13.66
N ASP C 320 -21.91 28.53 13.61
CA ASP C 320 -22.81 27.52 13.08
C ASP C 320 -22.66 26.21 13.84
N ILE C 321 -23.16 25.13 13.26
CA ILE C 321 -23.16 23.83 13.93
C ILE C 321 -21.74 23.33 14.27
N ALA C 322 -20.78 23.67 13.42
CA ALA C 322 -19.38 23.35 13.70
C ALA C 322 -18.85 24.13 14.91
N SER C 323 -19.38 25.33 15.12
CA SER C 323 -18.95 26.15 16.25
C SER C 323 -19.30 25.49 17.58
N ILE C 324 -20.37 24.70 17.58
CA ILE C 324 -20.73 23.94 18.77
C ILE C 324 -19.63 22.95 19.13
N LYS C 325 -19.10 22.27 18.12
CA LYS C 325 -18.02 21.31 18.33
C LYS C 325 -16.75 21.99 18.82
N GLN C 326 -16.43 23.14 18.24
CA GLN C 326 -15.26 23.91 18.66
C GLN C 326 -15.41 24.32 20.13
N ALA C 327 -16.58 24.86 20.47
CA ALA C 327 -16.88 25.25 21.84
C ALA C 327 -16.70 24.09 22.80
N GLU C 328 -17.17 22.91 22.39
CA GLU C 328 -17.08 21.73 23.22
C GLU C 328 -15.64 21.28 23.44
N VAL C 329 -14.77 21.54 22.47
CA VAL C 329 -13.34 21.25 22.65
C VAL C 329 -12.77 22.06 23.81
N ILE C 330 -13.13 23.34 23.87
CA ILE C 330 -12.68 24.22 24.94
C ILE C 330 -13.23 23.76 26.29
N VAL C 331 -14.55 23.59 26.36
CA VAL C 331 -15.24 23.24 27.60
C VAL C 331 -14.78 21.88 28.14
N ARG C 332 -14.67 20.89 27.26
CA ARG C 332 -14.27 19.55 27.65
C ARG C 332 -12.90 19.57 28.34
N GLN C 333 -11.99 20.37 27.80
CA GLN C 333 -10.64 20.45 28.31
C GLN C 333 -10.57 21.25 29.61
N ALA C 334 -11.53 22.15 29.79
CA ALA C 334 -11.59 22.97 31.00
C ALA C 334 -12.19 22.19 32.16
N GLU C 335 -13.12 21.28 31.85
CA GLU C 335 -13.90 20.60 32.88
C GLU C 335 -13.34 19.24 33.29
N MET C 336 -12.11 18.96 32.91
CA MET C 336 -11.48 17.69 33.30
C MET C 336 -10.50 17.88 34.46
N SER D 23 -3.90 -8.39 17.89
CA SER D 23 -2.79 -9.28 17.54
C SER D 23 -2.51 -10.25 18.69
N PHE D 24 -1.59 -11.19 18.44
CA PHE D 24 -1.12 -12.12 19.47
C PHE D 24 -2.26 -13.00 20.00
N ARG D 25 -3.24 -13.21 19.13
CA ARG D 25 -4.34 -14.12 19.36
C ARG D 25 -4.52 -14.89 18.06
N LEU D 26 -5.13 -16.07 18.14
CA LEU D 26 -5.45 -16.82 16.94
C LEU D 26 -6.44 -16.03 16.08
N GLN D 27 -6.68 -16.50 14.86
CA GLN D 27 -7.57 -15.82 13.93
C GLN D 27 -8.95 -15.61 14.54
N PRO D 28 -9.63 -14.51 14.19
CA PRO D 28 -10.97 -14.22 14.70
C PRO D 28 -11.96 -15.34 14.37
N ALA D 29 -12.79 -15.70 15.33
CA ALA D 29 -13.81 -16.71 15.11
C ALA D 29 -14.89 -16.16 14.17
N PRO D 30 -15.31 -16.97 13.20
CA PRO D 30 -16.42 -16.59 12.31
C PRO D 30 -17.75 -16.74 13.05
N PRO D 31 -18.85 -16.26 12.46
CA PRO D 31 -20.18 -16.51 13.05
C PRO D 31 -20.41 -18.00 13.28
N ALA D 32 -21.01 -18.34 14.41
CA ALA D 32 -21.19 -19.74 14.81
C ALA D 32 -22.42 -20.39 14.19
N ARG D 33 -23.26 -19.57 13.55
CA ARG D 33 -24.50 -20.08 12.97
C ARG D 33 -24.24 -21.08 11.84
N PRO D 34 -25.17 -22.03 11.66
CA PRO D 34 -25.08 -23.01 10.57
C PRO D 34 -25.19 -22.33 9.20
N ASN D 35 -24.37 -22.79 8.25
CA ASN D 35 -24.39 -22.26 6.90
C ASN D 35 -24.06 -23.36 5.90
N ARG D 36 -24.64 -24.54 6.13
CA ARG D 36 -24.35 -25.72 5.31
C ARG D 36 -24.97 -25.61 3.93
N CYS D 37 -26.08 -24.90 3.84
CA CYS D 37 -26.76 -24.74 2.56
C CYS D 37 -27.48 -23.40 2.49
N GLN D 38 -27.34 -22.72 1.36
CA GLN D 38 -28.10 -21.50 1.10
C GLN D 38 -29.03 -21.74 -0.09
N LEU D 39 -30.32 -21.85 0.20
CA LEU D 39 -31.30 -22.15 -0.84
C LEU D 39 -31.82 -20.88 -1.52
N PHE D 40 -31.63 -20.81 -2.83
CA PHE D 40 -32.00 -19.63 -3.61
C PHE D 40 -33.34 -19.79 -4.31
N GLY D 41 -34.02 -18.67 -4.51
CA GLY D 41 -35.27 -18.64 -5.24
C GLY D 41 -35.53 -17.24 -5.76
N PRO D 42 -35.94 -17.13 -7.03
CA PRO D 42 -36.21 -15.81 -7.63
C PRO D 42 -37.40 -15.12 -6.98
N GLY D 43 -37.28 -13.82 -6.74
CA GLY D 43 -38.35 -13.07 -6.11
C GLY D 43 -39.60 -12.97 -6.98
N SER D 44 -39.44 -13.27 -8.26
CA SER D 44 -40.56 -13.20 -9.22
C SER D 44 -41.41 -14.48 -9.22
N ARG D 45 -41.06 -15.43 -8.36
CA ARG D 45 -41.85 -16.64 -8.20
C ARG D 45 -42.23 -16.84 -6.74
N PRO D 46 -43.17 -16.02 -6.23
CA PRO D 46 -43.54 -16.06 -4.82
C PRO D 46 -44.15 -17.39 -4.37
N ALA D 47 -44.61 -18.20 -5.33
CA ALA D 47 -45.17 -19.50 -5.00
C ALA D 47 -44.13 -20.43 -4.37
N LEU D 48 -42.86 -20.16 -4.63
CA LEU D 48 -41.78 -20.99 -4.09
C LEU D 48 -41.47 -20.67 -2.64
N PHE D 49 -41.86 -19.48 -2.18
CA PHE D 49 -41.45 -18.96 -0.87
C PHE D 49 -41.76 -19.89 0.30
N GLU D 50 -42.99 -20.38 0.36
CA GLU D 50 -43.39 -21.25 1.46
C GLU D 50 -42.65 -22.58 1.42
N LYS D 51 -42.37 -23.05 0.20
CA LYS D 51 -41.61 -24.28 0.01
C LYS D 51 -40.19 -24.09 0.53
N MET D 52 -39.60 -22.94 0.24
CA MET D 52 -38.26 -22.61 0.72
C MET D 52 -38.24 -22.55 2.25
N ALA D 53 -39.25 -21.92 2.83
CA ALA D 53 -39.36 -21.80 4.28
C ALA D 53 -39.50 -23.16 4.96
N ALA D 54 -40.04 -24.13 4.23
CA ALA D 54 -40.27 -25.45 4.80
C ALA D 54 -39.10 -26.41 4.58
N SER D 55 -38.08 -25.94 3.85
CA SER D 55 -36.94 -26.78 3.50
C SER D 55 -36.00 -27.03 4.68
N ALA D 56 -34.94 -27.79 4.43
CA ALA D 56 -33.95 -28.08 5.46
C ALA D 56 -32.70 -27.22 5.32
N ALA D 57 -32.81 -26.14 4.55
CA ALA D 57 -31.67 -25.24 4.34
C ALA D 57 -31.45 -24.32 5.53
N ASP D 58 -30.18 -24.06 5.84
CA ASP D 58 -29.83 -23.20 6.96
C ASP D 58 -30.08 -21.73 6.63
N VAL D 59 -29.79 -21.37 5.39
CA VAL D 59 -29.92 -19.99 4.95
C VAL D 59 -30.85 -19.91 3.74
N ILE D 60 -31.66 -18.85 3.70
CA ILE D 60 -32.56 -18.62 2.59
C ILE D 60 -32.11 -17.38 1.83
N ASN D 61 -32.03 -17.50 0.51
CA ASN D 61 -31.67 -16.36 -0.33
C ASN D 61 -32.75 -16.02 -1.35
N LEU D 62 -33.55 -15.01 -1.03
CA LEU D 62 -34.54 -14.49 -1.95
C LEU D 62 -33.83 -13.58 -2.95
N ASP D 63 -34.02 -13.85 -4.24
CA ASP D 63 -33.17 -13.23 -5.25
C ASP D 63 -33.84 -12.09 -6.02
N LEU D 64 -33.11 -10.99 -6.13
CA LEU D 64 -33.54 -9.85 -6.95
C LEU D 64 -32.65 -9.73 -8.18
N GLU D 65 -31.57 -10.51 -8.21
CA GLU D 65 -30.57 -10.34 -9.26
C GLU D 65 -30.74 -11.32 -10.43
N ASP D 66 -29.75 -12.17 -10.65
CA ASP D 66 -29.61 -12.89 -11.92
C ASP D 66 -30.62 -14.02 -12.21
N SER D 67 -31.57 -14.25 -11.32
CA SER D 67 -32.65 -15.19 -11.63
C SER D 67 -33.94 -14.44 -11.95
N VAL D 68 -33.87 -13.12 -11.92
CA VAL D 68 -35.04 -12.28 -12.18
C VAL D 68 -34.79 -11.38 -13.39
N ALA D 69 -35.67 -11.48 -14.37
CA ALA D 69 -35.57 -10.66 -15.58
C ALA D 69 -35.74 -9.18 -15.24
N PRO D 70 -35.05 -8.30 -15.99
CA PRO D 70 -35.03 -6.85 -15.71
C PRO D 70 -36.42 -6.24 -15.53
N ASP D 71 -37.37 -6.60 -16.38
CA ASP D 71 -38.72 -6.05 -16.30
C ASP D 71 -39.48 -6.54 -15.07
N ASP D 72 -38.97 -7.59 -14.44
CA ASP D 72 -39.66 -8.21 -13.31
C ASP D 72 -39.03 -7.84 -11.96
N LYS D 73 -38.00 -7.01 -11.99
CA LYS D 73 -37.25 -6.70 -10.77
C LYS D 73 -38.06 -5.90 -9.74
N ALA D 74 -38.84 -4.94 -10.22
CA ALA D 74 -39.68 -4.14 -9.32
C ALA D 74 -40.70 -5.03 -8.60
N GLN D 75 -41.36 -5.90 -9.36
CA GLN D 75 -42.33 -6.82 -8.80
C GLN D 75 -41.68 -7.80 -7.83
N ALA D 76 -40.49 -8.28 -8.19
CA ALA D 76 -39.74 -9.19 -7.34
C ALA D 76 -39.44 -8.54 -5.99
N ARG D 77 -39.10 -7.25 -6.05
CA ARG D 77 -38.80 -6.48 -4.84
C ARG D 77 -40.02 -6.40 -3.92
N ALA D 78 -41.18 -6.10 -4.51
CA ALA D 78 -42.42 -6.03 -3.74
C ALA D 78 -42.77 -7.38 -3.13
N ASN D 79 -42.65 -8.44 -3.93
CA ASN D 79 -42.91 -9.80 -3.46
C ASN D 79 -42.06 -10.17 -2.26
N ILE D 80 -40.77 -9.89 -2.34
CA ILE D 80 -39.83 -10.26 -1.30
C ILE D 80 -40.06 -9.49 0.00
N ILE D 81 -40.36 -8.20 -0.11
CA ILE D 81 -40.65 -7.40 1.07
C ILE D 81 -41.89 -7.95 1.80
N GLU D 82 -42.92 -8.26 1.03
CA GLU D 82 -44.14 -8.83 1.61
C GLU D 82 -43.86 -10.18 2.25
N ALA D 83 -42.99 -10.97 1.63
CA ALA D 83 -42.63 -12.29 2.13
C ALA D 83 -41.85 -12.21 3.44
N ILE D 84 -40.94 -11.25 3.52
CA ILE D 84 -40.16 -11.03 4.74
C ILE D 84 -41.07 -10.73 5.93
N ASN D 85 -42.08 -9.90 5.69
CA ASN D 85 -42.99 -9.47 6.75
C ASN D 85 -44.12 -10.46 7.03
N GLY D 86 -44.50 -11.25 6.03
CA GLY D 86 -45.69 -12.06 6.12
C GLY D 86 -45.51 -13.53 6.50
N LEU D 87 -44.46 -14.16 5.98
CA LEU D 87 -44.29 -15.60 6.15
C LEU D 87 -43.53 -15.99 7.42
N ASP D 88 -43.78 -17.21 7.87
CA ASP D 88 -43.06 -17.78 9.01
C ASP D 88 -41.79 -18.45 8.52
N TRP D 89 -40.64 -17.83 8.80
CA TRP D 89 -39.36 -18.32 8.30
C TRP D 89 -38.64 -19.20 9.32
N GLY D 90 -39.32 -19.52 10.41
CA GLY D 90 -38.76 -20.38 11.44
C GLY D 90 -37.45 -19.85 11.99
N ARG D 91 -36.44 -20.73 12.04
CA ARG D 91 -35.13 -20.36 12.56
C ARG D 91 -34.11 -20.16 11.45
N LYS D 92 -34.60 -20.07 10.22
CA LYS D 92 -33.70 -19.92 9.07
C LYS D 92 -33.10 -18.52 8.99
N TYR D 93 -31.86 -18.44 8.54
CA TYR D 93 -31.21 -17.16 8.33
C TYR D 93 -31.70 -16.60 6.99
N LEU D 94 -32.36 -15.45 7.05
CA LEU D 94 -33.05 -14.91 5.88
C LEU D 94 -32.26 -13.80 5.22
N SER D 95 -31.87 -14.04 3.97
CA SER D 95 -31.05 -13.10 3.22
C SER D 95 -31.69 -12.75 1.88
N VAL D 96 -31.36 -11.57 1.36
CA VAL D 96 -31.82 -11.15 0.04
C VAL D 96 -30.61 -10.77 -0.81
N ARG D 97 -30.51 -11.33 -2.02
CA ARG D 97 -29.48 -10.90 -2.94
C ARG D 97 -29.98 -9.72 -3.76
N ILE D 98 -29.34 -8.57 -3.54
CA ILE D 98 -29.70 -7.36 -4.29
C ILE D 98 -29.00 -7.34 -5.64
N ASN D 99 -29.32 -6.35 -6.46
CA ASN D 99 -28.63 -6.17 -7.74
C ASN D 99 -27.29 -5.50 -7.52
N GLY D 100 -26.42 -5.58 -8.53
CA GLY D 100 -25.06 -5.09 -8.41
C GLY D 100 -24.93 -3.58 -8.48
N LEU D 101 -23.78 -3.09 -8.03
CA LEU D 101 -23.52 -1.65 -7.99
C LEU D 101 -23.29 -1.05 -9.38
N ASP D 102 -23.24 -1.90 -10.40
CA ASP D 102 -23.10 -1.44 -11.77
C ASP D 102 -24.46 -1.35 -12.46
N THR D 103 -25.53 -1.43 -11.66
CA THR D 103 -26.89 -1.40 -12.20
C THR D 103 -27.68 -0.24 -11.60
N PRO D 104 -28.78 0.16 -12.27
CA PRO D 104 -29.65 1.20 -11.69
C PRO D 104 -30.56 0.67 -10.60
N PHE D 105 -30.59 -0.65 -10.41
CA PHE D 105 -31.55 -1.26 -9.49
C PHE D 105 -31.12 -1.27 -8.02
N TRP D 106 -29.81 -1.37 -7.79
CA TRP D 106 -29.29 -1.69 -6.45
C TRP D 106 -29.76 -0.73 -5.35
N TYR D 107 -29.80 0.56 -5.67
CA TYR D 107 -30.14 1.57 -4.66
C TYR D 107 -31.60 1.45 -4.24
N ARG D 108 -32.46 1.13 -5.20
CA ARG D 108 -33.88 0.97 -4.91
C ARG D 108 -34.10 -0.32 -4.12
N ASP D 109 -33.33 -1.35 -4.45
CA ASP D 109 -33.35 -2.59 -3.67
C ASP D 109 -33.08 -2.28 -2.19
N VAL D 110 -31.96 -1.61 -1.93
CA VAL D 110 -31.53 -1.33 -0.56
C VAL D 110 -32.50 -0.39 0.18
N VAL D 111 -32.89 0.69 -0.45
CA VAL D 111 -33.81 1.65 0.18
C VAL D 111 -35.14 0.99 0.56
N ASP D 112 -35.78 0.33 -0.39
CA ASP D 112 -37.08 -0.30 -0.15
C ASP D 112 -36.99 -1.39 0.91
N LEU D 113 -35.96 -2.23 0.82
CA LEU D 113 -35.77 -3.29 1.81
C LEU D 113 -35.65 -2.71 3.21
N LEU D 114 -34.79 -1.71 3.36
CA LEU D 114 -34.51 -1.17 4.69
C LEU D 114 -35.58 -0.22 5.21
N GLU D 115 -36.38 0.35 4.31
CA GLU D 115 -37.47 1.24 4.72
C GLU D 115 -38.78 0.48 4.93
N GLN D 116 -38.91 -0.70 4.33
CA GLN D 116 -40.20 -1.41 4.34
C GLN D 116 -40.18 -2.80 4.99
N ALA D 117 -39.06 -3.50 4.94
CA ALA D 117 -39.00 -4.84 5.52
C ALA D 117 -38.96 -4.74 7.04
N GLY D 118 -39.65 -5.66 7.70
CA GLY D 118 -39.63 -5.74 9.14
C GLY D 118 -38.30 -6.26 9.64
N ASP D 119 -38.22 -6.58 10.93
CA ASP D 119 -36.95 -6.99 11.51
C ASP D 119 -36.63 -8.47 11.29
N ARG D 120 -37.44 -9.16 10.50
CA ARG D 120 -37.19 -10.57 10.23
C ARG D 120 -36.03 -10.75 9.25
N LEU D 121 -35.77 -9.71 8.46
CA LEU D 121 -34.65 -9.73 7.54
C LEU D 121 -33.34 -9.75 8.32
N ASP D 122 -32.47 -10.69 7.98
CA ASP D 122 -31.20 -10.86 8.69
C ASP D 122 -30.01 -10.31 7.92
N GLN D 123 -30.08 -10.36 6.59
CA GLN D 123 -28.89 -10.19 5.78
C GLN D 123 -29.20 -9.79 4.35
N ILE D 124 -28.27 -9.09 3.71
CA ILE D 124 -28.31 -8.93 2.26
C ILE D 124 -27.03 -9.42 1.61
N MET D 125 -27.17 -9.95 0.39
CA MET D 125 -26.03 -10.45 -0.37
C MET D 125 -25.71 -9.49 -1.50
N ILE D 126 -24.47 -9.05 -1.56
CA ILE D 126 -24.02 -8.15 -2.62
C ILE D 126 -23.25 -8.93 -3.68
N PRO D 127 -23.76 -8.92 -4.93
CA PRO D 127 -23.12 -9.70 -5.99
C PRO D 127 -22.03 -8.89 -6.69
N LYS D 128 -21.18 -9.60 -7.44
CA LYS D 128 -20.21 -8.96 -8.35
C LYS D 128 -19.31 -7.92 -7.67
N VAL D 129 -18.94 -8.18 -6.42
CA VAL D 129 -18.08 -7.28 -5.67
C VAL D 129 -16.65 -7.33 -6.22
N GLY D 130 -16.10 -6.16 -6.54
CA GLY D 130 -14.79 -6.08 -7.15
C GLY D 130 -13.72 -5.44 -6.28
N CYS D 131 -14.13 -4.82 -5.18
CA CYS D 131 -13.21 -4.19 -4.26
C CYS D 131 -13.90 -3.89 -2.93
N ALA D 132 -13.11 -3.58 -1.90
CA ALA D 132 -13.65 -3.27 -0.58
C ALA D 132 -14.62 -2.10 -0.61
N ALA D 133 -14.34 -1.11 -1.46
CA ALA D 133 -15.16 0.09 -1.55
C ALA D 133 -16.60 -0.20 -1.99
N ASP D 134 -16.79 -1.26 -2.78
CA ASP D 134 -18.13 -1.71 -3.16
C ASP D 134 -18.95 -2.05 -1.92
N VAL D 135 -18.33 -2.77 -0.99
CA VAL D 135 -19.01 -3.15 0.25
C VAL D 135 -19.25 -1.92 1.14
N TYR D 136 -18.23 -1.07 1.24
CA TYR D 136 -18.30 0.17 2.02
C TYR D 136 -19.44 1.06 1.52
N ALA D 137 -19.64 1.08 0.21
CA ALA D 137 -20.71 1.87 -0.39
C ALA D 137 -22.08 1.39 0.07
N VAL D 138 -22.29 0.07 0.08
CA VAL D 138 -23.55 -0.49 0.54
C VAL D 138 -23.70 -0.28 2.06
N ASP D 139 -22.60 -0.46 2.77
CA ASP D 139 -22.58 -0.24 4.22
C ASP D 139 -22.99 1.20 4.55
N ALA D 140 -22.49 2.15 3.78
CA ALA D 140 -22.81 3.57 3.98
C ALA D 140 -24.30 3.83 3.85
N LEU D 141 -24.90 3.27 2.80
CA LEU D 141 -26.32 3.45 2.56
C LEU D 141 -27.14 2.74 3.62
N VAL D 142 -26.84 1.47 3.84
CA VAL D 142 -27.55 0.66 4.82
C VAL D 142 -27.53 1.28 6.22
N THR D 143 -26.35 1.73 6.65
CA THR D 143 -26.18 2.30 7.98
C THR D 143 -27.08 3.53 8.18
N ALA D 144 -27.15 4.39 7.17
CA ALA D 144 -27.97 5.59 7.26
C ALA D 144 -29.46 5.28 7.40
N ILE D 145 -29.95 4.32 6.63
CA ILE D 145 -31.37 3.98 6.67
C ILE D 145 -31.73 3.30 8.00
N GLU D 146 -30.85 2.41 8.47
CA GLU D 146 -31.06 1.77 9.76
C GLU D 146 -31.18 2.80 10.88
N ARG D 147 -30.32 3.82 10.83
CA ARG D 147 -30.37 4.90 11.82
C ARG D 147 -31.62 5.76 11.64
N ALA D 148 -31.96 6.09 10.41
CA ALA D 148 -33.11 6.93 10.12
C ALA D 148 -34.42 6.28 10.56
N LYS D 149 -34.49 4.96 10.41
CA LYS D 149 -35.72 4.23 10.71
C LYS D 149 -35.69 3.57 12.09
N GLY D 150 -34.56 3.71 12.78
CA GLY D 150 -34.39 3.11 14.08
C GLY D 150 -34.49 1.59 14.06
N ARG D 151 -33.98 0.98 12.99
CA ARG D 151 -34.02 -0.47 12.85
C ARG D 151 -33.27 -1.15 14.00
N THR D 152 -33.94 -2.11 14.64
CA THR D 152 -33.44 -2.70 15.88
C THR D 152 -32.40 -3.79 15.66
N LYS D 153 -32.48 -4.47 14.52
CA LYS D 153 -31.51 -5.51 14.19
C LYS D 153 -30.69 -5.16 12.95
N PRO D 154 -29.45 -4.69 13.16
CA PRO D 154 -28.53 -4.35 12.07
C PRO D 154 -28.32 -5.55 11.15
N LEU D 155 -28.40 -5.33 9.84
CA LEU D 155 -28.19 -6.40 8.88
C LEU D 155 -26.74 -6.84 8.85
N SER D 156 -26.52 -8.15 8.63
CA SER D 156 -25.20 -8.64 8.29
C SER D 156 -25.08 -8.61 6.77
N PHE D 157 -23.85 -8.66 6.28
CA PHE D 157 -23.61 -8.69 4.84
C PHE D 157 -22.98 -10.00 4.44
N GLU D 158 -23.28 -10.44 3.22
CA GLU D 158 -22.49 -11.47 2.57
C GLU D 158 -22.24 -10.99 1.15
N VAL D 159 -21.17 -11.48 0.53
CA VAL D 159 -20.84 -11.05 -0.82
C VAL D 159 -20.53 -12.23 -1.72
N ILE D 160 -20.48 -11.99 -3.02
CA ILE D 160 -20.07 -13.01 -3.96
C ILE D 160 -18.80 -12.57 -4.67
N ILE D 161 -17.79 -13.43 -4.64
CA ILE D 161 -16.61 -13.26 -5.47
C ILE D 161 -16.88 -14.00 -6.77
N GLU D 162 -17.13 -13.24 -7.83
CA GLU D 162 -17.53 -13.84 -9.10
C GLU D 162 -17.00 -13.03 -10.28
N SER D 163 -15.79 -12.50 -10.13
CA SER D 163 -15.15 -11.75 -11.19
C SER D 163 -13.64 -11.75 -11.00
N ALA D 164 -12.92 -11.40 -12.05
CA ALA D 164 -11.47 -11.32 -12.00
C ALA D 164 -11.03 -10.33 -10.91
N ALA D 165 -11.66 -9.17 -10.88
CA ALA D 165 -11.33 -8.15 -9.89
C ALA D 165 -11.63 -8.67 -8.48
N GLY D 166 -12.72 -9.40 -8.35
CA GLY D 166 -13.12 -9.95 -7.06
C GLY D 166 -12.07 -10.87 -6.46
N ILE D 167 -11.55 -11.78 -7.26
CA ILE D 167 -10.56 -12.72 -6.76
C ILE D 167 -9.20 -12.03 -6.58
N ALA D 168 -8.89 -11.09 -7.46
CA ALA D 168 -7.65 -10.33 -7.36
C ALA D 168 -7.60 -9.51 -6.07
N HIS D 169 -8.78 -9.08 -5.62
CA HIS D 169 -8.87 -8.23 -4.43
C HIS D 169 -9.61 -8.93 -3.30
N VAL D 170 -9.50 -10.25 -3.26
CA VAL D 170 -10.31 -11.05 -2.34
C VAL D 170 -10.04 -10.73 -0.86
N GLU D 171 -8.80 -10.43 -0.49
CA GLU D 171 -8.52 -10.17 0.92
C GLU D 171 -9.06 -8.83 1.41
N GLU D 172 -8.90 -7.78 0.61
CA GLU D 172 -9.42 -6.47 1.01
C GLU D 172 -10.96 -6.51 1.11
N ILE D 173 -11.59 -7.33 0.27
CA ILE D 173 -13.04 -7.48 0.31
C ILE D 173 -13.47 -8.19 1.59
N ALA D 174 -12.74 -9.22 1.99
CA ALA D 174 -13.01 -9.94 3.23
C ALA D 174 -12.88 -9.05 4.46
N ALA D 175 -12.08 -8.00 4.34
CA ALA D 175 -11.83 -7.11 5.48
C ALA D 175 -12.65 -5.81 5.38
N SER D 176 -13.63 -5.79 4.48
CA SER D 176 -14.27 -4.54 4.08
C SER D 176 -15.37 -4.00 4.99
N SER D 177 -15.92 -4.85 5.86
CA SER D 177 -17.01 -4.41 6.74
C SER D 177 -17.21 -5.31 7.95
N PRO D 178 -17.51 -4.69 9.12
CA PRO D 178 -17.83 -5.45 10.33
C PRO D 178 -19.11 -6.26 10.16
N ARG D 179 -19.95 -5.87 9.22
CA ARG D 179 -21.20 -6.57 8.94
C ARG D 179 -20.97 -7.89 8.20
N LEU D 180 -19.83 -7.99 7.53
CA LEU D 180 -19.57 -9.13 6.64
C LEU D 180 -19.49 -10.44 7.41
N GLN D 181 -20.30 -11.41 7.01
CA GLN D 181 -20.33 -12.71 7.67
C GLN D 181 -19.97 -13.87 6.74
N ALA D 182 -20.20 -13.69 5.44
CA ALA D 182 -19.96 -14.78 4.49
C ALA D 182 -19.53 -14.29 3.11
N MET D 183 -18.74 -15.11 2.44
CA MET D 183 -18.30 -14.83 1.08
CA MET D 183 -18.31 -14.83 1.07
C MET D 183 -18.48 -16.09 0.23
N SER D 184 -19.19 -15.95 -0.89
CA SER D 184 -19.42 -17.06 -1.80
C SER D 184 -18.65 -16.92 -3.10
N LEU D 185 -18.24 -18.05 -3.68
CA LEU D 185 -17.71 -18.07 -5.03
C LEU D 185 -18.86 -18.26 -6.00
N GLY D 186 -18.94 -17.41 -7.01
CA GLY D 186 -19.97 -17.55 -8.03
C GLY D 186 -19.36 -18.02 -9.33
N ALA D 187 -19.38 -19.34 -9.56
CA ALA D 187 -18.66 -19.95 -10.67
C ALA D 187 -19.16 -19.55 -12.06
N ALA D 188 -20.44 -19.20 -12.17
CA ALA D 188 -20.98 -18.81 -13.47
C ALA D 188 -20.43 -17.46 -13.91
N ASP D 189 -20.61 -16.44 -13.08
CA ASP D 189 -20.07 -15.11 -13.38
C ASP D 189 -18.55 -15.10 -13.37
N PHE D 190 -17.94 -15.89 -12.50
CA PHE D 190 -16.49 -15.99 -12.45
C PHE D 190 -15.95 -16.47 -13.80
N ALA D 191 -16.55 -17.54 -14.32
CA ALA D 191 -16.18 -18.09 -15.60
C ALA D 191 -16.32 -17.06 -16.72
N ALA D 192 -17.43 -16.34 -16.73
CA ALA D 192 -17.68 -15.33 -17.75
C ALA D 192 -16.67 -14.19 -17.65
N SER D 193 -16.42 -13.73 -16.43
CA SER D 193 -15.51 -12.62 -16.20
C SER D 193 -14.08 -12.98 -16.59
N MET D 194 -13.68 -14.20 -16.24
CA MET D 194 -12.33 -14.68 -16.52
C MET D 194 -12.15 -15.06 -17.99
N GLY D 195 -13.26 -15.17 -18.72
CA GLY D 195 -13.22 -15.56 -20.11
C GLY D 195 -13.01 -17.05 -20.29
N MET D 196 -13.37 -17.82 -19.27
CA MET D 196 -13.30 -19.28 -19.34
C MET D 196 -14.17 -19.81 -20.47
N GLN D 197 -13.62 -20.73 -21.26
CA GLN D 197 -14.38 -21.30 -22.37
C GLN D 197 -15.28 -22.42 -21.87
N THR D 198 -16.42 -22.02 -21.28
CA THR D 198 -17.41 -22.97 -20.80
C THR D 198 -18.75 -22.26 -20.61
N THR D 199 -19.84 -23.01 -20.69
CA THR D 199 -21.16 -22.47 -20.39
C THR D 199 -21.77 -23.22 -19.21
N GLY D 200 -20.94 -24.04 -18.56
CA GLY D 200 -21.36 -24.77 -17.39
C GLY D 200 -21.20 -23.95 -16.13
N ILE D 201 -21.78 -24.43 -15.03
CA ILE D 201 -21.71 -23.71 -13.77
C ILE D 201 -21.05 -24.58 -12.70
N GLY D 202 -19.77 -24.34 -12.45
CA GLY D 202 -19.01 -25.15 -11.51
C GLY D 202 -18.70 -26.52 -12.08
N GLY D 203 -18.03 -27.36 -11.30
CA GLY D 203 -17.84 -28.75 -11.66
C GLY D 203 -16.65 -29.04 -12.55
N THR D 204 -16.54 -30.31 -12.96
CA THR D 204 -15.49 -30.77 -13.85
C THR D 204 -15.55 -30.04 -15.18
N GLN D 205 -14.39 -29.67 -15.71
CA GLN D 205 -14.31 -29.11 -17.05
C GLN D 205 -13.66 -30.12 -17.98
N GLU D 206 -14.38 -30.48 -19.03
CA GLU D 206 -13.94 -31.51 -19.97
C GLU D 206 -12.54 -31.24 -20.54
N ASN D 207 -12.25 -29.97 -20.82
CA ASN D 207 -10.99 -29.58 -21.43
C ASN D 207 -9.88 -29.23 -20.43
N TYR D 208 -10.10 -29.56 -19.16
CA TYR D 208 -9.08 -29.29 -18.15
C TYR D 208 -8.57 -30.59 -17.54
N TYR D 209 -7.56 -31.16 -18.17
CA TYR D 209 -7.03 -32.46 -17.78
C TYR D 209 -5.53 -32.52 -18.04
N MET D 210 -4.86 -33.46 -17.41
CA MET D 210 -3.45 -33.72 -17.71
C MET D 210 -3.35 -34.94 -18.61
N LEU D 211 -2.56 -34.85 -19.66
CA LEU D 211 -2.29 -36.00 -20.52
C LEU D 211 -1.00 -36.68 -20.04
N HIS D 212 -1.09 -37.99 -19.81
CA HIS D 212 0.08 -38.75 -19.39
C HIS D 212 0.05 -40.15 -19.99
N ASP D 213 1.01 -40.43 -20.87
CA ASP D 213 1.11 -41.72 -21.55
C ASP D 213 -0.21 -42.15 -22.19
N GLY D 214 -0.84 -41.24 -22.91
CA GLY D 214 -2.06 -41.56 -23.62
C GLY D 214 -3.35 -41.48 -22.80
N GLN D 215 -3.22 -41.39 -21.49
CA GLN D 215 -4.36 -41.32 -20.59
C GLN D 215 -4.62 -39.89 -20.02
N LYS D 216 -5.89 -39.55 -19.88
CA LYS D 216 -6.25 -38.24 -19.37
C LYS D 216 -6.56 -38.27 -17.88
N HIS D 217 -6.11 -37.25 -17.16
CA HIS D 217 -6.38 -37.12 -15.74
C HIS D 217 -6.92 -35.73 -15.44
N TRP D 218 -8.21 -35.65 -15.10
CA TRP D 218 -8.85 -34.36 -14.89
C TRP D 218 -8.43 -33.69 -13.59
N SER D 219 -8.30 -32.37 -13.64
CA SER D 219 -7.79 -31.60 -12.51
C SER D 219 -8.78 -30.51 -12.12
N ASP D 220 -8.52 -29.83 -11.02
CA ASP D 220 -9.44 -28.82 -10.51
C ASP D 220 -9.14 -27.43 -11.08
N PRO D 221 -10.00 -26.94 -11.98
CA PRO D 221 -9.79 -25.64 -12.63
C PRO D 221 -10.22 -24.49 -11.73
N TRP D 222 -10.76 -24.81 -10.56
CA TRP D 222 -11.24 -23.80 -9.62
C TRP D 222 -10.36 -23.70 -8.37
N HIS D 223 -9.25 -24.43 -8.36
CA HIS D 223 -8.49 -24.61 -7.12
C HIS D 223 -8.06 -23.31 -6.43
N TRP D 224 -7.39 -22.45 -7.15
CA TRP D 224 -6.87 -21.21 -6.57
C TRP D 224 -7.99 -20.30 -6.07
N ALA D 225 -9.01 -20.10 -6.89
CA ALA D 225 -10.13 -19.24 -6.54
C ALA D 225 -10.79 -19.68 -5.23
N GLN D 226 -11.02 -20.98 -5.09
CA GLN D 226 -11.64 -21.49 -3.87
C GLN D 226 -10.72 -21.38 -2.65
N ALA D 227 -9.46 -21.76 -2.82
CA ALA D 227 -8.51 -21.72 -1.72
C ALA D 227 -8.22 -20.28 -1.26
N ALA D 228 -8.13 -19.36 -2.21
CA ALA D 228 -7.86 -17.96 -1.89
C ALA D 228 -9.05 -17.32 -1.16
N ILE D 229 -10.25 -17.73 -1.53
CA ILE D 229 -11.44 -17.25 -0.85
C ILE D 229 -11.47 -17.76 0.59
N VAL D 230 -11.18 -19.04 0.77
CA VAL D 230 -11.12 -19.63 2.11
C VAL D 230 -10.09 -18.90 2.97
N ALA D 231 -8.90 -18.67 2.42
CA ALA D 231 -7.83 -17.99 3.15
C ALA D 231 -8.20 -16.57 3.55
N ALA D 232 -8.82 -15.84 2.63
CA ALA D 232 -9.25 -14.47 2.92
C ALA D 232 -10.30 -14.45 4.02
N CYS D 233 -11.24 -15.39 3.95
CA CYS D 233 -12.30 -15.47 4.94
C CYS D 233 -11.80 -15.83 6.34
N ARG D 234 -10.99 -16.88 6.41
CA ARG D 234 -10.50 -17.36 7.70
C ARG D 234 -9.58 -16.36 8.36
N THR D 235 -8.84 -15.61 7.53
CA THR D 235 -7.98 -14.55 8.04
C THR D 235 -8.80 -13.49 8.78
N HIS D 236 -9.99 -13.19 8.26
CA HIS D 236 -10.77 -12.08 8.78
C HIS D 236 -12.09 -12.49 9.43
N GLY D 237 -12.20 -13.75 9.82
CA GLY D 237 -13.38 -14.23 10.56
C GLY D 237 -14.65 -14.26 9.75
N ILE D 238 -14.53 -14.59 8.47
CA ILE D 238 -15.67 -14.68 7.56
C ILE D 238 -15.92 -16.14 7.20
N LEU D 239 -17.16 -16.49 6.88
CA LEU D 239 -17.48 -17.84 6.42
C LEU D 239 -17.32 -17.97 4.90
N PRO D 240 -16.41 -18.84 4.45
CA PRO D 240 -16.28 -19.09 3.01
C PRO D 240 -17.31 -20.13 2.55
N VAL D 241 -18.02 -19.83 1.47
CA VAL D 241 -19.10 -20.67 1.01
C VAL D 241 -18.96 -20.94 -0.49
N ASP D 242 -19.29 -22.16 -0.91
CA ASP D 242 -19.27 -22.51 -2.32
C ASP D 242 -20.60 -22.13 -2.98
N GLY D 243 -20.54 -21.70 -4.23
CA GLY D 243 -21.71 -21.19 -4.91
C GLY D 243 -22.55 -22.23 -5.62
N PRO D 244 -23.25 -21.81 -6.69
CA PRO D 244 -24.18 -22.69 -7.41
C PRO D 244 -23.48 -23.77 -8.22
N PHE D 245 -24.09 -24.95 -8.25
CA PHE D 245 -23.72 -26.02 -9.17
C PHE D 245 -24.91 -26.18 -10.11
N GLY D 246 -24.72 -25.88 -11.38
CA GLY D 246 -25.82 -25.73 -12.31
C GLY D 246 -26.56 -27.00 -12.70
N ASP D 247 -25.85 -28.12 -12.75
CA ASP D 247 -26.43 -29.37 -13.22
C ASP D 247 -27.17 -30.10 -12.10
N PHE D 248 -28.43 -29.72 -11.87
CA PHE D 248 -29.21 -30.35 -10.81
C PHE D 248 -29.64 -31.77 -11.15
N SER D 249 -29.35 -32.21 -12.36
CA SER D 249 -29.62 -33.58 -12.79
C SER D 249 -28.45 -34.50 -12.44
N ASP D 250 -27.36 -33.91 -11.96
CA ASP D 250 -26.13 -34.65 -11.70
C ASP D 250 -25.79 -34.63 -10.21
N ASP D 251 -26.33 -35.59 -9.46
CA ASP D 251 -26.13 -35.66 -8.01
C ASP D 251 -24.69 -35.91 -7.62
N GLU D 252 -24.03 -36.83 -8.33
CA GLU D 252 -22.65 -37.18 -8.01
C GLU D 252 -21.68 -36.05 -8.35
N GLY D 253 -21.98 -35.32 -9.42
CA GLY D 253 -21.22 -34.13 -9.77
C GLY D 253 -21.31 -33.12 -8.64
N PHE D 254 -22.51 -32.95 -8.09
CA PHE D 254 -22.70 -32.03 -6.98
C PHE D 254 -21.90 -32.51 -5.77
N ARG D 255 -22.01 -33.79 -5.45
CA ARG D 255 -21.30 -34.34 -4.31
C ARG D 255 -19.80 -34.13 -4.46
N ALA D 256 -19.28 -34.34 -5.66
CA ALA D 256 -17.85 -34.13 -5.93
C ALA D 256 -17.44 -32.68 -5.70
N GLN D 257 -18.21 -31.75 -6.28
CA GLN D 257 -17.94 -30.32 -6.11
C GLN D 257 -18.00 -29.92 -4.65
N ALA D 258 -19.04 -30.37 -3.97
CA ALA D 258 -19.23 -30.04 -2.55
C ALA D 258 -18.12 -30.64 -1.69
N ARG D 259 -17.71 -31.86 -2.03
CA ARG D 259 -16.64 -32.52 -1.30
C ARG D 259 -15.30 -31.80 -1.45
N ARG D 260 -15.01 -31.30 -2.65
CA ARG D 260 -13.81 -30.50 -2.87
C ARG D 260 -13.83 -29.25 -2.00
N SER D 261 -14.96 -28.54 -2.02
CA SER D 261 -15.13 -27.31 -1.26
C SER D 261 -14.96 -27.55 0.24
N ALA D 262 -15.61 -28.60 0.74
CA ALA D 262 -15.53 -28.94 2.16
C ALA D 262 -14.09 -29.28 2.55
N THR D 263 -13.36 -29.91 1.63
CA THR D 263 -11.97 -30.25 1.87
C THR D 263 -11.10 -28.99 1.96
N LEU D 264 -11.36 -28.02 1.09
CA LEU D 264 -10.56 -26.79 1.09
C LEU D 264 -10.89 -25.84 2.25
N GLY D 265 -12.06 -26.02 2.85
CA GLY D 265 -12.41 -25.24 4.03
C GLY D 265 -13.70 -24.44 3.93
N MET D 266 -14.37 -24.50 2.79
CA MET D 266 -15.69 -23.88 2.66
C MET D 266 -16.71 -24.63 3.51
N VAL D 267 -17.68 -23.91 4.07
CA VAL D 267 -18.52 -24.47 5.12
C VAL D 267 -19.93 -24.86 4.65
N GLY D 268 -20.25 -24.51 3.41
CA GLY D 268 -21.55 -24.81 2.86
C GLY D 268 -21.59 -24.55 1.37
N LYS D 269 -22.77 -24.71 0.77
CA LYS D 269 -22.92 -24.54 -0.66
C LYS D 269 -24.34 -24.12 -0.99
N TRP D 270 -24.50 -23.37 -2.08
CA TRP D 270 -25.82 -22.97 -2.54
C TRP D 270 -26.60 -24.18 -3.03
N ALA D 271 -27.91 -24.14 -2.83
CA ALA D 271 -28.81 -25.02 -3.56
C ALA D 271 -29.66 -24.14 -4.48
N ILE D 272 -29.62 -24.44 -5.77
CA ILE D 272 -30.46 -23.74 -6.73
C ILE D 272 -31.61 -24.61 -7.18
N HIS D 273 -31.79 -25.73 -6.49
CA HIS D 273 -32.89 -26.66 -6.71
C HIS D 273 -33.07 -27.46 -5.42
N PRO D 274 -34.31 -27.74 -5.02
CA PRO D 274 -34.62 -28.42 -3.76
C PRO D 274 -33.84 -29.71 -3.44
N LYS D 275 -33.58 -30.49 -4.47
CA LYS D 275 -32.82 -31.72 -4.40
C LYS D 275 -31.43 -31.52 -3.81
N GLN D 276 -30.86 -30.36 -4.06
CA GLN D 276 -29.49 -30.03 -3.71
C GLN D 276 -29.35 -29.75 -2.22
N VAL D 277 -30.46 -29.46 -1.56
CA VAL D 277 -30.43 -29.18 -0.12
C VAL D 277 -29.95 -30.40 0.66
N ALA D 278 -30.53 -31.56 0.39
CA ALA D 278 -30.12 -32.81 1.03
C ALA D 278 -28.65 -33.11 0.76
N LEU D 279 -28.23 -32.89 -0.49
CA LEU D 279 -26.85 -33.16 -0.88
C LEU D 279 -25.87 -32.27 -0.13
N ALA D 280 -26.18 -30.98 -0.03
CA ALA D 280 -25.34 -30.03 0.68
C ALA D 280 -25.24 -30.37 2.16
N ASN D 281 -26.37 -30.69 2.79
CA ASN D 281 -26.39 -31.06 4.20
C ASN D 281 -25.63 -32.35 4.44
N GLU D 282 -25.69 -33.27 3.50
CA GLU D 282 -24.97 -34.54 3.59
C GLU D 282 -23.46 -34.28 3.64
N VAL D 283 -22.96 -33.55 2.66
CA VAL D 283 -21.53 -33.31 2.53
C VAL D 283 -20.99 -32.39 3.63
N PHE D 284 -21.73 -31.34 3.96
CA PHE D 284 -21.24 -30.33 4.89
C PHE D 284 -21.56 -30.61 6.36
N THR D 285 -22.16 -31.78 6.61
CA THR D 285 -22.25 -32.30 7.97
C THR D 285 -21.25 -33.46 8.05
N PRO D 286 -20.25 -33.34 8.94
CA PRO D 286 -19.25 -34.40 9.10
C PRO D 286 -19.89 -35.74 9.41
N SER D 287 -19.41 -36.80 8.76
CA SER D 287 -19.95 -38.13 8.96
C SER D 287 -19.64 -38.63 10.36
N GLU D 288 -20.35 -39.68 10.79
CA GLU D 288 -20.11 -40.27 12.10
C GLU D 288 -18.70 -40.86 12.17
N THR D 289 -18.23 -41.37 11.03
CA THR D 289 -16.88 -41.92 10.93
C THR D 289 -15.84 -40.83 11.20
N ALA D 290 -16.03 -39.67 10.56
CA ALA D 290 -15.12 -38.55 10.71
C ALA D 290 -15.11 -38.03 12.15
N VAL D 291 -16.29 -37.91 12.75
CA VAL D 291 -16.42 -37.40 14.11
C VAL D 291 -15.78 -38.36 15.12
N THR D 292 -16.01 -39.66 14.92
CA THR D 292 -15.43 -40.68 15.80
C THR D 292 -13.90 -40.60 15.80
N GLU D 293 -13.31 -40.50 14.61
CA GLU D 293 -11.86 -40.40 14.50
C GLU D 293 -11.36 -39.15 15.20
N ALA D 294 -12.07 -38.04 15.00
CA ALA D 294 -11.71 -36.77 15.62
C ALA D 294 -11.67 -36.89 17.14
N ARG D 295 -12.71 -37.49 17.71
CA ARG D 295 -12.79 -37.68 19.15
C ARG D 295 -11.73 -38.66 19.65
N GLU D 296 -11.40 -39.65 18.82
CA GLU D 296 -10.35 -40.61 19.15
C GLU D 296 -8.99 -39.91 19.20
N ILE D 297 -8.76 -38.99 18.26
CA ILE D 297 -7.52 -38.23 18.23
C ILE D 297 -7.43 -37.29 19.43
N LEU D 298 -8.54 -36.63 19.75
CA LEU D 298 -8.62 -35.79 20.93
C LEU D 298 -8.36 -36.60 22.20
N ALA D 299 -8.89 -37.82 22.25
CA ALA D 299 -8.68 -38.70 23.39
C ALA D 299 -7.23 -39.13 23.49
N ALA D 300 -6.65 -39.49 22.35
CA ALA D 300 -5.25 -39.90 22.28
C ALA D 300 -4.31 -38.79 22.74
N MET D 301 -4.59 -37.56 22.30
CA MET D 301 -3.75 -36.42 22.68
C MET D 301 -3.91 -36.07 24.16
N ASP D 302 -5.10 -36.26 24.70
CA ASP D 302 -5.33 -36.08 26.13
C ASP D 302 -4.47 -37.05 26.93
N ALA D 303 -4.46 -38.31 26.48
CA ALA D 303 -3.68 -39.35 27.14
C ALA D 303 -2.18 -39.05 27.04
N ALA D 304 -1.75 -38.57 25.88
CA ALA D 304 -0.35 -38.23 25.66
C ALA D 304 0.08 -37.11 26.61
N LYS D 305 -0.78 -36.11 26.76
CA LYS D 305 -0.53 -34.99 27.65
C LYS D 305 -0.25 -35.46 29.08
N ALA D 306 -1.01 -36.46 29.52
CA ALA D 306 -0.89 -37.01 30.87
C ALA D 306 0.42 -37.78 31.04
N ARG D 307 0.93 -38.34 29.95
CA ARG D 307 2.21 -39.05 29.99
C ARG D 307 3.38 -38.08 29.86
N GLY D 308 3.06 -36.80 29.69
CA GLY D 308 4.09 -35.79 29.49
C GLY D 308 4.55 -35.73 28.05
N GLU D 309 3.63 -35.97 27.13
CA GLU D 309 3.94 -35.97 25.71
C GLU D 309 3.02 -35.03 24.93
N GLY D 310 3.57 -34.38 23.91
CA GLY D 310 2.79 -33.48 23.07
C GLY D 310 2.59 -34.05 21.68
N ALA D 311 3.15 -35.24 21.47
CA ALA D 311 3.01 -35.95 20.19
C ALA D 311 2.94 -37.45 20.45
N THR D 312 2.16 -38.14 19.63
CA THR D 312 2.07 -39.60 19.76
C THR D 312 1.66 -40.24 18.44
N VAL D 313 1.38 -41.55 18.49
CA VAL D 313 1.02 -42.29 17.29
C VAL D 313 -0.46 -42.65 17.28
N TYR D 314 -1.12 -42.38 16.16
CA TYR D 314 -2.51 -42.76 15.96
C TYR D 314 -2.66 -43.45 14.62
N LYS D 315 -2.97 -44.76 14.66
CA LYS D 315 -3.09 -45.57 13.45
C LYS D 315 -1.88 -45.44 12.53
N GLY D 316 -0.70 -45.57 13.10
CA GLY D 316 0.54 -45.59 12.33
C GLY D 316 0.96 -44.24 11.77
N ARG D 317 0.30 -43.17 12.21
CA ARG D 317 0.69 -41.83 11.76
C ARG D 317 0.89 -40.89 12.95
N LEU D 318 1.53 -39.75 12.69
CA LEU D 318 1.78 -38.76 13.73
C LEU D 318 0.54 -37.95 14.05
N VAL D 319 0.28 -37.77 15.34
CA VAL D 319 -0.63 -36.72 15.79
C VAL D 319 0.06 -35.88 16.86
N ASP D 320 -0.15 -34.57 16.82
CA ASP D 320 0.39 -33.70 17.85
C ASP D 320 -0.61 -32.59 18.21
N ILE D 321 -0.09 -31.52 18.82
CA ILE D 321 -0.96 -30.45 19.30
C ILE D 321 -1.78 -29.81 18.19
N ALA D 322 -1.22 -29.73 16.99
CA ALA D 322 -1.96 -29.22 15.83
C ALA D 322 -3.14 -30.13 15.46
N SER D 323 -2.98 -31.43 15.71
CA SER D 323 -4.04 -32.40 15.42
C SER D 323 -5.28 -32.14 16.28
N ILE D 324 -5.07 -31.58 17.46
CA ILE D 324 -6.18 -31.21 18.33
C ILE D 324 -7.07 -30.17 17.65
N LYS D 325 -6.45 -29.14 17.09
CA LYS D 325 -7.17 -28.09 16.40
C LYS D 325 -7.89 -28.64 15.16
N GLN D 326 -7.24 -29.53 14.44
CA GLN D 326 -7.86 -30.15 13.27
C GLN D 326 -9.09 -30.97 13.67
N ALA D 327 -8.95 -31.78 14.72
CA ALA D 327 -10.06 -32.58 15.21
C ALA D 327 -11.22 -31.68 15.65
N GLU D 328 -10.88 -30.53 16.23
CA GLU D 328 -11.90 -29.59 16.68
C GLU D 328 -12.64 -28.92 15.52
N VAL D 329 -11.98 -28.84 14.36
CA VAL D 329 -12.63 -28.36 13.15
C VAL D 329 -13.77 -29.30 12.76
N ILE D 330 -13.50 -30.61 12.83
CA ILE D 330 -14.49 -31.62 12.47
C ILE D 330 -15.65 -31.64 13.46
N VAL D 331 -15.33 -31.69 14.75
CA VAL D 331 -16.33 -31.75 15.81
C VAL D 331 -17.25 -30.52 15.80
N ARG D 332 -16.66 -29.35 15.56
CA ARG D 332 -17.41 -28.09 15.57
C ARG D 332 -18.51 -28.06 14.52
N GLN D 333 -18.18 -28.47 13.29
CA GLN D 333 -19.17 -28.49 12.21
C GLN D 333 -20.25 -29.56 12.46
N ALA D 334 -19.90 -30.57 13.24
CA ALA D 334 -20.84 -31.63 13.59
C ALA D 334 -21.80 -31.17 14.69
N GLU D 335 -21.32 -30.26 15.55
CA GLU D 335 -22.09 -29.83 16.71
C GLU D 335 -22.85 -28.52 16.50
N MET D 336 -22.93 -28.07 15.25
CA MET D 336 -23.70 -26.87 14.95
C MET D 336 -25.20 -27.14 15.14
N PHE E 24 18.97 -4.06 -10.96
CA PHE E 24 18.63 -4.65 -12.25
C PHE E 24 19.42 -5.93 -12.49
N ARG E 25 19.19 -6.91 -11.63
CA ARG E 25 19.87 -8.19 -11.70
C ARG E 25 18.86 -9.33 -11.61
N LEU E 26 19.36 -10.56 -11.65
CA LEU E 26 18.53 -11.72 -11.42
C LEU E 26 18.08 -11.70 -9.97
N GLN E 27 17.09 -12.52 -9.64
CA GLN E 27 16.60 -12.62 -8.27
C GLN E 27 17.75 -12.94 -7.31
N PRO E 28 17.68 -12.43 -6.08
CA PRO E 28 18.75 -12.69 -5.10
C PRO E 28 18.93 -14.19 -4.85
N ALA E 29 20.18 -14.61 -4.72
CA ALA E 29 20.49 -16.00 -4.47
C ALA E 29 20.08 -16.40 -3.05
N PRO E 30 19.49 -17.58 -2.90
CA PRO E 30 19.16 -18.11 -1.57
C PRO E 30 20.43 -18.67 -0.92
N PRO E 31 20.38 -18.97 0.39
CA PRO E 31 21.54 -19.61 1.04
C PRO E 31 21.93 -20.87 0.30
N ALA E 32 23.23 -21.13 0.21
CA ALA E 32 23.74 -22.24 -0.59
C ALA E 32 23.83 -23.55 0.19
N ARG E 33 23.54 -23.47 1.50
CA ARG E 33 23.63 -24.65 2.35
C ARG E 33 22.56 -25.67 1.99
N PRO E 34 22.85 -26.96 2.21
CA PRO E 34 21.85 -28.00 1.94
C PRO E 34 20.68 -27.92 2.93
N ASN E 35 19.50 -28.26 2.44
CA ASN E 35 18.28 -28.20 3.24
C ASN E 35 17.30 -29.23 2.68
N ARG E 36 17.81 -30.42 2.41
CA ARG E 36 17.02 -31.48 1.80
C ARG E 36 16.03 -32.07 2.79
N CYS E 37 16.40 -32.05 4.07
CA CYS E 37 15.58 -32.65 5.09
C CYS E 37 15.80 -31.98 6.44
N GLN E 38 14.70 -31.62 7.10
CA GLN E 38 14.77 -31.07 8.45
C GLN E 38 14.15 -32.06 9.43
N LEU E 39 14.99 -32.68 10.26
CA LEU E 39 14.54 -33.68 11.21
C LEU E 39 14.10 -33.05 12.52
N PHE E 40 12.84 -33.27 12.88
CA PHE E 40 12.26 -32.70 14.10
C PHE E 40 12.23 -33.71 15.24
N GLY E 41 12.33 -33.20 16.47
CA GLY E 41 12.21 -34.02 17.67
C GLY E 41 11.80 -33.15 18.85
N PRO E 42 10.92 -33.69 19.71
CA PRO E 42 10.45 -32.95 20.89
C PRO E 42 11.56 -32.66 21.89
N GLY E 43 11.62 -31.44 22.39
CA GLY E 43 12.60 -31.08 23.40
C GLY E 43 12.38 -31.80 24.71
N SER E 44 11.18 -32.35 24.90
CA SER E 44 10.83 -33.06 26.12
C SER E 44 11.24 -34.53 26.06
N ARG E 45 11.78 -34.95 24.92
CA ARG E 45 12.27 -36.32 24.77
C ARG E 45 13.74 -36.30 24.36
N PRO E 46 14.63 -35.93 25.29
CA PRO E 46 16.04 -35.67 25.02
C PRO E 46 16.82 -36.93 24.60
N ALA E 47 16.23 -38.10 24.80
CA ALA E 47 16.89 -39.35 24.40
C ALA E 47 17.02 -39.43 22.88
N LEU E 48 16.18 -38.67 22.17
CA LEU E 48 16.20 -38.66 20.71
C LEU E 48 17.37 -37.85 20.16
N PHE E 49 17.89 -36.92 20.97
CA PHE E 49 18.85 -35.94 20.51
C PHE E 49 20.10 -36.54 19.85
N GLU E 50 20.74 -37.49 20.53
CA GLU E 50 21.95 -38.10 19.98
C GLU E 50 21.66 -38.88 18.70
N LYS E 51 20.45 -39.41 18.59
CA LYS E 51 20.02 -40.13 17.41
C LYS E 51 19.81 -39.17 16.24
N MET E 52 19.26 -38.00 16.54
CA MET E 52 19.06 -36.96 15.52
C MET E 52 20.41 -36.45 15.02
N ALA E 53 21.36 -36.29 15.93
CA ALA E 53 22.68 -35.80 15.58
C ALA E 53 23.43 -36.80 14.69
N ALA E 54 23.09 -38.07 14.82
CA ALA E 54 23.76 -39.12 14.06
C ALA E 54 23.05 -39.44 12.74
N SER E 55 21.93 -38.77 12.50
CA SER E 55 21.13 -39.02 11.31
C SER E 55 21.77 -38.47 10.05
N ALA E 56 21.12 -38.66 8.92
CA ALA E 56 21.60 -38.14 7.64
C ALA E 56 20.84 -36.89 7.22
N ALA E 57 20.21 -36.23 8.20
CA ALA E 57 19.45 -35.01 7.93
C ALA E 57 20.36 -33.79 7.86
N ASP E 58 20.07 -32.89 6.91
CA ASP E 58 20.87 -31.68 6.75
C ASP E 58 20.62 -30.69 7.88
N VAL E 59 19.36 -30.60 8.30
CA VAL E 59 18.97 -29.63 9.32
C VAL E 59 18.29 -30.34 10.48
N ILE E 60 18.61 -29.90 11.69
CA ILE E 60 17.97 -30.42 12.89
C ILE E 60 17.07 -29.38 13.52
N ASN E 61 15.82 -29.74 13.79
CA ASN E 61 14.90 -28.86 14.51
C ASN E 61 14.48 -29.44 15.86
N LEU E 62 15.08 -28.93 16.93
CA LEU E 62 14.67 -29.29 18.28
C LEU E 62 13.44 -28.48 18.65
N ASP E 63 12.37 -29.16 19.07
CA ASP E 63 11.07 -28.51 19.17
C ASP E 63 10.67 -28.08 20.59
N LEU E 64 10.19 -26.84 20.69
CA LEU E 64 9.62 -26.34 21.93
C LEU E 64 8.11 -26.16 21.78
N GLU E 65 7.63 -26.27 20.55
CA GLU E 65 6.23 -25.94 20.26
C GLU E 65 5.30 -27.17 20.28
N ASP E 66 4.67 -27.46 19.14
CA ASP E 66 3.51 -28.36 19.10
C ASP E 66 3.76 -29.86 19.34
N SER E 67 5.00 -30.26 19.56
CA SER E 67 5.26 -31.65 19.95
C SER E 67 5.52 -31.75 21.45
N VAL E 68 5.44 -30.61 22.14
CA VAL E 68 5.72 -30.55 23.56
C VAL E 68 4.52 -29.99 24.33
N ALA E 69 3.94 -30.82 25.20
CA ALA E 69 2.82 -30.41 26.04
C ALA E 69 3.21 -29.21 26.90
N PRO E 70 2.24 -28.30 27.17
CA PRO E 70 2.47 -27.05 27.90
C PRO E 70 3.25 -27.22 29.21
N ASP E 71 2.92 -28.24 29.99
CA ASP E 71 3.57 -28.44 31.29
C ASP E 71 5.03 -28.85 31.17
N ASP E 72 5.44 -29.29 29.98
CA ASP E 72 6.78 -29.80 29.77
C ASP E 72 7.69 -28.82 29.01
N LYS E 73 7.14 -27.67 28.66
CA LYS E 73 7.88 -26.70 27.84
C LYS E 73 9.09 -26.10 28.54
N ALA E 74 8.97 -25.85 29.84
CA ALA E 74 10.09 -25.27 30.59
C ALA E 74 11.26 -26.25 30.68
N GLN E 75 10.96 -27.52 30.91
CA GLN E 75 12.00 -28.54 30.96
C GLN E 75 12.56 -28.79 29.57
N ALA E 76 11.71 -28.78 28.56
CA ALA E 76 12.14 -28.95 27.17
C ALA E 76 13.16 -27.87 26.80
N ARG E 77 12.91 -26.66 27.28
CA ARG E 77 13.82 -25.53 27.06
C ARG E 77 15.18 -25.79 27.68
N ALA E 78 15.18 -26.33 28.90
CA ALA E 78 16.42 -26.68 29.60
C ALA E 78 17.14 -27.81 28.88
N ASN E 79 16.39 -28.81 28.44
CA ASN E 79 16.96 -29.94 27.69
C ASN E 79 17.65 -29.49 26.41
N ILE E 80 16.98 -28.62 25.67
CA ILE E 80 17.49 -28.15 24.38
C ILE E 80 18.77 -27.32 24.53
N ILE E 81 18.80 -26.44 25.52
CA ILE E 81 19.99 -25.66 25.82
C ILE E 81 21.17 -26.57 26.18
N GLU E 82 20.89 -27.60 26.97
CA GLU E 82 21.90 -28.59 27.33
C GLU E 82 22.44 -29.29 26.08
N ALA E 83 21.54 -29.61 25.16
CA ALA E 83 21.90 -30.33 23.94
C ALA E 83 22.71 -29.47 22.98
N ILE E 84 22.35 -28.18 22.91
CA ILE E 84 23.07 -27.23 22.07
C ILE E 84 24.51 -27.09 22.56
N ASN E 85 24.68 -27.04 23.88
CA ASN E 85 26.00 -26.82 24.47
C ASN E 85 26.82 -28.09 24.69
N GLY E 86 26.15 -29.24 24.69
CA GLY E 86 26.79 -30.48 25.10
C GLY E 86 26.99 -31.56 24.05
N LEU E 87 26.15 -31.57 23.03
CA LEU E 87 26.22 -32.61 22.01
C LEU E 87 27.07 -32.21 20.82
N ASP E 88 27.62 -33.22 20.14
CA ASP E 88 28.36 -33.02 18.90
C ASP E 88 27.38 -33.09 17.73
N TRP E 89 27.13 -31.95 17.11
CA TRP E 89 26.15 -31.87 16.03
C TRP E 89 26.78 -31.95 14.64
N GLY E 90 28.08 -32.19 14.60
CA GLY E 90 28.79 -32.34 13.33
C GLY E 90 28.64 -31.13 12.42
N ARG E 91 28.25 -31.40 11.17
CA ARG E 91 28.09 -30.35 10.16
C ARG E 91 26.64 -29.92 10.02
N LYS E 92 25.78 -30.42 10.90
CA LYS E 92 24.35 -30.14 10.78
C LYS E 92 23.99 -28.70 11.11
N TYR E 93 23.01 -28.15 10.39
CA TYR E 93 22.49 -26.83 10.70
C TYR E 93 21.51 -27.00 11.85
N LEU E 94 21.78 -26.34 12.97
CA LEU E 94 21.05 -26.58 14.21
C LEU E 94 20.01 -25.50 14.46
N SER E 95 18.73 -25.90 14.44
CA SER E 95 17.64 -24.95 14.64
C SER E 95 16.74 -25.37 15.79
N VAL E 96 16.09 -24.39 16.41
CA VAL E 96 15.11 -24.64 17.47
C VAL E 96 13.79 -23.97 17.12
N ARG E 97 12.70 -24.74 17.10
CA ARG E 97 11.39 -24.14 16.92
C ARG E 97 10.86 -23.62 18.24
N ILE E 98 10.73 -22.30 18.34
CA ILE E 98 10.22 -21.67 19.55
C ILE E 98 8.71 -21.68 19.54
N ASN E 99 8.11 -21.25 20.64
CA ASN E 99 6.65 -21.14 20.69
C ASN E 99 6.16 -19.88 19.99
N GLY E 100 4.87 -19.86 19.63
CA GLY E 100 4.32 -18.79 18.83
C GLY E 100 4.14 -17.48 19.58
N LEU E 101 3.96 -16.40 18.84
CA LEU E 101 3.83 -15.08 19.44
C LEU E 101 2.48 -14.86 20.13
N ASP E 102 1.58 -15.82 20.01
CA ASP E 102 0.29 -15.73 20.70
C ASP E 102 0.30 -16.51 22.01
N THR E 103 1.49 -16.95 22.42
CA THR E 103 1.67 -17.72 23.66
C THR E 103 2.50 -16.93 24.67
N PRO E 104 2.41 -17.30 25.96
CA PRO E 104 3.27 -16.68 26.98
C PRO E 104 4.70 -17.22 26.95
N PHE E 105 4.92 -18.29 26.20
CA PHE E 105 6.20 -19.01 26.22
C PHE E 105 7.30 -18.39 25.35
N TRP E 106 6.91 -17.76 24.24
CA TRP E 106 7.88 -17.38 23.20
C TRP E 106 9.03 -16.50 23.69
N TYR E 107 8.71 -15.53 24.54
CA TYR E 107 9.73 -14.59 24.99
C TYR E 107 10.77 -15.29 25.87
N ARG E 108 10.32 -16.24 26.68
CA ARG E 108 11.22 -17.00 27.54
C ARG E 108 12.09 -17.92 26.68
N ASP E 109 11.49 -18.50 25.65
CA ASP E 109 12.25 -19.32 24.71
C ASP E 109 13.41 -18.53 24.14
N VAL E 110 13.11 -17.37 23.58
CA VAL E 110 14.14 -16.54 22.93
C VAL E 110 15.18 -16.01 23.92
N VAL E 111 14.72 -15.49 25.05
CA VAL E 111 15.65 -14.95 26.06
C VAL E 111 16.62 -16.01 26.58
N ASP E 112 16.09 -17.17 26.98
CA ASP E 112 16.94 -18.23 27.52
C ASP E 112 17.90 -18.81 26.48
N LEU E 113 17.41 -19.09 25.28
CA LEU E 113 18.25 -19.60 24.21
C LEU E 113 19.44 -18.67 23.94
N LEU E 114 19.16 -17.38 23.81
CA LEU E 114 20.21 -16.44 23.45
C LEU E 114 21.11 -16.03 24.61
N GLU E 115 20.60 -16.17 25.84
CA GLU E 115 21.39 -15.84 27.01
C GLU E 115 22.15 -17.05 27.55
N GLN E 116 21.66 -18.26 27.28
CA GLN E 116 22.23 -19.46 27.88
C GLN E 116 22.93 -20.42 26.90
N ALA E 117 22.41 -20.54 25.69
CA ALA E 117 23.01 -21.45 24.71
C ALA E 117 24.30 -20.86 24.12
N GLY E 118 25.23 -21.73 23.77
CA GLY E 118 26.48 -21.31 23.16
C GLY E 118 26.30 -21.00 21.70
N ASP E 119 27.40 -20.88 20.96
CA ASP E 119 27.33 -20.46 19.57
C ASP E 119 27.07 -21.59 18.57
N ARG E 120 26.82 -22.80 19.06
CA ARG E 120 26.54 -23.91 18.16
C ARG E 120 25.16 -23.77 17.53
N LEU E 121 24.27 -23.06 18.20
CA LEU E 121 22.95 -22.78 17.67
C LEU E 121 23.05 -21.95 16.40
N ASP E 122 22.40 -22.41 15.33
CA ASP E 122 22.46 -21.73 14.04
C ASP E 122 21.23 -20.89 13.75
N GLN E 123 20.07 -21.36 14.23
CA GLN E 123 18.81 -20.85 13.71
C GLN E 123 17.66 -21.04 14.69
N ILE E 124 16.65 -20.18 14.60
CA ILE E 124 15.38 -20.45 15.26
C ILE E 124 14.24 -20.44 14.26
N MET E 125 13.28 -21.34 14.46
CA MET E 125 12.09 -21.42 13.63
C MET E 125 10.91 -20.79 14.35
N ILE E 126 10.27 -19.83 13.71
CA ILE E 126 9.09 -19.18 14.28
C ILE E 126 7.84 -19.76 13.65
N PRO E 127 6.95 -20.32 14.48
CA PRO E 127 5.71 -20.94 13.99
C PRO E 127 4.56 -19.96 13.87
N LYS E 128 3.53 -20.33 13.12
CA LYS E 128 2.28 -19.59 13.03
C LYS E 128 2.43 -18.11 12.68
N VAL E 129 3.39 -17.81 11.83
CA VAL E 129 3.65 -16.44 11.40
C VAL E 129 2.52 -15.95 10.49
N GLY E 130 1.93 -14.81 10.85
CA GLY E 130 0.79 -14.28 10.13
C GLY E 130 1.05 -13.00 9.37
N CYS E 131 2.17 -12.35 9.68
CA CYS E 131 2.53 -11.09 9.03
C CYS E 131 4.00 -10.77 9.22
N ALA E 132 4.52 -9.84 8.43
CA ALA E 132 5.92 -9.45 8.52
C ALA E 132 6.30 -8.96 9.92
N ALA E 133 5.38 -8.26 10.57
CA ALA E 133 5.62 -7.70 11.89
C ALA E 133 5.92 -8.76 12.96
N ASP E 134 5.40 -9.97 12.76
CA ASP E 134 5.70 -11.07 13.67
C ASP E 134 7.20 -11.40 13.66
N VAL E 135 7.77 -11.46 12.47
CA VAL E 135 9.19 -11.77 12.32
C VAL E 135 10.03 -10.60 12.81
N TYR E 136 9.56 -9.38 12.54
CA TYR E 136 10.24 -8.17 12.98
C TYR E 136 10.33 -8.12 14.50
N ALA E 137 9.26 -8.55 15.16
CA ALA E 137 9.21 -8.58 16.62
C ALA E 137 10.27 -9.50 17.23
N VAL E 138 10.43 -10.68 16.64
CA VAL E 138 11.43 -11.63 17.10
C VAL E 138 12.83 -11.11 16.77
N ASP E 139 12.97 -10.50 15.60
CA ASP E 139 14.24 -9.91 15.17
C ASP E 139 14.67 -8.84 16.17
N ALA E 140 13.72 -8.00 16.59
CA ALA E 140 14.00 -6.94 17.54
C ALA E 140 14.54 -7.48 18.85
N LEU E 141 13.91 -8.53 19.36
CA LEU E 141 14.34 -9.15 20.60
C LEU E 141 15.70 -9.84 20.44
N VAL E 142 15.80 -10.69 19.43
CA VAL E 142 17.03 -11.44 19.17
C VAL E 142 18.24 -10.53 18.97
N THR E 143 18.08 -9.47 18.18
CA THR E 143 19.15 -8.52 17.90
C THR E 143 19.68 -7.88 19.19
N ALA E 144 18.75 -7.49 20.06
CA ALA E 144 19.13 -6.85 21.32
C ALA E 144 19.94 -7.78 22.22
N ILE E 145 19.54 -9.04 22.31
CA ILE E 145 20.24 -9.99 23.18
C ILE E 145 21.61 -10.33 22.60
N GLU E 146 21.69 -10.49 21.28
CA GLU E 146 22.96 -10.78 20.62
C GLU E 146 23.96 -9.65 20.88
N ARG E 147 23.47 -8.42 20.85
CA ARG E 147 24.32 -7.27 21.16
C ARG E 147 24.72 -7.22 22.63
N ALA E 148 23.75 -7.46 23.50
CA ALA E 148 23.99 -7.38 24.94
C ALA E 148 24.98 -8.44 25.41
N LYS E 149 24.92 -9.62 24.81
CA LYS E 149 25.73 -10.75 25.23
C LYS E 149 26.95 -10.96 24.34
N GLY E 150 27.08 -10.14 23.31
CA GLY E 150 28.20 -10.22 22.40
C GLY E 150 28.30 -11.56 21.70
N ARG E 151 27.15 -12.08 21.25
CA ARG E 151 27.13 -13.35 20.53
C ARG E 151 27.86 -13.20 19.20
N THR E 152 28.72 -14.17 18.90
CA THR E 152 29.62 -14.06 17.76
C THR E 152 29.01 -14.58 16.45
N LYS E 153 28.02 -15.46 16.56
CA LYS E 153 27.33 -15.96 15.37
C LYS E 153 25.86 -15.58 15.40
N PRO E 154 25.50 -14.50 14.69
CA PRO E 154 24.09 -14.07 14.60
C PRO E 154 23.21 -15.18 14.06
N LEU E 155 22.04 -15.36 14.66
CA LEU E 155 21.12 -16.41 14.22
C LEU E 155 20.49 -16.06 12.89
N SER E 156 20.21 -17.09 12.09
CA SER E 156 19.33 -16.92 10.95
C SER E 156 17.92 -17.27 11.41
N PHE E 157 16.92 -16.89 10.64
CA PHE E 157 15.54 -17.22 10.97
C PHE E 157 14.95 -18.14 9.91
N GLU E 158 13.99 -18.95 10.34
CA GLU E 158 13.09 -19.62 9.41
C GLU E 158 11.68 -19.52 9.98
N VAL E 159 10.67 -19.57 9.13
CA VAL E 159 9.29 -19.44 9.58
C VAL E 159 8.41 -20.54 9.01
N ILE E 160 7.25 -20.73 9.62
CA ILE E 160 6.26 -21.64 9.08
C ILE E 160 5.04 -20.85 8.61
N ILE E 161 4.66 -21.06 7.35
CA ILE E 161 3.38 -20.58 6.86
C ILE E 161 2.38 -21.69 7.11
N GLU E 162 1.55 -21.50 8.13
CA GLU E 162 0.61 -22.55 8.53
C GLU E 162 -0.70 -21.95 9.03
N SER E 163 -1.11 -20.85 8.43
CA SER E 163 -2.38 -20.23 8.77
C SER E 163 -2.91 -19.49 7.54
N ALA E 164 -4.20 -19.18 7.56
CA ALA E 164 -4.82 -18.44 6.48
C ALA E 164 -4.15 -17.09 6.33
N ALA E 165 -3.85 -16.45 7.47
CA ALA E 165 -3.18 -15.16 7.47
C ALA E 165 -1.77 -15.28 6.93
N GLY E 166 -1.10 -16.38 7.25
CA GLY E 166 0.24 -16.63 6.77
C GLY E 166 0.32 -16.67 5.24
N ILE E 167 -0.57 -17.45 4.63
CA ILE E 167 -0.55 -17.60 3.17
C ILE E 167 -1.04 -16.35 2.46
N ALA E 168 -1.95 -15.62 3.09
CA ALA E 168 -2.47 -14.38 2.51
C ALA E 168 -1.41 -13.29 2.52
N HIS E 169 -0.47 -13.37 3.46
CA HIS E 169 0.57 -12.36 3.59
C HIS E 169 1.94 -12.96 3.31
N VAL E 170 1.98 -13.98 2.46
CA VAL E 170 3.20 -14.78 2.29
C VAL E 170 4.39 -13.98 1.74
N GLU E 171 4.14 -13.06 0.82
CA GLU E 171 5.26 -12.30 0.26
C GLU E 171 5.87 -11.34 1.27
N GLU E 172 5.03 -10.62 2.01
CA GLU E 172 5.55 -9.67 2.99
C GLU E 172 6.36 -10.39 4.08
N ILE E 173 5.92 -11.59 4.42
CA ILE E 173 6.64 -12.42 5.39
C ILE E 173 8.01 -12.83 4.84
N ALA E 174 8.04 -13.20 3.55
CA ALA E 174 9.29 -13.59 2.90
C ALA E 174 10.32 -12.45 2.86
N ALA E 175 9.83 -11.21 2.90
CA ALA E 175 10.71 -10.05 2.84
C ALA E 175 10.95 -9.41 4.20
N SER E 176 10.53 -10.09 5.27
CA SER E 176 10.42 -9.48 6.59
C SER E 176 11.72 -9.30 7.38
N SER E 177 12.77 -10.01 6.99
CA SER E 177 14.03 -9.92 7.74
C SER E 177 15.23 -10.42 6.95
N PRO E 178 16.36 -9.70 7.06
CA PRO E 178 17.61 -10.16 6.45
C PRO E 178 18.11 -11.46 7.07
N ARG E 179 17.57 -11.82 8.24
CA ARG E 179 17.93 -13.08 8.90
C ARG E 179 17.23 -14.29 8.26
N LEU E 180 16.14 -14.04 7.56
CA LEU E 180 15.28 -15.11 7.07
C LEU E 180 15.96 -15.93 5.98
N GLN E 181 16.05 -17.24 6.19
CA GLN E 181 16.71 -18.14 5.25
C GLN E 181 15.76 -19.20 4.67
N ALA E 182 14.69 -19.52 5.40
CA ALA E 182 13.80 -20.57 4.96
C ALA E 182 12.34 -20.35 5.38
N MET E 183 11.44 -20.89 4.57
CA MET E 183 10.01 -20.83 4.88
CA MET E 183 10.01 -20.82 4.86
C MET E 183 9.37 -22.19 4.62
N SER E 184 8.75 -22.75 5.64
CA SER E 184 8.09 -24.05 5.53
C SER E 184 6.58 -23.94 5.47
N LEU E 185 5.93 -24.80 4.70
CA LEU E 185 4.49 -24.97 4.79
C LEU E 185 4.20 -25.95 5.91
N GLY E 186 3.24 -25.61 6.77
CA GLY E 186 2.84 -26.52 7.84
C GLY E 186 1.41 -26.99 7.61
N ALA E 187 1.26 -28.13 6.95
CA ALA E 187 -0.06 -28.59 6.50
C ALA E 187 -1.06 -28.90 7.61
N ALA E 188 -0.57 -29.27 8.79
CA ALA E 188 -1.47 -29.60 9.90
C ALA E 188 -2.19 -28.34 10.40
N ASP E 189 -1.42 -27.37 10.87
CA ASP E 189 -1.98 -26.09 11.30
C ASP E 189 -2.68 -25.36 10.16
N PHE E 190 -2.14 -25.49 8.95
CA PHE E 190 -2.76 -24.82 7.80
C PHE E 190 -4.17 -25.37 7.58
N ALA E 191 -4.31 -26.69 7.63
CA ALA E 191 -5.61 -27.33 7.48
C ALA E 191 -6.59 -26.86 8.56
N ALA E 192 -6.12 -26.85 9.81
CA ALA E 192 -6.95 -26.41 10.93
C ALA E 192 -7.37 -24.96 10.79
N SER E 193 -6.41 -24.10 10.45
CA SER E 193 -6.66 -22.68 10.29
C SER E 193 -7.65 -22.41 9.15
N MET E 194 -7.49 -23.14 8.05
CA MET E 194 -8.32 -22.95 6.87
C MET E 194 -9.70 -23.58 7.04
N GLY E 195 -9.84 -24.43 8.05
CA GLY E 195 -11.08 -25.13 8.28
C GLY E 195 -11.25 -26.31 7.33
N MET E 196 -10.14 -26.82 6.84
CA MET E 196 -10.16 -27.99 5.95
C MET E 196 -10.73 -29.20 6.69
N GLN E 197 -11.67 -29.90 6.05
CA GLN E 197 -12.26 -31.08 6.67
C GLN E 197 -11.34 -32.28 6.57
N THR E 198 -10.33 -32.32 7.44
CA THR E 198 -9.39 -33.43 7.48
C THR E 198 -8.64 -33.44 8.80
N THR E 199 -8.16 -34.62 9.20
CA THR E 199 -7.32 -34.74 10.39
C THR E 199 -5.94 -35.25 10.00
N GLY E 200 -5.75 -35.48 8.70
CA GLY E 200 -4.46 -35.93 8.20
C GLY E 200 -3.48 -34.78 8.08
N ILE E 201 -2.22 -35.10 7.85
CA ILE E 201 -1.18 -34.09 7.72
C ILE E 201 -0.50 -34.21 6.36
N GLY E 202 -0.90 -33.35 5.44
CA GLY E 202 -0.38 -33.38 4.07
C GLY E 202 -0.95 -34.53 3.27
N GLY E 203 -0.46 -34.70 2.04
CA GLY E 203 -0.83 -35.84 1.23
C GLY E 203 -2.17 -35.69 0.53
N THR E 204 -2.59 -36.75 -0.14
CA THR E 204 -3.84 -36.89 -0.84
C THR E 204 -5.06 -36.74 0.10
N GLN E 205 -6.12 -36.08 -0.33
CA GLN E 205 -7.34 -36.04 0.45
C GLN E 205 -8.42 -36.80 -0.32
N GLU E 206 -9.03 -37.77 0.35
CA GLU E 206 -10.01 -38.65 -0.27
C GLU E 206 -11.14 -37.88 -0.94
N ASN E 207 -11.57 -36.79 -0.31
CA ASN E 207 -12.69 -36.00 -0.81
C ASN E 207 -12.29 -34.88 -1.77
N TYR E 208 -11.02 -34.87 -2.20
CA TYR E 208 -10.59 -33.88 -3.18
C TYR E 208 -10.25 -34.55 -4.52
N TYR E 209 -11.27 -34.72 -5.36
CA TYR E 209 -11.13 -35.41 -6.63
C TYR E 209 -12.05 -34.77 -7.65
N MET E 210 -11.74 -34.99 -8.93
CA MET E 210 -12.65 -34.59 -10.01
C MET E 210 -13.41 -35.82 -10.48
N LEU E 211 -14.71 -35.69 -10.65
CA LEU E 211 -15.52 -36.76 -11.21
C LEU E 211 -15.65 -36.55 -12.71
N HIS E 212 -15.27 -37.55 -13.48
CA HIS E 212 -15.41 -37.48 -14.92
C HIS E 212 -15.90 -38.80 -15.48
N ASP E 213 -17.06 -38.74 -16.09
CA ASP E 213 -17.78 -39.89 -16.63
C ASP E 213 -17.70 -41.06 -15.71
N GLY E 214 -18.02 -40.86 -14.48
CA GLY E 214 -18.12 -41.89 -13.48
C GLY E 214 -16.81 -42.23 -12.80
N GLN E 215 -15.71 -41.74 -13.32
CA GLN E 215 -14.40 -41.99 -12.77
C GLN E 215 -13.85 -40.85 -11.89
N LYS E 216 -13.22 -41.21 -10.78
CA LYS E 216 -12.65 -40.22 -9.89
C LYS E 216 -11.18 -39.97 -10.18
N HIS E 217 -10.80 -38.70 -10.24
CA HIS E 217 -9.40 -38.32 -10.46
C HIS E 217 -8.95 -37.37 -9.36
N TRP E 218 -8.05 -37.85 -8.50
CA TRP E 218 -7.62 -37.05 -7.35
C TRP E 218 -6.68 -35.93 -7.75
N SER E 219 -6.87 -34.77 -7.12
CA SER E 219 -6.12 -33.56 -7.47
C SER E 219 -5.38 -33.01 -6.25
N ASP E 220 -4.53 -32.01 -6.47
CA ASP E 220 -3.71 -31.44 -5.40
C ASP E 220 -4.43 -30.32 -4.65
N PRO E 221 -4.80 -30.56 -3.38
CA PRO E 221 -5.51 -29.58 -2.57
C PRO E 221 -4.56 -28.57 -1.92
N TRP E 222 -3.26 -28.75 -2.14
CA TRP E 222 -2.25 -27.88 -1.53
C TRP E 222 -1.53 -27.03 -2.57
N HIS E 223 -2.00 -27.07 -3.81
CA HIS E 223 -1.26 -26.48 -4.93
C HIS E 223 -0.89 -25.00 -4.75
N TRP E 224 -1.90 -24.15 -4.57
CA TRP E 224 -1.67 -22.71 -4.45
C TRP E 224 -0.77 -22.37 -3.27
N ALA E 225 -1.07 -22.93 -2.10
CA ALA E 225 -0.29 -22.68 -0.91
C ALA E 225 1.19 -23.00 -1.14
N GLN E 226 1.46 -24.14 -1.75
CA GLN E 226 2.84 -24.54 -2.02
C GLN E 226 3.49 -23.65 -3.08
N ALA E 227 2.76 -23.38 -4.17
CA ALA E 227 3.30 -22.56 -5.25
C ALA E 227 3.54 -21.12 -4.84
N ALA E 228 2.60 -20.55 -4.09
CA ALA E 228 2.72 -19.17 -3.61
C ALA E 228 3.89 -19.01 -2.65
N ILE E 229 4.12 -20.03 -1.83
CA ILE E 229 5.26 -20.01 -0.92
C ILE E 229 6.58 -20.05 -1.70
N VAL E 230 6.65 -20.88 -2.74
CA VAL E 230 7.83 -20.94 -3.58
C VAL E 230 8.09 -19.59 -4.27
N ALA E 231 7.03 -18.99 -4.80
CA ALA E 231 7.13 -17.70 -5.48
C ALA E 231 7.64 -16.62 -4.54
N ALA E 232 7.04 -16.54 -3.35
CA ALA E 232 7.45 -15.55 -2.36
C ALA E 232 8.92 -15.72 -1.98
N CYS E 233 9.34 -16.96 -1.78
CA CYS E 233 10.71 -17.26 -1.35
C CYS E 233 11.74 -16.91 -2.42
N ARG E 234 11.50 -17.37 -3.65
CA ARG E 234 12.45 -17.14 -4.73
C ARG E 234 12.53 -15.66 -5.09
N THR E 235 11.43 -14.94 -4.90
CA THR E 235 11.42 -13.50 -5.13
C THR E 235 12.40 -12.80 -4.19
N HIS E 236 12.53 -13.31 -2.96
CA HIS E 236 13.29 -12.61 -1.93
C HIS E 236 14.53 -13.34 -1.43
N GLY E 237 14.94 -14.40 -2.13
CA GLY E 237 16.17 -15.10 -1.80
C GLY E 237 16.05 -16.02 -0.60
N ILE E 238 14.89 -16.65 -0.46
CA ILE E 238 14.62 -17.53 0.67
C ILE E 238 14.43 -18.96 0.16
N LEU E 239 14.72 -19.94 1.01
CA LEU E 239 14.51 -21.35 0.67
C LEU E 239 13.09 -21.78 1.01
N PRO E 240 12.31 -22.19 0.01
CA PRO E 240 10.98 -22.73 0.31
C PRO E 240 11.07 -24.23 0.65
N VAL E 241 10.42 -24.63 1.74
CA VAL E 241 10.53 -26.01 2.23
C VAL E 241 9.15 -26.61 2.49
N ASP E 242 9.00 -27.90 2.20
CA ASP E 242 7.75 -28.59 2.48
C ASP E 242 7.76 -29.10 3.92
N GLY E 243 6.60 -29.10 4.57
CA GLY E 243 6.53 -29.45 5.97
C GLY E 243 6.32 -30.92 6.26
N PRO E 244 5.67 -31.22 7.39
CA PRO E 244 5.51 -32.61 7.84
C PRO E 244 4.51 -33.39 7.01
N PHE E 245 4.82 -34.66 6.81
CA PHE E 245 3.89 -35.62 6.23
C PHE E 245 3.59 -36.60 7.35
N GLY E 246 2.33 -36.66 7.79
CA GLY E 246 1.98 -37.37 9.00
C GLY E 246 2.11 -38.88 8.97
N ASP E 247 1.70 -39.50 7.87
CA ASP E 247 1.67 -40.95 7.78
C ASP E 247 3.06 -41.53 7.52
N PHE E 248 3.83 -41.71 8.59
CA PHE E 248 5.18 -42.26 8.46
C PHE E 248 5.20 -43.76 8.14
N SER E 249 4.01 -44.35 8.05
CA SER E 249 3.89 -45.76 7.67
C SER E 249 3.70 -45.88 6.16
N ASP E 250 3.64 -44.74 5.47
CA ASP E 250 3.34 -44.71 4.04
C ASP E 250 4.49 -44.10 3.24
N ASP E 251 5.46 -44.93 2.87
CA ASP E 251 6.64 -44.48 2.12
C ASP E 251 6.27 -43.90 0.76
N GLU E 252 5.38 -44.59 0.05
CA GLU E 252 4.99 -44.16 -1.29
C GLU E 252 4.20 -42.85 -1.25
N GLY E 253 3.41 -42.68 -0.19
CA GLY E 253 2.68 -41.44 0.00
C GLY E 253 3.63 -40.28 0.25
N PHE E 254 4.66 -40.53 1.05
CA PHE E 254 5.68 -39.53 1.31
C PHE E 254 6.37 -39.14 0.00
N ARG E 255 6.76 -40.15 -0.78
CA ARG E 255 7.42 -39.93 -2.05
C ARG E 255 6.59 -39.06 -2.99
N ALA E 256 5.30 -39.32 -3.05
CA ALA E 256 4.40 -38.54 -3.91
C ALA E 256 4.36 -37.08 -3.46
N GLN E 257 4.20 -36.87 -2.16
CA GLN E 257 4.17 -35.53 -1.59
C GLN E 257 5.49 -34.80 -1.82
N ALA E 258 6.58 -35.48 -1.51
CA ALA E 258 7.91 -34.89 -1.71
C ALA E 258 8.17 -34.56 -3.17
N ARG E 259 7.73 -35.44 -4.07
CA ARG E 259 7.91 -35.23 -5.50
C ARG E 259 7.13 -34.02 -6.02
N ARG E 260 5.90 -33.85 -5.54
CA ARG E 260 5.11 -32.67 -5.88
C ARG E 260 5.82 -31.41 -5.45
N SER E 261 6.30 -31.41 -4.21
CA SER E 261 7.00 -30.26 -3.64
C SER E 261 8.26 -29.92 -4.44
N ALA E 262 9.06 -30.93 -4.75
CA ALA E 262 10.29 -30.73 -5.51
C ALA E 262 9.97 -30.20 -6.91
N THR E 263 8.88 -30.69 -7.50
CA THR E 263 8.47 -30.24 -8.82
C THR E 263 8.09 -28.76 -8.80
N LEU E 264 7.41 -28.33 -7.75
CA LEU E 264 6.96 -26.94 -7.65
C LEU E 264 8.10 -25.98 -7.28
N GLY E 265 9.20 -26.52 -6.76
CA GLY E 265 10.36 -25.70 -6.48
C GLY E 265 10.83 -25.70 -5.03
N MET E 266 10.17 -26.49 -4.19
CA MET E 266 10.62 -26.63 -2.80
C MET E 266 11.89 -27.46 -2.73
N VAL E 267 12.83 -27.06 -1.88
CA VAL E 267 14.18 -27.62 -1.88
C VAL E 267 14.39 -28.77 -0.89
N GLY E 268 13.39 -29.03 -0.05
CA GLY E 268 13.50 -30.08 0.95
C GLY E 268 12.20 -30.30 1.70
N LYS E 269 12.22 -31.23 2.65
CA LYS E 269 11.01 -31.57 3.40
C LYS E 269 11.33 -32.03 4.82
N TRP E 270 10.43 -31.75 5.76
CA TRP E 270 10.60 -32.21 7.13
C TRP E 270 10.59 -33.72 7.22
N ALA E 271 11.34 -34.26 8.18
CA ALA E 271 11.15 -35.63 8.61
C ALA E 271 10.64 -35.58 10.05
N ILE E 272 9.54 -36.26 10.32
CA ILE E 272 9.02 -36.37 11.68
C ILE E 272 9.23 -37.78 12.21
N HIS E 273 9.87 -38.60 11.40
CA HIS E 273 10.24 -39.96 11.78
C HIS E 273 11.53 -40.30 11.03
N PRO E 274 12.45 -41.03 11.68
CA PRO E 274 13.74 -41.40 11.07
C PRO E 274 13.62 -42.02 9.68
N LYS E 275 12.55 -42.77 9.43
CA LYS E 275 12.36 -43.42 8.14
C LYS E 275 12.21 -42.41 6.99
N GLN E 276 11.75 -41.22 7.31
CA GLN E 276 11.48 -40.21 6.27
C GLN E 276 12.72 -39.46 5.82
N VAL E 277 13.80 -39.56 6.59
CA VAL E 277 15.05 -38.89 6.25
C VAL E 277 15.62 -39.41 4.92
N ALA E 278 15.70 -40.72 4.79
CA ALA E 278 16.21 -41.33 3.56
C ALA E 278 15.33 -41.00 2.36
N LEU E 279 14.02 -40.94 2.60
CA LEU E 279 13.06 -40.63 1.54
C LEU E 279 13.21 -39.19 1.07
N ALA E 280 13.40 -38.26 2.01
CA ALA E 280 13.60 -36.86 1.67
C ALA E 280 14.89 -36.68 0.88
N ASN E 281 15.96 -37.32 1.35
CA ASN E 281 17.24 -37.25 0.66
C ASN E 281 17.17 -37.85 -0.73
N GLU E 282 16.39 -38.92 -0.88
CA GLU E 282 16.21 -39.57 -2.17
C GLU E 282 15.52 -38.65 -3.18
N VAL E 283 14.41 -38.04 -2.76
CA VAL E 283 13.62 -37.19 -3.65
C VAL E 283 14.30 -35.85 -3.94
N PHE E 284 14.88 -35.23 -2.91
CA PHE E 284 15.44 -33.90 -3.04
C PHE E 284 16.92 -33.88 -3.44
N THR E 285 17.43 -35.04 -3.83
CA THR E 285 18.71 -35.11 -4.52
C THR E 285 18.43 -35.59 -5.94
N PRO E 286 18.67 -34.73 -6.94
CA PRO E 286 18.35 -35.03 -8.34
C PRO E 286 18.97 -36.33 -8.81
N SER E 287 18.19 -37.14 -9.50
CA SER E 287 18.66 -38.42 -10.03
C SER E 287 19.77 -38.20 -11.05
N GLU E 288 20.65 -39.18 -11.21
CA GLU E 288 21.71 -39.08 -12.20
C GLU E 288 21.09 -38.97 -13.61
N THR E 289 19.95 -39.61 -13.80
CA THR E 289 19.21 -39.51 -15.05
C THR E 289 18.84 -38.05 -15.33
N ALA E 290 18.31 -37.38 -14.30
CA ALA E 290 17.95 -35.97 -14.42
C ALA E 290 19.18 -35.11 -14.62
N VAL E 291 20.24 -35.41 -13.87
CA VAL E 291 21.50 -34.68 -13.98
C VAL E 291 22.13 -34.88 -15.35
N THR E 292 22.07 -36.12 -15.85
CA THR E 292 22.59 -36.43 -17.18
C THR E 292 21.90 -35.61 -18.27
N GLU E 293 20.56 -35.59 -18.23
CA GLU E 293 19.79 -34.84 -19.20
C GLU E 293 20.15 -33.36 -19.17
N ALA E 294 20.33 -32.84 -17.95
CA ALA E 294 20.67 -31.43 -17.76
C ALA E 294 22.03 -31.10 -18.39
N ARG E 295 23.02 -31.95 -18.15
CA ARG E 295 24.36 -31.73 -18.69
C ARG E 295 24.36 -31.84 -20.22
N GLU E 296 23.53 -32.73 -20.76
CA GLU E 296 23.41 -32.90 -22.20
C GLU E 296 22.75 -31.68 -22.84
N ILE E 297 21.78 -31.10 -22.14
CA ILE E 297 21.13 -29.88 -22.63
C ILE E 297 22.11 -28.72 -22.60
N LEU E 298 22.87 -28.62 -21.52
CA LEU E 298 23.89 -27.58 -21.38
C LEU E 298 24.94 -27.67 -22.50
N ALA E 299 25.38 -28.89 -22.78
CA ALA E 299 26.35 -29.12 -23.85
C ALA E 299 25.75 -28.77 -25.21
N ALA E 300 24.48 -29.14 -25.40
CA ALA E 300 23.79 -28.87 -26.65
C ALA E 300 23.66 -27.38 -26.92
N MET E 301 23.42 -26.61 -25.85
CA MET E 301 23.29 -25.16 -25.98
C MET E 301 24.62 -24.49 -26.29
N ASP E 302 25.69 -25.00 -25.67
CA ASP E 302 27.03 -24.50 -25.95
C ASP E 302 27.39 -24.70 -27.42
N ALA E 303 27.10 -25.89 -27.93
CA ALA E 303 27.35 -26.21 -29.33
C ALA E 303 26.52 -25.33 -30.26
N ALA E 304 25.30 -25.01 -29.84
CA ALA E 304 24.42 -24.16 -30.61
C ALA E 304 24.95 -22.74 -30.70
N LYS E 305 25.47 -22.24 -29.58
CA LYS E 305 26.04 -20.90 -29.53
C LYS E 305 27.27 -20.79 -30.43
N ALA E 306 28.03 -21.87 -30.52
CA ALA E 306 29.20 -21.93 -31.37
C ALA E 306 28.79 -21.81 -32.84
N ARG E 307 27.62 -22.34 -33.16
CA ARG E 307 27.10 -22.26 -34.52
C ARG E 307 26.35 -20.96 -34.76
N GLY E 308 26.33 -20.09 -33.75
CA GLY E 308 25.63 -18.83 -33.83
C GLY E 308 24.13 -19.01 -33.69
N GLU E 309 23.73 -19.92 -32.80
CA GLU E 309 22.32 -20.20 -32.57
C GLU E 309 21.98 -20.08 -31.09
N GLY E 310 20.84 -19.44 -30.81
CA GLY E 310 20.38 -19.29 -29.44
C GLY E 310 19.36 -20.33 -29.07
N ALA E 311 18.94 -21.10 -30.07
CA ALA E 311 17.97 -22.18 -29.86
C ALA E 311 18.31 -23.38 -30.75
N THR E 312 17.95 -24.57 -30.28
CA THR E 312 18.17 -25.79 -31.06
C THR E 312 17.23 -26.91 -30.64
N VAL E 313 17.44 -28.09 -31.19
CA VAL E 313 16.56 -29.23 -30.94
C VAL E 313 17.22 -30.28 -30.05
N TYR E 314 16.50 -30.71 -29.02
CA TYR E 314 16.97 -31.76 -28.14
C TYR E 314 15.87 -32.79 -27.91
N LYS E 315 16.08 -34.00 -28.44
CA LYS E 315 15.11 -35.08 -28.31
C LYS E 315 13.71 -34.68 -28.80
N GLY E 316 13.67 -33.96 -29.91
CA GLY E 316 12.40 -33.53 -30.49
C GLY E 316 11.78 -32.36 -29.77
N ARG E 317 12.51 -31.78 -28.82
CA ARG E 317 12.02 -30.64 -28.06
C ARG E 317 12.80 -29.38 -28.40
N LEU E 318 12.18 -28.23 -28.14
CA LEU E 318 12.88 -26.96 -28.22
C LEU E 318 13.74 -26.77 -26.97
N VAL E 319 14.97 -26.32 -27.17
CA VAL E 319 15.78 -25.81 -26.06
C VAL E 319 16.38 -24.47 -26.47
N ASP E 320 16.40 -23.52 -25.55
CA ASP E 320 17.00 -22.22 -25.81
C ASP E 320 17.77 -21.72 -24.59
N ILE E 321 18.02 -20.41 -24.54
CA ILE E 321 18.81 -19.82 -23.47
C ILE E 321 18.13 -20.02 -22.10
N ALA E 322 16.79 -20.06 -22.10
CA ALA E 322 16.05 -20.37 -20.88
C ALA E 322 16.34 -21.78 -20.39
N SER E 323 16.55 -22.70 -21.33
CA SER E 323 16.81 -24.11 -20.99
C SER E 323 18.10 -24.26 -20.21
N ILE E 324 19.05 -23.36 -20.46
CA ILE E 324 20.31 -23.34 -19.73
C ILE E 324 20.06 -23.11 -18.24
N LYS E 325 19.23 -22.13 -17.93
CA LYS E 325 18.89 -21.80 -16.55
C LYS E 325 18.18 -22.96 -15.86
N GLN E 326 17.29 -23.64 -16.59
CA GLN E 326 16.57 -24.79 -16.04
C GLN E 326 17.52 -25.94 -15.73
N ALA E 327 18.42 -26.21 -16.66
CA ALA E 327 19.41 -27.27 -16.47
C ALA E 327 20.29 -26.98 -15.27
N GLU E 328 20.62 -25.71 -15.09
CA GLU E 328 21.46 -25.29 -13.97
C GLU E 328 20.76 -25.45 -12.62
N VAL E 329 19.44 -25.35 -12.62
CA VAL E 329 18.66 -25.60 -11.41
C VAL E 329 18.86 -27.04 -10.95
N ILE E 330 18.81 -27.97 -11.91
CA ILE E 330 19.03 -29.38 -11.63
C ILE E 330 20.43 -29.64 -11.10
N VAL E 331 21.44 -29.16 -11.83
CA VAL E 331 22.83 -29.41 -11.49
C VAL E 331 23.22 -28.81 -10.13
N ARG E 332 22.73 -27.60 -9.86
CA ARG E 332 23.04 -26.90 -8.62
C ARG E 332 22.64 -27.71 -7.39
N GLN E 333 21.44 -28.27 -7.43
CA GLN E 333 20.94 -29.07 -6.31
C GLN E 333 21.65 -30.42 -6.19
N ALA E 334 22.28 -30.85 -7.28
CA ALA E 334 23.04 -32.09 -7.29
C ALA E 334 24.45 -31.89 -6.72
N GLU E 335 25.03 -30.74 -7.01
CA GLU E 335 26.40 -30.44 -6.57
C GLU E 335 26.42 -29.76 -5.20
N MET E 336 25.37 -30.00 -4.42
CA MET E 336 25.21 -29.33 -3.13
C MET E 336 25.72 -30.20 -1.98
N PHE F 24 -18.20 2.37 -12.28
CA PHE F 24 -19.31 1.48 -11.95
C PHE F 24 -19.86 0.81 -13.20
N ARG F 25 -18.97 0.19 -13.95
CA ARG F 25 -19.35 -0.54 -15.15
C ARG F 25 -18.71 -1.92 -15.12
N LEU F 26 -18.90 -2.68 -16.20
CA LEU F 26 -18.27 -3.99 -16.33
C LEU F 26 -16.76 -3.79 -16.43
N GLN F 27 -16.00 -4.87 -16.25
CA GLN F 27 -14.56 -4.82 -16.40
C GLN F 27 -14.22 -4.28 -17.79
N PRO F 28 -13.11 -3.54 -17.91
CA PRO F 28 -12.74 -2.96 -19.20
C PRO F 28 -12.51 -4.02 -20.27
N ALA F 29 -13.04 -3.78 -21.46
CA ALA F 29 -12.86 -4.71 -22.56
C ALA F 29 -11.40 -4.74 -23.01
N PRO F 30 -10.87 -5.94 -23.26
CA PRO F 30 -9.51 -6.09 -23.79
C PRO F 30 -9.51 -5.74 -25.28
N PRO F 31 -8.32 -5.63 -25.90
CA PRO F 31 -8.26 -5.39 -27.34
C PRO F 31 -9.06 -6.46 -28.09
N ALA F 32 -9.80 -6.04 -29.12
CA ALA F 32 -10.69 -6.96 -29.84
C ALA F 32 -9.97 -7.79 -30.91
N ARG F 33 -8.71 -7.44 -31.19
CA ARG F 33 -7.96 -8.12 -32.24
C ARG F 33 -7.72 -9.59 -31.89
N PRO F 34 -7.61 -10.45 -32.93
CA PRO F 34 -7.35 -11.88 -32.72
C PRO F 34 -5.95 -12.10 -32.13
N ASN F 35 -5.84 -13.10 -31.27
CA ASN F 35 -4.57 -13.40 -30.62
C ASN F 35 -4.52 -14.88 -30.26
N ARG F 36 -4.93 -15.72 -31.21
CA ARG F 36 -5.03 -17.16 -30.99
C ARG F 36 -3.66 -17.83 -30.98
N CYS F 37 -2.76 -17.32 -31.80
CA CYS F 37 -1.41 -17.89 -31.89
C CYS F 37 -0.37 -16.81 -32.13
N GLN F 38 0.70 -16.86 -31.34
CA GLN F 38 1.83 -15.97 -31.55
C GLN F 38 3.01 -16.82 -32.03
N LEU F 39 3.39 -16.64 -33.28
CA LEU F 39 4.47 -17.42 -33.87
C LEU F 39 5.81 -16.73 -33.66
N PHE F 40 6.72 -17.41 -32.98
CA PHE F 40 8.04 -16.86 -32.68
C PHE F 40 9.09 -17.33 -33.68
N GLY F 41 10.06 -16.48 -33.94
CA GLY F 41 11.20 -16.83 -34.77
C GLY F 41 12.39 -15.98 -34.38
N PRO F 42 13.59 -16.57 -34.39
CA PRO F 42 14.78 -15.81 -34.01
C PRO F 42 15.16 -14.77 -35.04
N GLY F 43 15.48 -13.56 -34.59
CA GLY F 43 15.86 -12.48 -35.48
C GLY F 43 17.15 -12.77 -36.21
N SER F 44 17.89 -13.76 -35.74
CA SER F 44 19.13 -14.17 -36.37
C SER F 44 18.91 -15.11 -37.56
N ARG F 45 17.66 -15.42 -37.86
CA ARG F 45 17.34 -16.23 -39.04
C ARG F 45 16.32 -15.52 -39.95
N PRO F 46 16.76 -14.46 -40.63
CA PRO F 46 15.85 -13.68 -41.47
C PRO F 46 15.28 -14.45 -42.67
N ALA F 47 15.90 -15.58 -43.01
CA ALA F 47 15.40 -16.40 -44.12
C ALA F 47 14.04 -17.01 -43.80
N LEU F 48 13.69 -17.06 -42.52
CA LEU F 48 12.43 -17.64 -42.09
C LEU F 48 11.30 -16.63 -42.03
N PHE F 49 11.64 -15.34 -42.14
CA PHE F 49 10.66 -14.27 -41.94
C PHE F 49 9.48 -14.35 -42.90
N GLU F 50 9.73 -14.64 -44.17
CA GLU F 50 8.67 -14.76 -45.15
C GLU F 50 7.71 -15.90 -44.83
N LYS F 51 8.26 -17.04 -44.42
CA LYS F 51 7.43 -18.17 -44.01
C LYS F 51 6.51 -17.81 -42.86
N MET F 52 7.04 -17.04 -41.92
CA MET F 52 6.25 -16.58 -40.77
C MET F 52 5.12 -15.67 -41.22
N ALA F 53 5.43 -14.71 -42.09
CA ALA F 53 4.44 -13.78 -42.60
C ALA F 53 3.32 -14.48 -43.36
N ALA F 54 3.64 -15.65 -43.94
CA ALA F 54 2.67 -16.39 -44.73
C ALA F 54 1.91 -17.41 -43.90
N SER F 55 2.27 -17.54 -42.62
CA SER F 55 1.64 -18.52 -41.74
C SER F 55 0.21 -18.14 -41.38
N ALA F 56 -0.45 -18.99 -40.62
CA ALA F 56 -1.83 -18.74 -40.20
C ALA F 56 -1.88 -18.11 -38.81
N ALA F 57 -0.74 -17.63 -38.32
CA ALA F 57 -0.67 -17.05 -36.98
C ALA F 57 -1.21 -15.62 -36.94
N ASP F 58 -1.93 -15.29 -35.86
CA ASP F 58 -2.50 -13.95 -35.70
C ASP F 58 -1.43 -12.92 -35.39
N VAL F 59 -0.43 -13.32 -34.61
CA VAL F 59 0.62 -12.42 -34.17
C VAL F 59 1.99 -13.00 -34.51
N ILE F 60 2.90 -12.14 -34.97
CA ILE F 60 4.27 -12.54 -35.22
C ILE F 60 5.18 -11.92 -34.16
N ASN F 61 6.03 -12.74 -33.56
CA ASN F 61 7.04 -12.25 -32.64
C ASN F 61 8.45 -12.50 -33.16
N LEU F 62 9.10 -11.44 -33.63
CA LEU F 62 10.48 -11.54 -34.03
C LEU F 62 11.35 -11.37 -32.79
N ASP F 63 12.24 -12.33 -32.55
CA ASP F 63 12.92 -12.42 -31.26
C ASP F 63 14.35 -11.88 -31.26
N LEU F 64 14.66 -11.08 -30.24
CA LEU F 64 16.01 -10.59 -30.02
C LEU F 64 16.59 -11.18 -28.74
N GLU F 65 15.76 -11.90 -27.99
CA GLU F 65 16.16 -12.40 -26.68
C GLU F 65 16.64 -13.86 -26.71
N ASP F 66 15.95 -14.72 -25.97
CA ASP F 66 16.47 -16.05 -25.63
C ASP F 66 16.61 -17.08 -26.76
N SER F 67 16.19 -16.74 -27.97
CA SER F 67 16.45 -17.63 -29.10
C SER F 67 17.64 -17.15 -29.92
N VAL F 68 18.27 -16.08 -29.46
CA VAL F 68 19.41 -15.49 -30.16
C VAL F 68 20.64 -15.40 -29.26
N ALA F 69 21.73 -16.01 -29.68
CA ALA F 69 22.99 -15.97 -28.93
C ALA F 69 23.48 -14.53 -28.78
N PRO F 70 24.13 -14.23 -27.63
CA PRO F 70 24.61 -12.88 -27.30
C PRO F 70 25.40 -12.21 -28.42
N ASP F 71 26.33 -12.93 -29.02
CA ASP F 71 27.17 -12.36 -30.08
C ASP F 71 26.39 -12.06 -31.37
N ASP F 72 25.19 -12.61 -31.49
CA ASP F 72 24.39 -12.43 -32.69
C ASP F 72 23.26 -11.41 -32.52
N LYS F 73 23.18 -10.82 -31.33
CA LYS F 73 22.07 -9.91 -31.04
C LYS F 73 22.10 -8.62 -31.87
N ALA F 74 23.29 -8.10 -32.14
CA ALA F 74 23.44 -6.92 -32.97
C ALA F 74 22.95 -7.17 -34.40
N GLN F 75 23.41 -8.26 -34.99
CA GLN F 75 22.98 -8.62 -36.35
C GLN F 75 21.47 -8.89 -36.40
N ALA F 76 20.97 -9.56 -35.38
CA ALA F 76 19.54 -9.84 -35.28
C ALA F 76 18.72 -8.54 -35.24
N ARG F 77 19.22 -7.57 -34.49
CA ARG F 77 18.58 -6.26 -34.41
C ARG F 77 18.47 -5.61 -35.78
N ALA F 78 19.57 -5.64 -36.53
CA ALA F 78 19.59 -5.10 -37.88
C ALA F 78 18.66 -5.88 -38.82
N ASN F 79 18.67 -7.20 -38.69
CA ASN F 79 17.79 -8.05 -39.50
C ASN F 79 16.32 -7.69 -39.31
N ILE F 80 15.93 -7.55 -38.05
CA ILE F 80 14.54 -7.27 -37.71
C ILE F 80 14.08 -5.90 -38.19
N ILE F 81 14.93 -4.89 -38.01
CA ILE F 81 14.63 -3.55 -38.50
C ILE F 81 14.43 -3.54 -40.02
N GLU F 82 15.29 -4.28 -40.72
CA GLU F 82 15.19 -4.41 -42.18
C GLU F 82 13.89 -5.10 -42.59
N ALA F 83 13.54 -6.16 -41.88
CA ALA F 83 12.33 -6.93 -42.18
C ALA F 83 11.06 -6.13 -41.91
N ILE F 84 11.09 -5.32 -40.86
CA ILE F 84 9.96 -4.45 -40.54
C ILE F 84 9.72 -3.47 -41.69
N ASN F 85 10.81 -2.94 -42.23
CA ASN F 85 10.73 -1.95 -43.31
C ASN F 85 10.51 -2.55 -44.70
N GLY F 86 10.87 -3.82 -44.87
CA GLY F 86 10.93 -4.41 -46.20
C GLY F 86 9.90 -5.45 -46.54
N LEU F 87 9.48 -6.25 -45.57
CA LEU F 87 8.58 -7.37 -45.84
C LEU F 87 7.11 -6.97 -45.86
N ASP F 88 6.33 -7.71 -46.64
CA ASP F 88 4.88 -7.58 -46.62
C ASP F 88 4.35 -8.46 -45.50
N TRP F 89 3.85 -7.84 -44.44
CA TRP F 89 3.39 -8.56 -43.26
C TRP F 89 1.88 -8.81 -43.28
N GLY F 90 1.24 -8.46 -44.38
CA GLY F 90 -0.19 -8.64 -44.52
C GLY F 90 -0.96 -8.00 -43.38
N ARG F 91 -1.78 -8.80 -42.71
CA ARG F 91 -2.59 -8.31 -41.60
C ARG F 91 -2.08 -8.81 -40.25
N LYS F 92 -0.89 -9.39 -40.23
CA LYS F 92 -0.29 -9.88 -39.00
C LYS F 92 -0.08 -8.74 -37.99
N TYR F 93 -0.33 -9.01 -36.72
CA TYR F 93 0.09 -8.09 -35.68
C TYR F 93 1.57 -8.35 -35.45
N LEU F 94 2.40 -7.33 -35.73
CA LEU F 94 3.85 -7.50 -35.73
C LEU F 94 4.50 -7.02 -34.44
N SER F 95 5.09 -7.96 -33.70
CA SER F 95 5.73 -7.64 -32.42
C SER F 95 7.18 -8.09 -32.40
N VAL F 96 7.99 -7.42 -31.58
CA VAL F 96 9.39 -7.80 -31.39
C VAL F 96 9.67 -8.02 -29.91
N ARG F 97 10.21 -9.19 -29.57
CA ARG F 97 10.65 -9.40 -28.19
C ARG F 97 12.05 -8.86 -28.00
N ILE F 98 12.17 -7.82 -27.19
CA ILE F 98 13.46 -7.21 -26.91
C ILE F 98 14.15 -7.97 -25.79
N ASN F 99 15.38 -7.60 -25.50
CA ASN F 99 16.09 -8.17 -24.36
C ASN F 99 15.62 -7.55 -23.05
N GLY F 100 15.88 -8.24 -21.94
CA GLY F 100 15.40 -7.80 -20.64
C GLY F 100 16.14 -6.62 -20.07
N LEU F 101 15.53 -5.98 -19.07
CA LEU F 101 16.11 -4.80 -18.43
C LEU F 101 17.34 -5.11 -17.57
N ASP F 102 17.63 -6.40 -17.39
CA ASP F 102 18.82 -6.80 -16.65
C ASP F 102 19.99 -7.09 -17.59
N THR F 103 19.87 -6.65 -18.83
CA THR F 103 20.90 -6.87 -19.83
C THR F 103 21.40 -5.54 -20.38
N PRO F 104 22.59 -5.53 -21.00
CA PRO F 104 23.05 -4.29 -21.64
C PRO F 104 22.40 -4.06 -23.00
N PHE F 105 21.67 -5.04 -23.50
CA PHE F 105 21.12 -4.98 -24.87
C PHE F 105 19.84 -4.18 -25.00
N TRP F 106 19.04 -4.14 -23.94
CA TRP F 106 17.65 -3.68 -24.06
C TRP F 106 17.51 -2.26 -24.58
N TYR F 107 18.36 -1.35 -24.12
CA TYR F 107 18.23 0.05 -24.52
C TYR F 107 18.55 0.22 -26.00
N ARG F 108 19.50 -0.56 -26.49
CA ARG F 108 19.89 -0.51 -27.90
C ARG F 108 18.79 -1.09 -28.78
N ASP F 109 18.16 -2.16 -28.32
CA ASP F 109 17.02 -2.75 -29.03
C ASP F 109 15.94 -1.71 -29.22
N VAL F 110 15.56 -1.05 -28.13
CA VAL F 110 14.47 -0.07 -28.16
C VAL F 110 14.81 1.18 -28.98
N VAL F 111 16.00 1.75 -28.75
CA VAL F 111 16.42 2.95 -29.47
C VAL F 111 16.48 2.70 -30.98
N ASP F 112 17.18 1.63 -31.38
CA ASP F 112 17.28 1.29 -32.80
C ASP F 112 15.92 1.00 -33.45
N LEU F 113 15.10 0.18 -32.79
CA LEU F 113 13.77 -0.14 -33.31
C LEU F 113 12.93 1.12 -33.55
N LEU F 114 12.91 2.01 -32.57
CA LEU F 114 12.04 3.18 -32.63
C LEU F 114 12.60 4.30 -33.50
N GLU F 115 13.92 4.34 -33.64
CA GLU F 115 14.55 5.35 -34.49
C GLU F 115 14.66 4.92 -35.95
N GLN F 116 14.73 3.61 -36.20
CA GLN F 116 15.03 3.11 -37.54
C GLN F 116 13.90 2.36 -38.24
N ALA F 117 13.09 1.64 -37.47
CA ALA F 117 12.00 0.87 -38.08
C ALA F 117 10.83 1.77 -38.46
N GLY F 118 10.17 1.42 -39.56
CA GLY F 118 9.03 2.17 -40.04
C GLY F 118 7.80 1.92 -39.19
N ASP F 119 6.65 2.38 -39.67
CA ASP F 119 5.43 2.32 -38.88
C ASP F 119 4.73 0.97 -38.92
N ARG F 120 5.31 -0.01 -39.61
CA ARG F 120 4.66 -1.32 -39.70
C ARG F 120 4.71 -2.08 -38.36
N LEU F 121 5.72 -1.76 -37.55
CA LEU F 121 5.84 -2.35 -36.23
C LEU F 121 4.64 -1.99 -35.35
N ASP F 122 4.00 -3.00 -34.78
CA ASP F 122 2.80 -2.78 -33.96
C ASP F 122 3.08 -2.79 -32.46
N GLN F 123 4.04 -3.62 -32.04
CA GLN F 123 4.14 -3.97 -30.63
C GLN F 123 5.56 -4.38 -30.23
N ILE F 124 5.87 -4.23 -28.94
CA ILE F 124 7.11 -4.73 -28.38
C ILE F 124 6.80 -5.65 -27.19
N MET F 125 7.51 -6.76 -27.11
CA MET F 125 7.36 -7.70 -26.00
C MET F 125 8.51 -7.56 -25.02
N ILE F 126 8.18 -7.31 -23.75
CA ILE F 126 9.19 -7.19 -22.70
C ILE F 126 9.24 -8.47 -21.87
N PRO F 127 10.41 -9.14 -21.88
CA PRO F 127 10.59 -10.40 -21.16
C PRO F 127 10.96 -10.19 -19.70
N LYS F 128 10.81 -11.24 -18.91
CA LYS F 128 11.28 -11.29 -17.53
C LYS F 128 10.84 -10.10 -16.66
N VAL F 129 9.61 -9.63 -16.88
CA VAL F 129 9.08 -8.51 -16.11
C VAL F 129 8.80 -8.93 -14.67
N GLY F 130 9.34 -8.17 -13.72
CA GLY F 130 9.21 -8.50 -12.32
C GLY F 130 8.39 -7.50 -11.51
N CYS F 131 8.12 -6.33 -12.09
CA CYS F 131 7.32 -5.32 -11.42
C CYS F 131 6.78 -4.29 -12.41
N ALA F 132 5.84 -3.47 -11.95
CA ALA F 132 5.24 -2.45 -12.80
C ALA F 132 6.28 -1.46 -13.31
N ALA F 133 7.26 -1.16 -12.46
CA ALA F 133 8.29 -0.17 -12.80
C ALA F 133 9.12 -0.59 -14.01
N ASP F 134 9.23 -1.90 -14.24
CA ASP F 134 9.90 -2.41 -15.43
C ASP F 134 9.21 -1.93 -16.70
N VAL F 135 7.90 -2.07 -16.74
CA VAL F 135 7.12 -1.67 -17.89
C VAL F 135 7.17 -0.14 -18.06
N TYR F 136 7.09 0.56 -16.93
CA TYR F 136 7.16 2.02 -16.90
C TYR F 136 8.48 2.51 -17.50
N ALA F 137 9.57 1.83 -17.15
CA ALA F 137 10.89 2.16 -17.68
C ALA F 137 10.92 2.11 -19.21
N VAL F 138 10.38 1.04 -19.79
CA VAL F 138 10.33 0.91 -21.24
C VAL F 138 9.38 1.92 -21.84
N ASP F 139 8.27 2.16 -21.15
CA ASP F 139 7.27 3.15 -21.60
C ASP F 139 7.89 4.54 -21.67
N ALA F 140 8.71 4.88 -20.68
CA ALA F 140 9.39 6.18 -20.64
C ALA F 140 10.28 6.40 -21.86
N LEU F 141 11.06 5.37 -22.21
CA LEU F 141 11.97 5.45 -23.34
C LEU F 141 11.21 5.48 -24.66
N VAL F 142 10.33 4.50 -24.85
CA VAL F 142 9.52 4.40 -26.07
C VAL F 142 8.74 5.67 -26.36
N THR F 143 8.14 6.25 -25.33
CA THR F 143 7.34 7.46 -25.49
C THR F 143 8.19 8.65 -25.96
N ALA F 144 9.39 8.77 -25.40
CA ALA F 144 10.28 9.87 -25.76
C ALA F 144 10.74 9.79 -27.21
N ILE F 145 11.08 8.59 -27.67
CA ILE F 145 11.54 8.40 -29.05
C ILE F 145 10.42 8.61 -30.05
N GLU F 146 9.23 8.11 -29.72
CA GLU F 146 8.05 8.30 -30.56
C GLU F 146 7.77 9.79 -30.77
N ARG F 147 7.89 10.57 -29.70
CA ARG F 147 7.71 12.01 -29.77
C ARG F 147 8.83 12.68 -30.55
N ALA F 148 10.07 12.27 -30.27
CA ALA F 148 11.23 12.86 -30.92
C ALA F 148 11.24 12.61 -32.42
N LYS F 149 10.78 11.43 -32.83
CA LYS F 149 10.82 11.04 -34.24
C LYS F 149 9.48 11.20 -34.94
N GLY F 150 8.47 11.64 -34.20
CA GLY F 150 7.15 11.87 -34.76
C GLY F 150 6.51 10.60 -35.30
N ARG F 151 6.63 9.51 -34.55
CA ARG F 151 6.02 8.24 -34.98
C ARG F 151 4.50 8.34 -34.92
N THR F 152 3.86 7.95 -36.02
CA THR F 152 2.42 8.12 -36.15
C THR F 152 1.60 7.03 -35.46
N LYS F 153 2.17 5.83 -35.39
CA LYS F 153 1.48 4.72 -34.72
C LYS F 153 2.21 4.31 -33.44
N PRO F 154 1.66 4.73 -32.29
CA PRO F 154 2.22 4.35 -30.98
C PRO F 154 2.21 2.83 -30.80
N LEU F 155 3.31 2.30 -30.30
CA LEU F 155 3.40 0.86 -30.05
C LEU F 155 2.53 0.46 -28.87
N SER F 156 1.96 -0.74 -28.96
CA SER F 156 1.36 -1.37 -27.79
C SER F 156 2.46 -2.19 -27.13
N PHE F 157 2.23 -2.59 -25.88
CA PHE F 157 3.18 -3.43 -25.17
C PHE F 157 2.56 -4.79 -24.87
N GLU F 158 3.40 -5.81 -24.81
CA GLU F 158 3.02 -7.07 -24.18
C GLU F 158 4.19 -7.50 -23.31
N VAL F 159 3.92 -8.28 -22.27
CA VAL F 159 4.98 -8.70 -21.36
C VAL F 159 4.93 -10.20 -21.11
N ILE F 160 6.03 -10.74 -20.59
CA ILE F 160 6.06 -12.13 -20.18
C ILE F 160 6.16 -12.24 -18.66
N ILE F 161 5.24 -12.98 -18.06
CA ILE F 161 5.37 -13.36 -16.67
C ILE F 161 6.11 -14.68 -16.62
N GLU F 162 7.36 -14.65 -16.19
CA GLU F 162 8.22 -15.83 -16.26
C GLU F 162 9.26 -15.84 -15.14
N SER F 163 8.86 -15.37 -13.97
CA SER F 163 9.73 -15.37 -12.80
C SER F 163 8.89 -15.33 -11.54
N ALA F 164 9.51 -15.66 -10.41
CA ALA F 164 8.83 -15.62 -9.12
C ALA F 164 8.30 -14.23 -8.84
N ALA F 165 9.14 -13.22 -9.06
CA ALA F 165 8.75 -11.83 -8.84
C ALA F 165 7.59 -11.44 -9.74
N GLY F 166 7.63 -11.94 -10.98
CA GLY F 166 6.58 -11.66 -11.95
C GLY F 166 5.21 -12.10 -11.48
N ILE F 167 5.09 -13.35 -11.04
CA ILE F 167 3.80 -13.88 -10.63
C ILE F 167 3.37 -13.28 -9.29
N ALA F 168 4.33 -12.96 -8.44
CA ALA F 168 4.06 -12.35 -7.14
C ALA F 168 3.51 -10.94 -7.30
N HIS F 169 3.88 -10.29 -8.41
CA HIS F 169 3.47 -8.91 -8.66
C HIS F 169 2.61 -8.82 -9.92
N VAL F 170 1.90 -9.91 -10.22
CA VAL F 170 1.20 -10.01 -11.50
C VAL F 170 0.12 -8.95 -11.72
N GLU F 171 -0.61 -8.56 -10.66
CA GLU F 171 -1.64 -7.54 -10.86
C GLU F 171 -1.08 -6.15 -11.11
N GLU F 172 -0.05 -5.75 -10.36
CA GLU F 172 0.53 -4.43 -10.56
C GLU F 172 1.13 -4.33 -11.98
N ILE F 173 1.67 -5.44 -12.46
CA ILE F 173 2.21 -5.50 -13.83
C ILE F 173 1.09 -5.34 -14.85
N ALA F 174 -0.04 -5.99 -14.61
CA ALA F 174 -1.18 -5.89 -15.51
C ALA F 174 -1.73 -4.46 -15.62
N ALA F 175 -1.52 -3.66 -14.57
CA ALA F 175 -2.03 -2.29 -14.54
C ALA F 175 -0.96 -1.25 -14.88
N SER F 176 0.19 -1.70 -15.37
CA SER F 176 1.40 -0.88 -15.43
C SER F 176 1.48 0.14 -16.57
N SER F 177 0.69 -0.04 -17.63
CA SER F 177 0.77 0.87 -18.77
C SER F 177 -0.46 0.83 -19.66
N PRO F 178 -0.93 2.00 -20.11
CA PRO F 178 -2.02 2.08 -21.09
C PRO F 178 -1.67 1.37 -22.39
N ARG F 179 -0.38 1.22 -22.67
CA ARG F 179 0.08 0.53 -23.87
C ARG F 179 -0.12 -0.98 -23.80
N LEU F 180 -0.25 -1.51 -22.58
CA LEU F 180 -0.24 -2.95 -22.35
C LEU F 180 -1.48 -3.64 -22.94
N GLN F 181 -1.25 -4.61 -23.81
CA GLN F 181 -2.35 -5.32 -24.46
C GLN F 181 -2.37 -6.81 -24.15
N ALA F 182 -1.22 -7.38 -23.84
CA ALA F 182 -1.14 -8.82 -23.61
C ALA F 182 -0.10 -9.21 -22.56
N MET F 183 -0.37 -10.34 -21.89
CA MET F 183 0.56 -10.90 -20.91
CA MET F 183 0.55 -10.90 -20.91
C MET F 183 0.67 -12.40 -21.11
N SER F 184 1.89 -12.89 -21.32
CA SER F 184 2.12 -14.32 -21.52
C SER F 184 2.77 -14.95 -20.29
N LEU F 185 2.42 -16.21 -20.04
CA LEU F 185 3.18 -17.03 -19.10
C LEU F 185 4.36 -17.63 -19.84
N GLY F 186 5.56 -17.50 -19.29
CA GLY F 186 6.75 -18.12 -19.87
C GLY F 186 7.24 -19.28 -19.01
N ALA F 187 6.77 -20.48 -19.32
CA ALA F 187 6.97 -21.64 -18.44
C ALA F 187 8.41 -22.09 -18.27
N ALA F 188 9.27 -21.82 -19.25
CA ALA F 188 10.67 -22.24 -19.16
C ALA F 188 11.40 -21.39 -18.13
N ASP F 189 11.38 -20.08 -18.32
CA ASP F 189 12.00 -19.18 -17.36
C ASP F 189 11.28 -19.21 -16.01
N PHE F 190 9.97 -19.43 -16.03
CA PHE F 190 9.21 -19.52 -14.78
C PHE F 190 9.69 -20.69 -13.95
N ALA F 191 9.82 -21.86 -14.58
CA ALA F 191 10.30 -23.06 -13.91
C ALA F 191 11.71 -22.86 -13.33
N ALA F 192 12.59 -22.24 -14.12
CA ALA F 192 13.96 -21.98 -13.67
C ALA F 192 13.99 -21.01 -12.49
N SER F 193 13.24 -19.93 -12.62
CA SER F 193 13.17 -18.92 -11.57
C SER F 193 12.62 -19.51 -10.28
N MET F 194 11.56 -20.31 -10.41
CA MET F 194 10.90 -20.92 -9.25
C MET F 194 11.72 -22.05 -8.65
N GLY F 195 12.73 -22.52 -9.39
CA GLY F 195 13.53 -23.64 -8.94
C GLY F 195 12.82 -24.96 -9.10
N MET F 196 11.86 -25.00 -10.02
CA MET F 196 11.13 -26.21 -10.34
C MET F 196 12.08 -27.28 -10.86
N GLN F 197 11.92 -28.51 -10.40
CA GLN F 197 12.79 -29.60 -10.85
C GLN F 197 12.28 -30.18 -12.17
N THR F 198 12.69 -29.54 -13.26
CA THR F 198 12.37 -30.00 -14.60
C THR F 198 13.21 -29.23 -15.61
N THR F 199 13.41 -29.82 -16.79
CA THR F 199 14.08 -29.12 -17.89
C THR F 199 13.14 -28.95 -19.07
N GLY F 200 11.93 -29.45 -18.92
CA GLY F 200 10.91 -29.37 -19.96
C GLY F 200 10.23 -28.01 -19.96
N ILE F 201 9.45 -27.75 -21.01
CA ILE F 201 8.80 -26.46 -21.14
C ILE F 201 7.28 -26.63 -21.21
N GLY F 202 6.63 -26.41 -20.07
CA GLY F 202 5.19 -26.55 -19.98
C GLY F 202 4.76 -28.01 -19.91
N GLY F 203 3.46 -28.24 -19.96
CA GLY F 203 2.93 -29.59 -20.04
C GLY F 203 2.97 -30.38 -18.75
N THR F 204 2.63 -31.66 -18.86
CA THR F 204 2.59 -32.58 -17.74
C THR F 204 3.96 -32.76 -17.10
N GLN F 205 4.01 -32.80 -15.77
CA GLN F 205 5.23 -33.12 -15.05
C GLN F 205 5.10 -34.50 -14.39
N GLU F 206 6.02 -35.39 -14.72
CA GLU F 206 5.98 -36.78 -14.26
C GLU F 206 5.91 -36.90 -12.73
N ASN F 207 6.61 -36.02 -12.03
CA ASN F 207 6.67 -36.08 -10.57
C ASN F 207 5.62 -35.24 -9.86
N TYR F 208 4.61 -34.79 -10.59
CA TYR F 208 3.53 -34.03 -9.98
C TYR F 208 2.21 -34.77 -10.13
N TYR F 209 1.90 -35.63 -9.16
CA TYR F 209 0.75 -36.51 -9.23
C TYR F 209 0.23 -36.78 -7.82
N MET F 210 -1.00 -37.25 -7.73
CA MET F 210 -1.54 -37.69 -6.44
C MET F 210 -1.54 -39.22 -6.39
N LEU F 211 -1.11 -39.78 -5.27
CA LEU F 211 -1.16 -41.23 -5.09
C LEU F 211 -2.43 -41.62 -4.35
N HIS F 212 -3.27 -42.44 -4.98
CA HIS F 212 -4.49 -42.91 -4.33
C HIS F 212 -4.70 -44.41 -4.51
N ASP F 213 -4.64 -45.15 -3.41
CA ASP F 213 -4.79 -46.60 -3.42
C ASP F 213 -3.89 -47.27 -4.45
N GLY F 214 -2.60 -46.97 -4.37
CA GLY F 214 -1.61 -47.55 -5.27
C GLY F 214 -1.65 -47.03 -6.69
N GLN F 215 -2.53 -46.07 -6.98
CA GLN F 215 -2.66 -45.51 -8.31
C GLN F 215 -2.29 -44.00 -8.38
N LYS F 216 -1.71 -43.61 -9.49
CA LYS F 216 -1.25 -42.22 -9.66
C LYS F 216 -2.22 -41.40 -10.49
N HIS F 217 -2.44 -40.16 -10.07
CA HIS F 217 -3.32 -39.25 -10.79
C HIS F 217 -2.63 -37.91 -10.99
N TRP F 218 -2.25 -37.61 -12.23
CA TRP F 218 -1.48 -36.41 -12.52
C TRP F 218 -2.31 -35.13 -12.43
N SER F 219 -1.72 -34.10 -11.83
CA SER F 219 -2.41 -32.84 -11.59
C SER F 219 -1.68 -31.70 -12.31
N ASP F 220 -2.28 -30.51 -12.30
CA ASP F 220 -1.73 -29.37 -13.02
C ASP F 220 -0.77 -28.56 -12.14
N PRO F 221 0.53 -28.63 -12.46
CA PRO F 221 1.54 -27.92 -11.65
C PRO F 221 1.62 -26.45 -12.00
N TRP F 222 0.83 -26.01 -12.98
CA TRP F 222 0.86 -24.63 -13.45
C TRP F 222 -0.42 -23.86 -13.11
N HIS F 223 -1.33 -24.49 -12.37
CA HIS F 223 -2.68 -23.94 -12.19
C HIS F 223 -2.72 -22.49 -11.68
N TRP F 224 -2.09 -22.25 -10.54
CA TRP F 224 -2.14 -20.92 -9.94
C TRP F 224 -1.53 -19.84 -10.83
N ALA F 225 -0.35 -20.12 -11.38
CA ALA F 225 0.33 -19.17 -12.24
C ALA F 225 -0.55 -18.76 -13.42
N GLN F 226 -1.21 -19.73 -14.04
CA GLN F 226 -2.07 -19.44 -15.19
C GLN F 226 -3.34 -18.69 -14.77
N ALA F 227 -4.00 -19.16 -13.72
CA ALA F 227 -5.24 -18.54 -13.26
C ALA F 227 -5.01 -17.10 -12.77
N ALA F 228 -3.91 -16.88 -12.06
CA ALA F 228 -3.60 -15.56 -11.54
C ALA F 228 -3.32 -14.57 -12.65
N ILE F 229 -2.64 -15.04 -13.70
CA ILE F 229 -2.38 -14.20 -14.87
C ILE F 229 -3.69 -13.82 -15.57
N VAL F 230 -4.58 -14.80 -15.72
CA VAL F 230 -5.89 -14.53 -16.31
C VAL F 230 -6.67 -13.49 -15.49
N ALA F 231 -6.67 -13.66 -14.18
CA ALA F 231 -7.38 -12.73 -13.30
C ALA F 231 -6.83 -11.31 -13.38
N ALA F 232 -5.50 -11.21 -13.36
CA ALA F 232 -4.84 -9.90 -13.44
C ALA F 232 -5.16 -9.21 -14.77
N CYS F 233 -5.17 -9.99 -15.85
CA CYS F 233 -5.43 -9.44 -17.17
C CYS F 233 -6.86 -8.98 -17.35
N ARG F 234 -7.80 -9.83 -16.96
CA ARG F 234 -9.22 -9.53 -17.12
C ARG F 234 -9.66 -8.38 -16.23
N THR F 235 -9.00 -8.24 -15.08
CA THR F 235 -9.26 -7.11 -14.18
C THR F 235 -8.92 -5.78 -14.86
N HIS F 236 -7.86 -5.79 -15.67
CA HIS F 236 -7.30 -4.55 -16.20
C HIS F 236 -7.37 -4.39 -17.72
N GLY F 237 -8.18 -5.22 -18.38
CA GLY F 237 -8.40 -5.09 -19.81
C GLY F 237 -7.25 -5.59 -20.67
N ILE F 238 -6.55 -6.61 -20.19
CA ILE F 238 -5.40 -7.17 -20.89
C ILE F 238 -5.75 -8.58 -21.39
N LEU F 239 -5.11 -9.00 -22.48
CA LEU F 239 -5.27 -10.36 -22.99
C LEU F 239 -4.27 -11.30 -22.32
N PRO F 240 -4.77 -12.33 -21.61
CA PRO F 240 -3.88 -13.35 -21.05
C PRO F 240 -3.57 -14.41 -22.11
N VAL F 241 -2.29 -14.76 -22.24
CA VAL F 241 -1.85 -15.66 -23.31
C VAL F 241 -0.95 -16.76 -22.74
N ASP F 242 -1.09 -17.98 -23.24
CA ASP F 242 -0.22 -19.08 -22.82
C ASP F 242 1.07 -19.06 -23.63
N GLY F 243 2.16 -19.47 -22.99
CA GLY F 243 3.48 -19.38 -23.61
C GLY F 243 3.88 -20.61 -24.40
N PRO F 244 5.19 -20.84 -24.52
CA PRO F 244 5.69 -21.93 -25.36
C PRO F 244 5.45 -23.31 -24.75
N PHE F 245 5.16 -24.27 -25.62
CA PHE F 245 5.13 -25.67 -25.25
C PHE F 245 6.30 -26.32 -25.97
N GLY F 246 7.24 -26.88 -25.20
CA GLY F 246 8.53 -27.30 -25.72
C GLY F 246 8.53 -28.47 -26.69
N ASP F 247 7.73 -29.49 -26.39
CA ASP F 247 7.76 -30.73 -27.17
C ASP F 247 6.93 -30.60 -28.44
N PHE F 248 7.54 -30.07 -29.50
CA PHE F 248 6.82 -29.89 -30.76
C PHE F 248 6.62 -31.20 -31.51
N SER F 249 7.10 -32.31 -30.94
CA SER F 249 6.85 -33.63 -31.48
C SER F 249 5.60 -34.25 -30.87
N ASP F 250 4.97 -33.53 -29.94
CA ASP F 250 3.85 -34.07 -29.18
C ASP F 250 2.57 -33.25 -29.39
N ASP F 251 1.85 -33.55 -30.46
CA ASP F 251 0.61 -32.86 -30.81
C ASP F 251 -0.46 -32.97 -29.72
N GLU F 252 -0.63 -34.17 -29.17
CA GLU F 252 -1.65 -34.39 -28.17
C GLU F 252 -1.32 -33.69 -26.86
N GLY F 253 -0.03 -33.66 -26.51
CA GLY F 253 0.43 -32.93 -25.34
C GLY F 253 0.18 -31.45 -25.47
N PHE F 254 0.39 -30.92 -26.67
CA PHE F 254 0.13 -29.52 -26.94
C PHE F 254 -1.35 -29.22 -26.79
N ARG F 255 -2.18 -30.11 -27.35
CA ARG F 255 -3.63 -29.97 -27.25
C ARG F 255 -4.09 -29.88 -25.80
N ALA F 256 -3.58 -30.77 -24.97
CA ALA F 256 -3.93 -30.79 -23.55
C ALA F 256 -3.55 -29.47 -22.88
N GLN F 257 -2.32 -29.02 -23.11
CA GLN F 257 -1.84 -27.75 -22.54
C GLN F 257 -2.68 -26.57 -23.02
N ALA F 258 -2.93 -26.52 -24.33
CA ALA F 258 -3.74 -25.46 -24.91
C ALA F 258 -5.17 -25.49 -24.37
N ARG F 259 -5.72 -26.69 -24.23
CA ARG F 259 -7.09 -26.84 -23.72
C ARG F 259 -7.21 -26.36 -22.27
N ARG F 260 -6.20 -26.64 -21.46
CA ARG F 260 -6.17 -26.17 -20.08
C ARG F 260 -6.17 -24.65 -20.04
N SER F 261 -5.30 -24.04 -20.85
CA SER F 261 -5.19 -22.60 -20.89
C SER F 261 -6.49 -21.96 -21.35
N ALA F 262 -7.08 -22.53 -22.41
CA ALA F 262 -8.34 -22.01 -22.95
C ALA F 262 -9.45 -22.10 -21.91
N THR F 263 -9.46 -23.20 -21.16
CA THR F 263 -10.47 -23.41 -20.12
C THR F 263 -10.34 -22.36 -19.02
N LEU F 264 -9.11 -22.02 -18.66
CA LEU F 264 -8.87 -21.06 -17.58
C LEU F 264 -9.12 -19.62 -18.02
N GLY F 265 -9.09 -19.37 -19.33
CA GLY F 265 -9.41 -18.05 -19.84
C GLY F 265 -8.33 -17.38 -20.69
N MET F 266 -7.24 -18.08 -20.94
CA MET F 266 -6.23 -17.56 -21.86
C MET F 266 -6.75 -17.63 -23.29
N VAL F 267 -6.42 -16.64 -24.09
CA VAL F 267 -7.07 -16.47 -25.39
C VAL F 267 -6.27 -17.02 -26.55
N GLY F 268 -5.04 -17.45 -26.27
CA GLY F 268 -4.17 -17.97 -27.30
C GLY F 268 -2.91 -18.59 -26.74
N LYS F 269 -2.01 -19.01 -27.61
CA LYS F 269 -0.78 -19.67 -27.19
C LYS F 269 0.34 -19.46 -28.20
N TRP F 270 1.57 -19.42 -27.71
CA TRP F 270 2.74 -19.31 -28.58
C TRP F 270 2.87 -20.53 -29.47
N ALA F 271 3.38 -20.33 -30.68
CA ALA F 271 3.92 -21.42 -31.47
C ALA F 271 5.42 -21.18 -31.60
N ILE F 272 6.21 -22.18 -31.27
CA ILE F 272 7.66 -22.10 -31.43
C ILE F 272 8.12 -23.04 -32.53
N HIS F 273 7.15 -23.67 -33.19
CA HIS F 273 7.40 -24.52 -34.34
C HIS F 273 6.17 -24.41 -35.25
N PRO F 274 6.37 -24.41 -36.57
CA PRO F 274 5.29 -24.25 -37.55
C PRO F 274 4.10 -25.16 -37.31
N LYS F 275 4.34 -26.39 -36.85
CA LYS F 275 3.26 -27.35 -36.61
C LYS F 275 2.30 -26.90 -35.52
N GLN F 276 2.77 -26.07 -34.60
CA GLN F 276 1.96 -25.66 -33.47
C GLN F 276 0.93 -24.58 -33.81
N VAL F 277 1.11 -23.94 -34.97
CA VAL F 277 0.19 -22.88 -35.39
C VAL F 277 -1.23 -23.42 -35.60
N ALA F 278 -1.35 -24.50 -36.37
CA ALA F 278 -2.64 -25.11 -36.64
C ALA F 278 -3.28 -25.63 -35.36
N LEU F 279 -2.47 -26.19 -34.47
CA LEU F 279 -2.97 -26.72 -33.22
C LEU F 279 -3.54 -25.61 -32.34
N ALA F 280 -2.80 -24.51 -32.23
CA ALA F 280 -3.24 -23.36 -31.45
C ALA F 280 -4.54 -22.80 -32.01
N ASN F 281 -4.60 -22.65 -33.33
CA ASN F 281 -5.81 -22.15 -33.98
C ASN F 281 -7.00 -23.08 -33.77
N GLU F 282 -6.73 -24.39 -33.76
CA GLU F 282 -7.77 -25.38 -33.52
C GLU F 282 -8.40 -25.23 -32.14
N VAL F 283 -7.55 -25.20 -31.12
CA VAL F 283 -8.01 -25.15 -29.73
C VAL F 283 -8.62 -23.79 -29.36
N PHE F 284 -8.02 -22.72 -29.86
CA PHE F 284 -8.44 -21.38 -29.47
C PHE F 284 -9.50 -20.76 -30.37
N THR F 285 -10.00 -21.54 -31.32
CA THR F 285 -11.21 -21.19 -32.03
C THR F 285 -12.29 -22.14 -31.53
N PRO F 286 -13.32 -21.59 -30.87
CA PRO F 286 -14.40 -22.41 -30.33
C PRO F 286 -15.03 -23.32 -31.38
N SER F 287 -15.24 -24.57 -31.02
CA SER F 287 -15.79 -25.55 -31.96
C SER F 287 -17.23 -25.22 -32.32
N GLU F 288 -17.67 -25.70 -33.48
CA GLU F 288 -19.04 -25.46 -33.95
C GLU F 288 -20.07 -25.98 -32.96
N THR F 289 -19.74 -27.09 -32.29
CA THR F 289 -20.59 -27.64 -31.24
C THR F 289 -20.73 -26.66 -30.07
N ALA F 290 -19.60 -26.12 -29.63
CA ALA F 290 -19.57 -25.17 -28.52
C ALA F 290 -20.37 -23.92 -28.84
N VAL F 291 -20.22 -23.42 -30.06
CA VAL F 291 -20.92 -22.22 -30.50
C VAL F 291 -22.42 -22.48 -30.59
N THR F 292 -22.77 -23.68 -31.05
CA THR F 292 -24.19 -24.07 -31.16
C THR F 292 -24.87 -24.08 -29.79
N GLU F 293 -24.23 -24.69 -28.81
CA GLU F 293 -24.76 -24.74 -27.46
C GLU F 293 -24.93 -23.34 -26.90
N ALA F 294 -23.94 -22.48 -27.15
CA ALA F 294 -23.97 -21.10 -26.69
C ALA F 294 -25.17 -20.35 -27.27
N ARG F 295 -25.38 -20.47 -28.57
CA ARG F 295 -26.49 -19.80 -29.22
C ARG F 295 -27.83 -20.35 -28.75
N GLU F 296 -27.87 -21.64 -28.44
CA GLU F 296 -29.08 -22.26 -27.92
C GLU F 296 -29.42 -21.72 -26.53
N ILE F 297 -28.39 -21.52 -25.72
CA ILE F 297 -28.55 -20.97 -24.38
C ILE F 297 -29.05 -19.53 -24.44
N LEU F 298 -28.50 -18.75 -25.36
CA LEU F 298 -28.93 -17.38 -25.57
C LEU F 298 -30.39 -17.34 -26.01
N ALA F 299 -30.76 -18.22 -26.93
CA ALA F 299 -32.13 -18.32 -27.40
C ALA F 299 -33.07 -18.73 -26.28
N ALA F 300 -32.65 -19.71 -25.48
CA ALA F 300 -33.44 -20.19 -24.36
C ALA F 300 -33.67 -19.07 -23.33
N MET F 301 -32.65 -18.27 -23.09
CA MET F 301 -32.74 -17.19 -22.12
C MET F 301 -33.59 -16.02 -22.62
N ASP F 302 -33.58 -15.79 -23.92
CA ASP F 302 -34.45 -14.79 -24.53
C ASP F 302 -35.92 -15.21 -24.37
N ALA F 303 -36.17 -16.49 -24.59
CA ALA F 303 -37.51 -17.04 -24.46
C ALA F 303 -38.00 -16.95 -23.02
N ALA F 304 -37.10 -17.22 -22.08
CA ALA F 304 -37.42 -17.14 -20.66
C ALA F 304 -37.77 -15.71 -20.26
N LYS F 305 -37.01 -14.76 -20.79
CA LYS F 305 -37.26 -13.34 -20.50
C LYS F 305 -38.64 -12.91 -20.98
N ALA F 306 -39.07 -13.44 -22.12
CA ALA F 306 -40.39 -13.12 -22.67
C ALA F 306 -41.50 -13.71 -21.79
N ARG F 307 -41.19 -14.80 -21.10
CA ARG F 307 -42.14 -15.42 -20.19
C ARG F 307 -42.09 -14.78 -18.81
N GLY F 308 -41.24 -13.77 -18.66
CA GLY F 308 -41.06 -13.12 -17.38
C GLY F 308 -40.22 -13.97 -16.43
N GLU F 309 -39.16 -14.57 -16.96
CA GLU F 309 -38.27 -15.41 -16.17
C GLU F 309 -36.82 -15.01 -16.39
N GLY F 310 -36.03 -15.09 -15.33
CA GLY F 310 -34.61 -14.79 -15.40
C GLY F 310 -33.78 -16.05 -15.32
N ALA F 311 -34.45 -17.17 -15.03
CA ALA F 311 -33.80 -18.48 -14.98
C ALA F 311 -34.71 -19.52 -15.62
N THR F 312 -34.10 -20.55 -16.21
CA THR F 312 -34.85 -21.66 -16.78
C THR F 312 -33.98 -22.91 -16.86
N VAL F 313 -34.51 -23.97 -17.48
CA VAL F 313 -33.79 -25.23 -17.58
C VAL F 313 -33.33 -25.51 -19.01
N TYR F 314 -32.06 -25.85 -19.16
CA TYR F 314 -31.50 -26.21 -20.46
C TYR F 314 -30.72 -27.51 -20.35
N LYS F 315 -31.22 -28.56 -21.02
CA LYS F 315 -30.61 -29.89 -20.96
C LYS F 315 -30.40 -30.37 -19.54
N GLY F 316 -31.44 -30.22 -18.71
CA GLY F 316 -31.39 -30.72 -17.35
C GLY F 316 -30.58 -29.90 -16.37
N ARG F 317 -30.13 -28.72 -16.79
CA ARG F 317 -29.38 -27.85 -15.87
C ARG F 317 -29.89 -26.42 -15.85
N LEU F 318 -29.45 -25.67 -14.84
CA LEU F 318 -29.84 -24.28 -14.68
C LEU F 318 -29.11 -23.37 -15.66
N VAL F 319 -29.84 -22.47 -16.29
CA VAL F 319 -29.24 -21.33 -16.97
C VAL F 319 -29.94 -20.05 -16.49
N ASP F 320 -29.16 -18.99 -16.31
CA ASP F 320 -29.72 -17.70 -15.90
C ASP F 320 -29.02 -16.54 -16.60
N ILE F 321 -29.18 -15.35 -16.06
CA ILE F 321 -28.60 -14.14 -16.65
C ILE F 321 -27.08 -14.25 -16.80
N ALA F 322 -26.44 -14.97 -15.88
CA ALA F 322 -25.00 -15.19 -15.96
C ALA F 322 -24.64 -16.05 -17.16
N SER F 323 -25.50 -17.01 -17.48
CA SER F 323 -25.30 -17.91 -18.61
C SER F 323 -25.23 -17.13 -19.92
N ILE F 324 -25.91 -16.00 -19.98
CA ILE F 324 -25.86 -15.14 -21.15
C ILE F 324 -24.45 -14.63 -21.37
N LYS F 325 -23.82 -14.15 -20.30
CA LYS F 325 -22.46 -13.64 -20.37
C LYS F 325 -21.46 -14.75 -20.73
N GLN F 326 -21.70 -15.95 -20.20
CA GLN F 326 -20.85 -17.09 -20.51
C GLN F 326 -20.97 -17.50 -21.98
N ALA F 327 -22.20 -17.53 -22.49
CA ALA F 327 -22.43 -17.88 -23.88
C ALA F 327 -21.79 -16.85 -24.81
N GLU F 328 -21.82 -15.60 -24.39
CA GLU F 328 -21.24 -14.52 -25.18
C GLU F 328 -19.72 -14.59 -25.23
N VAL F 329 -19.10 -15.15 -24.19
CA VAL F 329 -17.65 -15.38 -24.20
C VAL F 329 -17.30 -16.33 -25.35
N ILE F 330 -18.07 -17.41 -25.47
CA ILE F 330 -17.89 -18.39 -26.53
C ILE F 330 -18.06 -17.76 -27.91
N VAL F 331 -19.19 -17.09 -28.10
CA VAL F 331 -19.53 -16.47 -29.39
C VAL F 331 -18.52 -15.39 -29.79
N ARG F 332 -18.11 -14.59 -28.82
CA ARG F 332 -17.14 -13.51 -29.06
C ARG F 332 -15.85 -14.05 -29.67
N GLN F 333 -15.33 -15.14 -29.11
CA GLN F 333 -14.08 -15.72 -29.59
C GLN F 333 -14.24 -16.35 -30.97
N ALA F 334 -15.43 -16.87 -31.25
CA ALA F 334 -15.70 -17.50 -32.54
C ALA F 334 -15.90 -16.46 -33.64
N GLU F 335 -16.41 -15.29 -33.29
CA GLU F 335 -16.78 -14.28 -34.28
C GLU F 335 -15.65 -13.33 -34.66
N MET F 336 -14.50 -13.44 -34.00
CA MET F 336 -13.38 -12.56 -34.30
C MET F 336 -12.40 -13.18 -35.30
N1A COA G . -26.63 35.17 0.69
C2A COA G . -27.24 36.18 0.14
N3A COA G . -27.81 37.15 0.81
C4A COA G . -27.72 37.14 2.13
C5A COA G . -27.06 36.11 2.77
C6A COA G . -26.50 35.10 2.00
N6A COA G . -25.85 34.05 2.52
N7A COA G . -27.12 36.36 4.07
C8A COA G . -27.80 37.46 4.25
N9A COA G . -28.15 37.95 3.07
C1B COA G . -28.88 39.19 2.82
C2B COA G . -29.81 39.55 3.96
O2B COA G . -31.08 39.02 3.80
C3B COA G . -29.78 41.07 3.93
O3B COA G . -30.53 41.54 2.84
P3B COA G . -31.24 42.96 2.79
O7A COA G . -31.81 43.28 4.20
O8A COA G . -32.35 43.04 1.71
O9A COA G . -30.25 43.94 2.43
C4B COA G . -28.37 41.37 3.53
O4B COA G . -27.93 40.25 2.78
C5B COA G . -27.47 41.65 4.70
O5B COA G . -27.52 40.61 5.60
P1A COA G . -27.21 40.73 7.12
O1A COA G . -28.22 41.37 7.90
O2A COA G . -25.86 41.40 7.40
O3A COA G . -27.16 39.20 7.51
P2A COA G . -28.06 38.38 8.48
O4A COA G . -27.99 38.72 9.87
O5A COA G . -29.54 38.41 8.02
O6A COA G . -27.39 36.95 8.40
CBP COA G . -25.51 35.38 8.33
CCP COA G . -26.03 36.78 8.68
CDP COA G . -26.16 34.41 9.29
CEP COA G . -23.98 35.37 8.38
CAP COA G . -26.02 34.97 6.95
OAP COA G . -25.33 35.70 5.99
C9P COA G . -25.95 33.48 6.71
O9P COA G . -26.88 32.76 6.91
N8P COA G . -24.79 33.05 6.34
C7P COA G . -24.57 31.97 5.45
C6P COA G . -24.49 30.76 6.34
C5P COA G . -24.16 29.49 5.59
O5P COA G . -24.81 29.09 4.65
N4P COA G . -23.07 28.94 6.07
C3P COA G . -22.46 27.86 5.35
C2P COA G . -21.59 27.06 6.23
S1P COA G . -20.16 27.95 6.77
C1 OXL H . -16.37 24.40 8.32
C2 OXL H . -17.58 24.56 7.47
O1 OXL H . -16.31 23.43 9.11
O2 OXL H . -18.00 23.58 6.81
O3 OXL H . -15.42 25.22 8.24
O4 OXL H . -18.19 25.66 7.44
MG MG I . -17.81 21.92 8.29
N1A COA J . 28.44 30.55 -13.57
C2A COA J . 29.67 31.07 -13.61
N3A COA J . 29.87 32.33 -14.04
C4A COA J . 28.82 33.08 -14.46
C5A COA J . 27.54 32.55 -14.43
C6A COA J . 27.36 31.25 -13.97
N6A COA J . 26.12 30.71 -13.92
N7A COA J . 26.70 33.51 -14.88
C8A COA J . 27.43 34.59 -15.18
N9A COA J . 28.72 34.33 -14.93
C1B COA J . 29.87 35.25 -15.11
C2B COA J . 29.74 36.08 -16.37
O2B COA J . 30.39 35.47 -17.48
C3B COA J . 30.46 37.35 -15.99
O3B COA J . 31.84 37.14 -16.22
P3B COA J . 32.89 38.36 -16.28
O7A COA J . 32.36 39.44 -17.35
O8A COA J . 34.33 37.80 -16.73
O9A COA J . 33.01 39.01 -14.95
C4B COA J . 30.20 37.49 -14.50
O4B COA J . 29.93 36.17 -14.02
C5B COA J . 29.03 38.41 -14.21
O5B COA J . 27.82 37.86 -14.73
P1A COA J . 26.54 38.78 -15.07
O1A COA J . 26.82 39.72 -16.17
O2A COA J . 26.04 39.56 -13.75
O3A COA J . 25.43 37.69 -15.51
P2A COA J . 24.83 37.65 -17.00
O4A COA J . 24.08 38.90 -17.31
O5A COA J . 25.98 37.37 -18.10
O6A COA J . 23.82 36.40 -16.92
CBP COA J . 22.25 34.94 -15.84
CCP COA J . 22.90 36.32 -15.83
CDP COA J . 21.47 34.78 -17.14
CEP COA J . 21.29 34.83 -14.64
CAP COA J . 23.35 33.90 -15.73
OAP COA J . 24.05 34.09 -14.50
C9P COA J . 22.83 32.48 -15.76
O9P COA J . 22.60 31.92 -16.82
N8P COA J . 22.64 31.89 -14.58
C7P COA J . 22.44 30.45 -14.50
C6P COA J . 21.00 30.07 -14.79
C5P COA J . 20.85 28.58 -14.72
O5P COA J . 21.76 27.84 -15.06
N4P COA J . 19.68 28.13 -14.27
C3P COA J . 19.42 26.72 -14.11
C2P COA J . 18.95 26.41 -12.69
S1P COA J . 17.63 27.59 -12.27
C1 OXL K . 14.33 24.97 -11.16
C2 OXL K . 13.06 25.38 -10.51
O1 OXL K . 14.57 23.75 -11.38
O2 OXL K . 11.97 25.17 -11.11
O3 OXL K . 15.17 25.84 -11.50
O4 OXL K . 13.06 25.94 -9.38
MG MG L . 12.62 23.54 -12.49
N1A COA M . 11.71 16.53 39.05
C2A COA M . 11.50 16.92 40.29
N3A COA M . 12.38 17.66 40.94
C4A COA M . 13.45 18.08 40.34
C5A COA M . 13.69 17.73 39.04
C6A COA M . 12.77 16.93 38.38
N6A COA M . 12.90 16.53 37.12
N7A COA M . 14.84 18.28 38.72
C8A COA M . 15.28 18.95 39.78
N9A COA M . 14.43 18.81 40.76
C1B COA M . 14.50 19.38 42.12
C2B COA M . 15.86 19.39 42.78
O2B COA M . 16.01 18.25 43.60
C3B COA M . 15.84 20.68 43.59
O3B COA M . 15.20 20.41 44.81
P3B COA M . 15.37 21.12 46.24
O7A COA M . 16.79 20.66 46.63
O8A COA M . 14.16 20.61 47.06
O9A COA M . 15.38 22.53 46.12
C4B COA M . 14.91 21.56 42.81
O4B COA M . 14.05 20.71 42.08
C5B COA M . 15.60 22.49 41.88
O5B COA M . 16.52 21.81 41.08
P1A COA M . 17.64 22.54 40.28
O1A COA M . 18.70 22.83 41.12
O2A COA M . 17.13 23.80 39.56
O3A COA M . 18.03 21.43 39.25
P2A COA M . 19.34 20.58 39.12
O4A COA M . 20.42 21.47 38.85
O5A COA M . 19.52 19.63 40.32
O6A COA M . 19.02 19.67 37.87
CBP COA M . 18.28 19.07 35.66
CCP COA M . 18.58 20.22 36.64
CDP COA M . 19.49 18.19 35.50
CEP COA M . 17.88 19.63 34.32
CAP COA M . 17.14 18.24 36.23
OAP COA M . 16.03 19.09 36.29
C9P COA M . 16.79 17.03 35.41
O9P COA M . 17.45 16.06 35.45
N8P COA M . 15.75 17.12 34.62
C7P COA M . 14.98 16.11 34.01
C6P COA M . 15.77 15.56 32.88
C5P COA M . 15.04 14.41 32.23
O5P COA M . 14.58 13.49 32.88
N4P COA M . 15.01 14.56 30.93
C3P COA M . 14.80 13.46 30.03
C2P COA M . 13.76 13.80 29.01
S1P COA M . 14.31 15.25 28.10
C1 OXL N . 13.89 13.93 24.07
C2 OXL N . 14.11 14.62 22.77
O1 OXL N . 13.41 12.76 24.07
O2 OXL N . 14.90 14.12 21.92
O3 OXL N . 14.19 14.50 25.15
O4 OXL N . 13.52 15.71 22.52
MG MG O . 14.78 11.89 22.50
N1A COA P . -36.89 -23.65 -4.07
C2A COA P . -37.90 -24.40 -3.61
N3A COA P . -38.67 -25.13 -4.40
C4A COA P . -38.42 -25.13 -5.68
C5A COA P . -37.36 -24.38 -6.20
C6A COA P . -36.61 -23.61 -5.33
N6A COA P . -35.64 -22.88 -5.80
N7A COA P . -37.32 -24.57 -7.48
C8A COA P . -38.33 -25.36 -7.75
N9A COA P . -38.97 -25.72 -6.67
C1B COA P . -40.11 -26.63 -6.51
C2B COA P . -41.10 -26.57 -7.67
O2B COA P . -42.07 -25.58 -7.50
C3B COA P . -41.66 -27.97 -7.67
O3B COA P . -42.59 -28.21 -6.65
P3B COA P . -43.91 -29.11 -6.76
O7A COA P . -44.50 -28.82 -8.16
O8A COA P . -44.85 -28.67 -5.61
O9A COA P . -43.55 -30.44 -6.48
C4B COA P . -40.43 -28.77 -7.27
O4B COA P . -39.69 -27.95 -6.41
C5B COA P . -39.58 -29.26 -8.43
O5B COA P . -39.22 -28.22 -9.26
P1A COA P . -38.92 -28.43 -10.76
O1A COA P . -40.05 -28.55 -11.57
O2A COA P . -37.90 -29.58 -10.88
O3A COA P . -38.24 -27.10 -11.14
P2A COA P . -38.80 -26.06 -12.13
O4A COA P . -38.85 -26.50 -13.46
O5A COA P . -40.13 -25.55 -11.61
O6A COA P . -37.71 -24.94 -12.07
CBP COA P . -35.48 -23.97 -11.95
CCP COA P . -36.32 -25.20 -12.30
CDP COA P . -35.83 -22.89 -12.92
CEP COA P . -34.03 -24.35 -12.14
CAP COA P . -35.75 -23.46 -10.54
OAP COA P . -35.43 -24.45 -9.63
C9P COA P . -35.08 -22.15 -10.06
O9P COA P . -35.50 -21.08 -10.36
N8P COA P . -34.04 -22.28 -9.27
C7P COA P . -33.49 -21.28 -8.40
C6P COA P . -32.85 -20.20 -9.26
C5P COA P . -32.14 -19.16 -8.44
O5P COA P . -32.64 -18.62 -7.53
N4P COA P . -30.94 -18.95 -8.88
C3P COA P . -30.19 -17.80 -8.49
C2P COA P . -28.87 -18.22 -7.92
S1P COA P . -27.89 -19.04 -9.16
C1 OXL Q . -22.97 -17.11 -10.35
C2 OXL Q . -24.18 -16.77 -9.56
O1 OXL Q . -22.40 -18.23 -10.23
O2 OXL Q . -25.18 -17.54 -9.55
O3 OXL Q . -22.52 -16.27 -11.17
O4 OXL Q . -24.20 -15.69 -8.92
MG MG R . -23.53 -14.42 -10.44
N1A COA S . 14.31 -38.49 15.70
C2A COA S . 15.22 -39.44 15.89
N3A COA S . 14.93 -40.65 16.32
C4A COA S . 13.65 -40.96 16.51
C5A COA S . 12.68 -40.02 16.29
C6A COA S . 13.04 -38.75 15.89
N6A COA S . 12.13 -37.81 15.67
N7A COA S . 11.54 -40.60 16.56
C8A COA S . 11.78 -41.85 16.92
N9A COA S . 13.04 -42.07 16.90
C1B COA S . 13.74 -43.32 17.19
C2B COA S . 13.17 -44.12 18.37
O2B COA S . 13.84 -43.71 19.52
C3B COA S . 13.45 -45.55 17.99
O3B COA S . 14.77 -45.74 18.30
P3B COA S . 15.62 -47.05 18.61
O7A COA S . 14.96 -47.58 19.85
O8A COA S . 17.08 -46.56 18.78
O9A COA S . 15.52 -47.95 17.55
C4B COA S . 13.32 -45.49 16.49
O4B COA S . 13.67 -44.18 16.10
C5B COA S . 11.92 -45.86 16.02
O5B COA S . 10.90 -45.13 16.68
P1A COA S . 9.44 -45.59 16.66
O1A COA S . 9.23 -46.54 17.64
O2A COA S . 8.92 -46.04 15.27
O3A COA S . 8.69 -44.28 17.08
P2A COA S . 8.06 -43.87 18.45
O4A COA S . 6.88 -44.57 18.63
O5A COA S . 9.09 -43.90 19.58
O6A COA S . 7.70 -42.33 18.23
CBP COA S . 6.72 -40.38 17.18
CCP COA S . 6.85 -41.90 17.19
CDP COA S . 6.01 -39.95 18.45
CEP COA S . 5.91 -39.98 15.99
CAP COA S . 8.13 -39.79 17.10
OAP COA S . 8.73 -40.18 15.91
C9P COA S . 8.22 -38.29 17.18
O9P COA S . 8.17 -37.75 18.24
N8P COA S . 8.40 -37.66 16.06
C7P COA S . 8.82 -36.30 15.87
C6P COA S . 7.65 -35.38 16.07
C5P COA S . 7.95 -33.88 16.10
O5P COA S . 8.97 -33.44 16.51
N4P COA S . 6.96 -33.19 15.62
C3P COA S . 6.91 -31.74 15.64
C2P COA S . 6.89 -31.15 14.25
S1P COA S . 5.53 -31.82 13.28
C1 OXL T . 3.44 -28.29 12.04
C2 OXL T . 2.19 -28.17 11.25
O1 OXL T . 3.92 -29.43 12.28
O2 OXL T . 2.11 -28.68 10.11
O3 OXL T . 4.01 -27.25 12.46
O4 OXL T . 1.20 -27.56 11.75
MG MG U . 2.23 -26.26 13.14
N1A COA V . 8.93 -20.05 -38.01
C2A COA V . 8.69 -20.25 -39.28
N3A COA V . 9.22 -21.26 -39.96
C4A COA V . 9.99 -22.11 -39.32
C5A COA V . 10.23 -21.97 -37.97
C6A COA V . 9.69 -20.87 -37.31
N6A COA V . 9.93 -20.65 -36.00
N7A COA V . 11.00 -22.94 -37.60
C8A COA V . 11.22 -23.68 -38.68
N9A COA V . 10.59 -23.18 -39.70
C1B COA V . 10.56 -23.73 -41.06
C2B COA V . 11.89 -24.33 -41.41
O2B COA V . 12.78 -23.45 -42.07
C3B COA V . 11.47 -25.55 -42.26
O3B COA V . 11.18 -25.17 -43.60
P3B COA V . 11.04 -26.18 -44.85
O7A COA V . 11.28 -25.31 -46.11
O8A COA V . 9.55 -26.64 -44.85
O9A COA V . 12.02 -27.20 -44.66
C4B COA V . 10.17 -25.98 -41.64
O4B COA V . 9.63 -24.81 -41.04
C5B COA V . 10.30 -27.08 -40.61
O5B COA V . 11.26 -26.76 -39.65
P1A COA V . 12.12 -27.79 -38.81
O1A COA V . 13.18 -28.39 -39.51
O2A COA V . 11.36 -28.95 -38.08
O3A COA V . 12.75 -26.78 -37.77
P2A COA V . 14.29 -26.65 -37.55
O4A COA V . 14.87 -27.90 -37.10
O5A COA V . 15.06 -25.96 -38.67
O6A COA V . 14.30 -25.59 -36.33
CBP COA V . 13.50 -24.81 -34.18
CCP COA V . 13.64 -25.96 -35.15
CDP COA V . 14.87 -24.44 -33.64
CEP COA V . 12.62 -25.34 -33.10
CAP COA V . 12.79 -23.63 -34.85
OAP COA V . 11.46 -24.04 -35.17
C9P COA V . 12.80 -22.35 -34.02
O9P COA V . 13.78 -21.64 -34.00
N8P COA V . 11.74 -22.04 -33.32
C7P COA V . 11.43 -20.69 -32.96
C6P COA V . 12.22 -20.43 -31.70
C5P COA V . 11.99 -19.11 -31.04
O5P COA V . 11.91 -18.10 -31.66
N4P COA V . 11.90 -19.25 -29.72
C3P COA V . 11.79 -18.17 -28.80
C2P COA V . 10.54 -18.22 -27.99
S1P COA V . 10.55 -19.63 -26.91
C1 OXL W . 10.13 -18.95 -21.62
C2 OXL W . 10.25 -18.27 -22.94
O1 OXL W . 9.20 -19.78 -21.42
O2 OXL W . 10.33 -18.95 -24.00
O3 OXL W . 10.96 -18.69 -20.72
O4 OXL W . 10.27 -17.01 -22.98
MG MG X . 11.69 -16.74 -21.32
#